data_7YE3
#
_entry.id   7YE3
#
_cell.length_a   93.035
_cell.length_b   189.102
_cell.length_c   114.852
_cell.angle_alpha   90.000
_cell.angle_beta   107.120
_cell.angle_gamma   90.000
#
_symmetry.space_group_name_H-M   'C 1 2 1'
#
loop_
_entity.id
_entity.type
_entity.pdbx_description
1 polymer '4-deoxy-L-threo-5-hexosulose-uronate ketol-isomerase'
2 non-polymer 'ZINC ION'
3 non-polymer '2-(N-MORPHOLINO)-ETHANESULFONIC ACID'
4 water water
#
_entity_poly.entity_id   1
_entity_poly.type   'polypeptide(L)'
_entity_poly.pdbx_seq_one_letter_code
;MSFSMVTRYAHSPEDIQHYDTSKLRHEFLMEKIFNPGDILLTYTYNDRMIFGGVMPTDEPLEIKLSTELGVDFFLQRREL
GIINIGGAGAITIDGRKDAMSNQDGYYIGMGTQKVVFTSEDRDHPAKFYVVSTPAHKTYPNKKLPFATALAKPMGDQQHL
NKRTIYKYIDASQMDTCQLQMGYTVLEPGSSWNTMPAHTHARRMETYMYFNFADPETRVFHFLGKPDETRHITLFNEQAV
VNPSWSIHCGVGTTNYAFIWAMCGENQTYDDMDQVAMNELRLEHHHHHH
;
_entity_poly.pdbx_strand_id   A,B,C,D,E,F
#
loop_
_chem_comp.id
_chem_comp.type
_chem_comp.name
_chem_comp.formula
MES non-polymer '2-(N-MORPHOLINO)-ETHANESULFONIC ACID' 'C6 H13 N O4 S'
ZN non-polymer 'ZINC ION' 'Zn 2'
#
# COMPACT_ATOMS: atom_id res chain seq x y z
N SER A 2 -23.65 -31.25 -1.75
CA SER A 2 -22.85 -31.71 -2.88
C SER A 2 -23.09 -30.86 -4.12
N PHE A 3 -23.75 -29.72 -3.95
CA PHE A 3 -23.85 -28.69 -4.98
C PHE A 3 -23.26 -27.39 -4.44
N SER A 4 -22.41 -26.75 -5.23
CA SER A 4 -21.78 -25.51 -4.83
C SER A 4 -21.72 -24.58 -6.03
N MET A 5 -22.08 -23.32 -5.82
CA MET A 5 -21.88 -22.27 -6.80
C MET A 5 -21.27 -21.06 -6.12
N VAL A 6 -20.10 -20.66 -6.58
CA VAL A 6 -19.35 -19.54 -6.00
C VAL A 6 -19.47 -18.35 -6.95
N THR A 7 -19.41 -17.16 -6.36
CA THR A 7 -19.51 -15.89 -7.06
C THR A 7 -18.14 -15.25 -7.20
N ARG A 8 -17.87 -14.66 -8.36
CA ARG A 8 -16.61 -13.98 -8.64
C ARG A 8 -16.91 -12.64 -9.29
N TYR A 9 -16.33 -11.58 -8.75
CA TYR A 9 -16.56 -10.24 -9.28
C TYR A 9 -15.63 -9.93 -10.46
N ALA A 10 -16.08 -9.01 -11.30
CA ALA A 10 -15.22 -8.46 -12.35
C ALA A 10 -14.24 -7.47 -11.74
N HIS A 11 -13.22 -7.12 -12.53
CA HIS A 11 -12.14 -6.25 -12.10
C HIS A 11 -11.65 -5.40 -13.25
N SER A 12 -10.99 -4.35 -12.93
CA SER A 12 -10.24 -3.58 -13.90
C SER A 12 -8.83 -4.15 -14.05
N PRO A 13 -8.14 -3.80 -15.15
CA PRO A 13 -6.70 -4.07 -15.20
C PRO A 13 -5.96 -3.48 -14.01
N GLU A 14 -6.25 -2.23 -13.66
CA GLU A 14 -5.61 -1.62 -12.51
C GLU A 14 -5.80 -2.45 -11.24
N ASP A 15 -7.01 -2.97 -11.01
CA ASP A 15 -7.30 -3.63 -9.74
C ASP A 15 -6.39 -4.82 -9.49
N ILE A 16 -6.05 -5.58 -10.53
CA ILE A 16 -5.29 -6.82 -10.33
C ILE A 16 -3.79 -6.64 -10.40
N GLN A 17 -3.31 -5.43 -10.74
CA GLN A 17 -1.90 -5.24 -11.06
C GLN A 17 -0.98 -5.75 -9.95
N HIS A 18 -1.38 -5.56 -8.70
CA HIS A 18 -0.56 -5.96 -7.56
C HIS A 18 -1.01 -7.25 -6.87
N TYR A 19 -2.01 -7.97 -7.42
CA TYR A 19 -2.35 -9.31 -6.95
C TYR A 19 -1.11 -10.22 -6.95
N ASP A 20 -0.93 -10.98 -5.86
CA ASP A 20 0.07 -12.03 -5.85
C ASP A 20 -0.51 -13.29 -6.50
N THR A 21 0.30 -14.36 -6.60
CA THR A 21 -0.19 -15.55 -7.29
C THR A 21 -1.38 -16.15 -6.56
N SER A 22 -1.36 -16.14 -5.22
CA SER A 22 -2.49 -16.70 -4.50
C SER A 22 -3.75 -15.87 -4.69
N LYS A 23 -3.61 -14.55 -4.86
CA LYS A 23 -4.80 -13.74 -5.10
C LYS A 23 -5.31 -13.87 -6.53
N LEU A 24 -4.41 -13.87 -7.53
CA LEU A 24 -4.80 -14.18 -8.90
C LEU A 24 -5.53 -15.52 -8.98
N ARG A 25 -4.99 -16.55 -8.33
CA ARG A 25 -5.61 -17.86 -8.38
C ARG A 25 -7.01 -17.84 -7.80
N HIS A 26 -7.21 -17.19 -6.65
CA HIS A 26 -8.54 -17.20 -6.06
C HIS A 26 -9.52 -16.47 -6.96
N GLU A 27 -9.06 -15.40 -7.60
CA GLU A 27 -9.94 -14.51 -8.33
C GLU A 27 -10.31 -15.08 -9.72
N PHE A 28 -9.34 -15.57 -10.49
CA PHE A 28 -9.63 -16.01 -11.85
C PHE A 28 -9.73 -17.52 -12.08
N LEU A 29 -9.44 -18.38 -11.09
CA LEU A 29 -9.21 -19.79 -11.37
C LEU A 29 -10.23 -20.64 -10.62
N MET A 30 -10.91 -21.53 -11.35
CA MET A 30 -11.76 -22.53 -10.71
C MET A 30 -10.91 -23.80 -10.56
N GLU A 31 -10.53 -24.10 -9.32
CA GLU A 31 -9.57 -25.15 -9.05
C GLU A 31 -10.22 -26.51 -9.01
N LYS A 32 -11.53 -26.57 -8.78
CA LYS A 32 -12.23 -27.85 -8.76
C LYS A 32 -13.49 -27.74 -9.59
N ILE A 33 -13.62 -28.58 -10.60
CA ILE A 33 -14.74 -28.52 -11.54
C ILE A 33 -15.49 -29.84 -11.50
N PHE A 34 -14.79 -30.91 -11.78
CA PHE A 34 -15.39 -32.24 -11.85
C PHE A 34 -15.08 -33.04 -10.59
N ASN A 35 -16.12 -33.29 -9.79
CA ASN A 35 -16.01 -34.15 -8.63
C ASN A 35 -17.18 -35.14 -8.60
N PRO A 36 -16.92 -36.40 -8.25
CA PRO A 36 -17.97 -37.42 -8.37
C PRO A 36 -19.17 -37.15 -7.47
N GLY A 37 -20.36 -37.16 -8.09
CA GLY A 37 -21.61 -36.95 -7.41
C GLY A 37 -22.01 -35.50 -7.26
N ASP A 38 -21.15 -34.57 -7.64
CA ASP A 38 -21.30 -33.17 -7.28
C ASP A 38 -21.51 -32.27 -8.49
N ILE A 39 -22.18 -31.15 -8.25
CA ILE A 39 -22.24 -30.03 -9.19
C ILE A 39 -21.36 -28.93 -8.61
N LEU A 40 -20.39 -28.48 -9.39
CA LEU A 40 -19.52 -27.37 -9.01
C LEU A 40 -19.65 -26.28 -10.06
N LEU A 41 -19.94 -25.06 -9.62
CA LEU A 41 -20.23 -23.97 -10.54
C LEU A 41 -19.60 -22.69 -10.02
N THR A 42 -19.27 -21.80 -10.96
CA THR A 42 -18.82 -20.44 -10.72
C THR A 42 -19.76 -19.47 -11.42
N TYR A 43 -20.10 -18.38 -10.75
CA TYR A 43 -20.87 -17.30 -11.33
C TYR A 43 -19.92 -16.11 -11.44
N THR A 44 -19.55 -15.73 -12.65
CA THR A 44 -18.68 -14.59 -12.84
C THR A 44 -19.48 -13.38 -13.33
N TYR A 45 -19.16 -12.21 -12.80
CA TYR A 45 -19.78 -10.96 -13.24
C TYR A 45 -19.17 -10.45 -14.53
N ASN A 46 -18.31 -11.24 -15.17
CA ASN A 46 -18.00 -10.97 -16.57
C ASN A 46 -19.13 -11.61 -17.36
N ASP A 47 -20.06 -10.76 -17.79
CA ASP A 47 -21.26 -11.08 -18.58
C ASP A 47 -22.13 -12.16 -17.94
N ARG A 48 -21.98 -12.40 -16.64
CA ARG A 48 -22.87 -13.30 -15.86
C ARG A 48 -22.87 -14.72 -16.40
N MET A 49 -21.70 -15.20 -16.79
CA MET A 49 -21.55 -16.58 -17.19
C MET A 49 -21.56 -17.49 -15.96
N ILE A 50 -22.31 -18.59 -16.05
CA ILE A 50 -22.27 -19.67 -15.07
C ILE A 50 -21.61 -20.86 -15.73
N PHE A 51 -20.58 -21.42 -15.08
CA PHE A 51 -19.88 -22.54 -15.67
C PHE A 51 -19.40 -23.50 -14.59
N GLY A 52 -19.15 -24.73 -14.98
CA GLY A 52 -18.76 -25.76 -14.02
C GLY A 52 -18.86 -27.13 -14.64
N GLY A 53 -19.08 -28.12 -13.78
CA GLY A 53 -19.19 -29.48 -14.27
C GLY A 53 -20.18 -30.28 -13.46
N VAL A 54 -20.74 -31.30 -14.11
CA VAL A 54 -21.73 -32.19 -13.53
C VAL A 54 -21.27 -33.62 -13.72
N MET A 55 -21.00 -34.31 -12.62
CA MET A 55 -20.51 -35.70 -12.63
C MET A 55 -21.46 -36.56 -11.82
N PRO A 56 -22.57 -37.01 -12.43
CA PRO A 56 -23.52 -37.84 -11.66
C PRO A 56 -22.99 -39.25 -11.48
N THR A 57 -23.29 -39.83 -10.31
CA THR A 57 -22.98 -41.23 -10.08
C THR A 57 -24.20 -42.03 -9.62
N ASP A 58 -24.56 -41.89 -8.34
CA ASP A 58 -25.71 -42.60 -7.78
C ASP A 58 -27.00 -41.86 -8.07
N GLU A 59 -27.03 -40.58 -7.77
CA GLU A 59 -28.29 -39.95 -8.05
C GLU A 59 -28.18 -39.09 -9.31
N PRO A 60 -29.27 -38.93 -10.04
CA PRO A 60 -29.26 -38.02 -11.19
C PRO A 60 -29.13 -36.60 -10.70
N LEU A 61 -28.44 -35.78 -11.48
CA LEU A 61 -28.09 -34.44 -11.03
C LEU A 61 -28.76 -33.42 -11.94
N GLU A 62 -29.32 -32.39 -11.33
CA GLU A 62 -30.00 -31.31 -12.02
C GLU A 62 -29.58 -30.01 -11.35
N ILE A 63 -29.48 -28.95 -12.15
CA ILE A 63 -29.15 -27.64 -11.61
C ILE A 63 -30.47 -26.93 -11.34
N LYS A 64 -30.85 -26.82 -10.07
CA LYS A 64 -32.10 -26.17 -9.70
C LYS A 64 -31.76 -24.82 -9.11
N LEU A 65 -32.03 -23.79 -9.90
CA LEU A 65 -31.83 -22.40 -9.51
C LEU A 65 -33.07 -21.64 -9.89
N SER A 66 -33.76 -21.10 -8.88
CA SER A 66 -34.94 -20.30 -9.12
C SER A 66 -34.88 -18.98 -8.35
N THR A 67 -35.03 -19.07 -7.04
CA THR A 67 -34.95 -17.87 -6.23
C THR A 67 -33.55 -17.28 -6.25
N GLU A 68 -32.52 -18.15 -6.42
CA GLU A 68 -31.13 -17.72 -6.42
C GLU A 68 -30.81 -16.80 -7.60
N LEU A 69 -31.43 -17.02 -8.74
CA LEU A 69 -31.31 -16.14 -9.88
C LEU A 69 -32.50 -15.17 -10.00
N GLY A 70 -33.42 -15.18 -9.06
CA GLY A 70 -34.58 -14.30 -9.15
C GLY A 70 -35.55 -14.68 -10.25
N VAL A 71 -35.68 -15.98 -10.54
CA VAL A 71 -36.40 -16.47 -11.69
C VAL A 71 -37.19 -17.72 -11.28
N ASP A 72 -38.08 -18.17 -12.16
CA ASP A 72 -38.88 -19.33 -11.78
C ASP A 72 -38.14 -20.65 -11.99
N PHE A 73 -37.30 -20.74 -13.02
CA PHE A 73 -36.52 -21.95 -13.26
C PHE A 73 -35.22 -21.55 -13.95
N PHE A 74 -34.23 -22.44 -13.86
CA PHE A 74 -32.85 -22.13 -14.22
C PHE A 74 -32.73 -21.42 -15.55
N LEU A 75 -33.33 -21.97 -16.60
CA LEU A 75 -33.15 -21.44 -17.94
C LEU A 75 -34.24 -20.46 -18.37
N GLN A 76 -35.10 -20.01 -17.45
CA GLN A 76 -36.18 -19.09 -17.84
C GLN A 76 -35.65 -17.91 -18.65
N ARG A 77 -34.62 -17.22 -18.13
CA ARG A 77 -33.98 -16.16 -18.90
C ARG A 77 -32.59 -16.51 -19.45
N ARG A 78 -32.13 -17.78 -19.38
CA ARG A 78 -30.79 -18.15 -19.83
C ARG A 78 -30.78 -19.29 -20.86
N GLU A 79 -29.65 -19.44 -21.56
CA GLU A 79 -29.37 -20.58 -22.43
C GLU A 79 -28.20 -21.38 -21.87
N LEU A 80 -27.93 -22.56 -22.47
CA LEU A 80 -26.97 -23.47 -21.85
C LEU A 80 -26.19 -24.26 -22.89
N GLY A 81 -24.85 -24.24 -22.78
CA GLY A 81 -24.01 -25.20 -23.47
C GLY A 81 -23.60 -26.34 -22.57
N ILE A 82 -23.37 -27.52 -23.16
CA ILE A 82 -22.95 -28.73 -22.46
C ILE A 82 -21.99 -29.50 -23.34
N ILE A 83 -20.88 -29.97 -22.77
CA ILE A 83 -20.00 -30.92 -23.43
C ILE A 83 -19.56 -31.96 -22.41
N ASN A 84 -19.59 -33.23 -22.80
CA ASN A 84 -19.22 -34.34 -21.93
C ASN A 84 -17.80 -34.77 -22.26
N ILE A 85 -16.88 -34.50 -21.35
CA ILE A 85 -15.48 -34.88 -21.49
C ILE A 85 -15.16 -36.19 -20.78
N GLY A 86 -16.13 -36.80 -20.11
CA GLY A 86 -15.98 -38.03 -19.37
C GLY A 86 -16.59 -39.26 -20.03
N GLY A 87 -17.03 -40.19 -19.19
CA GLY A 87 -17.58 -41.45 -19.65
C GLY A 87 -18.99 -41.31 -20.22
N ALA A 88 -19.53 -42.44 -20.64
CA ALA A 88 -20.84 -42.46 -21.27
C ALA A 88 -21.92 -42.11 -20.26
N GLY A 89 -22.90 -41.33 -20.72
CA GLY A 89 -24.01 -40.89 -19.89
C GLY A 89 -25.12 -40.33 -20.74
N ALA A 90 -26.07 -39.67 -20.07
CA ALA A 90 -27.24 -39.15 -20.77
C ALA A 90 -27.78 -37.91 -20.07
N ILE A 91 -28.37 -37.03 -20.87
CA ILE A 91 -29.17 -35.91 -20.39
C ILE A 91 -30.59 -36.07 -20.93
N THR A 92 -31.58 -35.92 -20.05
CA THR A 92 -32.99 -35.93 -20.42
C THR A 92 -33.55 -34.50 -20.38
N ILE A 93 -33.98 -33.98 -21.52
CA ILE A 93 -34.49 -32.62 -21.63
C ILE A 93 -36.01 -32.66 -21.63
N ASP A 94 -36.62 -32.21 -20.53
CA ASP A 94 -38.07 -32.22 -20.40
C ASP A 94 -38.64 -33.59 -20.74
N GLY A 95 -38.02 -34.63 -20.19
CA GLY A 95 -38.45 -35.99 -20.35
C GLY A 95 -37.91 -36.74 -21.55
N ARG A 96 -37.33 -36.06 -22.54
CA ARG A 96 -36.83 -36.76 -23.72
C ARG A 96 -35.37 -37.09 -23.44
N LYS A 97 -35.09 -38.37 -23.20
CA LYS A 97 -33.75 -38.79 -22.78
C LYS A 97 -32.90 -39.05 -24.01
N ASP A 98 -31.77 -38.37 -24.09
CA ASP A 98 -30.84 -38.44 -25.20
C ASP A 98 -29.46 -38.79 -24.66
N ALA A 99 -28.84 -39.81 -25.23
CA ALA A 99 -27.58 -40.32 -24.74
C ALA A 99 -26.43 -39.46 -25.21
N MET A 100 -25.39 -39.35 -24.37
CA MET A 100 -24.22 -38.55 -24.70
C MET A 100 -22.96 -39.35 -24.42
N SER A 101 -22.20 -39.62 -25.48
CA SER A 101 -20.92 -40.31 -25.36
C SER A 101 -19.83 -39.28 -25.04
N ASN A 102 -18.58 -39.72 -25.04
CA ASN A 102 -17.46 -38.84 -24.78
C ASN A 102 -17.35 -37.77 -25.86
N GLN A 103 -17.16 -36.51 -25.44
CA GLN A 103 -17.03 -35.34 -26.30
C GLN A 103 -18.31 -35.02 -27.10
N ASP A 104 -19.46 -35.51 -26.65
CA ASP A 104 -20.73 -35.10 -27.23
C ASP A 104 -21.19 -33.77 -26.63
N GLY A 105 -21.70 -32.87 -27.49
CA GLY A 105 -22.20 -31.59 -27.06
C GLY A 105 -23.72 -31.47 -27.07
N TYR A 106 -24.21 -30.42 -26.44
CA TYR A 106 -25.63 -30.10 -26.50
C TYR A 106 -25.83 -28.60 -26.31
N TYR A 107 -26.78 -28.04 -27.03
CA TYR A 107 -27.23 -26.69 -26.79
C TYR A 107 -28.68 -26.76 -26.33
N ILE A 108 -29.01 -25.96 -25.32
CA ILE A 108 -30.35 -26.00 -24.76
C ILE A 108 -30.84 -24.58 -24.68
N GLY A 109 -31.89 -24.28 -25.42
CA GLY A 109 -32.32 -22.91 -25.56
C GLY A 109 -33.12 -22.43 -24.38
N MET A 110 -33.27 -21.11 -24.32
CA MET A 110 -33.95 -20.50 -23.20
C MET A 110 -35.41 -20.90 -23.15
N GLY A 111 -35.89 -21.18 -21.93
CA GLY A 111 -37.26 -21.57 -21.71
C GLY A 111 -37.40 -23.04 -21.38
N THR A 112 -36.34 -23.83 -21.59
CA THR A 112 -36.37 -25.25 -21.30
C THR A 112 -36.34 -25.46 -19.79
N GLN A 113 -37.38 -26.09 -19.26
CA GLN A 113 -37.55 -26.04 -17.82
C GLN A 113 -36.77 -27.10 -17.05
N LYS A 114 -36.52 -28.28 -17.60
CA LYS A 114 -35.90 -29.32 -16.80
C LYS A 114 -34.87 -30.06 -17.65
N VAL A 115 -33.61 -30.04 -17.20
CA VAL A 115 -32.55 -30.85 -17.77
C VAL A 115 -31.90 -31.64 -16.64
N VAL A 116 -31.85 -32.96 -16.80
CA VAL A 116 -31.34 -33.85 -15.76
C VAL A 116 -30.12 -34.58 -16.32
N PHE A 117 -29.06 -34.63 -15.54
CA PHE A 117 -27.79 -35.24 -15.95
C PHE A 117 -27.64 -36.60 -15.28
N THR A 118 -27.43 -37.63 -16.09
CA THR A 118 -27.21 -38.96 -15.53
C THR A 118 -26.05 -39.65 -16.25
N SER A 119 -25.44 -40.61 -15.56
CA SER A 119 -24.34 -41.38 -16.11
C SER A 119 -24.71 -42.85 -16.21
N GLU A 120 -24.19 -43.52 -17.25
CA GLU A 120 -24.50 -44.93 -17.43
C GLU A 120 -23.72 -45.77 -16.43
N ASP A 121 -22.40 -45.82 -16.56
CA ASP A 121 -21.57 -46.55 -15.60
C ASP A 121 -21.09 -45.55 -14.56
N ARG A 122 -21.55 -45.75 -13.31
CA ARG A 122 -21.17 -44.89 -12.20
C ARG A 122 -19.67 -44.92 -11.92
N ASP A 123 -18.96 -45.98 -12.29
CA ASP A 123 -17.53 -46.08 -12.00
C ASP A 123 -16.65 -45.45 -13.08
N HIS A 124 -17.21 -45.11 -14.24
CA HIS A 124 -16.54 -44.28 -15.23
C HIS A 124 -17.56 -43.23 -15.69
N PRO A 125 -17.90 -42.29 -14.81
CA PRO A 125 -19.08 -41.45 -15.05
C PRO A 125 -18.84 -40.41 -16.14
N ALA A 126 -19.94 -39.84 -16.61
CA ALA A 126 -19.88 -38.70 -17.51
C ALA A 126 -19.50 -37.45 -16.72
N LYS A 127 -18.67 -36.61 -17.32
CA LYS A 127 -18.28 -35.31 -16.76
C LYS A 127 -18.84 -34.23 -17.68
N PHE A 128 -19.90 -33.56 -17.25
CA PHE A 128 -20.60 -32.59 -18.10
C PHE A 128 -20.08 -31.19 -17.77
N TYR A 129 -19.32 -30.61 -18.70
CA TYR A 129 -18.94 -29.21 -18.59
C TYR A 129 -20.09 -28.37 -19.12
N VAL A 130 -20.61 -27.48 -18.27
CA VAL A 130 -21.81 -26.71 -18.56
C VAL A 130 -21.45 -25.24 -18.52
N VAL A 131 -21.97 -24.49 -19.48
CA VAL A 131 -21.78 -23.05 -19.52
C VAL A 131 -23.13 -22.44 -19.84
N SER A 132 -23.59 -21.52 -19.01
CA SER A 132 -24.89 -20.89 -19.17
C SER A 132 -24.71 -19.38 -19.24
N THR A 133 -25.37 -18.76 -20.21
CA THR A 133 -25.38 -17.30 -20.36
C THR A 133 -26.80 -16.77 -20.46
N PRO A 134 -27.02 -15.52 -20.05
CA PRO A 134 -28.35 -14.91 -20.19
C PRO A 134 -28.84 -14.91 -21.64
N ALA A 135 -30.15 -15.13 -21.83
CA ALA A 135 -30.74 -15.25 -23.16
C ALA A 135 -32.09 -14.55 -23.20
N HIS A 136 -32.31 -13.72 -24.22
CA HIS A 136 -33.61 -13.08 -24.43
C HIS A 136 -34.46 -13.73 -25.51
N LYS A 137 -33.94 -14.73 -26.24
CA LYS A 137 -34.64 -15.36 -27.35
C LYS A 137 -34.39 -16.85 -27.33
N THR A 138 -35.46 -17.60 -27.43
CA THR A 138 -35.34 -19.06 -27.45
C THR A 138 -34.99 -19.56 -28.85
N TYR A 139 -33.99 -20.42 -28.93
CA TYR A 139 -33.57 -21.06 -30.16
C TYR A 139 -33.65 -22.58 -29.97
N PRO A 140 -33.79 -23.33 -31.05
CA PRO A 140 -33.99 -24.78 -30.89
C PRO A 140 -32.78 -25.41 -30.23
N ASN A 141 -33.08 -26.32 -29.30
CA ASN A 141 -32.08 -27.22 -28.75
C ASN A 141 -31.47 -28.02 -29.87
N LYS A 142 -30.18 -28.30 -29.75
CA LYS A 142 -29.47 -29.05 -30.76
C LYS A 142 -28.43 -29.92 -30.08
N LYS A 143 -28.33 -31.16 -30.54
CA LYS A 143 -27.26 -32.03 -30.11
C LYS A 143 -26.09 -31.92 -31.09
N LEU A 144 -24.88 -31.85 -30.55
CA LEU A 144 -23.65 -31.66 -31.33
C LEU A 144 -22.84 -32.93 -31.14
N PRO A 145 -23.05 -33.94 -31.99
CA PRO A 145 -22.37 -35.22 -31.78
C PRO A 145 -20.89 -35.07 -32.05
N PHE A 146 -20.09 -35.80 -31.28
CA PHE A 146 -18.67 -35.84 -31.60
C PHE A 146 -18.46 -36.50 -32.95
N ALA A 147 -19.29 -37.50 -33.27
CA ALA A 147 -19.20 -38.22 -34.54
C ALA A 147 -19.27 -37.28 -35.73
N THR A 148 -20.30 -36.43 -35.77
CA THR A 148 -20.53 -35.49 -36.86
C THR A 148 -19.83 -34.16 -36.65
N ALA A 149 -18.99 -34.04 -35.62
CA ALA A 149 -18.29 -32.80 -35.39
C ALA A 149 -17.13 -32.71 -36.38
N LEU A 150 -16.91 -31.50 -36.89
CA LEU A 150 -15.98 -31.30 -38.00
C LEU A 150 -14.60 -31.00 -37.44
N ALA A 151 -13.68 -31.95 -37.56
CA ALA A 151 -12.33 -31.73 -37.08
C ALA A 151 -11.53 -30.97 -38.13
N LYS A 152 -10.83 -29.93 -37.71
CA LYS A 152 -9.99 -29.11 -38.59
C LYS A 152 -8.58 -29.07 -38.02
N PRO A 153 -7.59 -29.65 -38.70
CA PRO A 153 -6.22 -29.54 -38.20
C PRO A 153 -5.72 -28.12 -38.43
N MET A 154 -4.92 -27.63 -37.50
CA MET A 154 -4.42 -26.27 -37.57
C MET A 154 -3.05 -26.21 -36.91
N GLY A 155 -2.24 -25.24 -37.34
CA GLY A 155 -0.94 -25.02 -36.74
C GLY A 155 0.13 -25.93 -37.33
N ASP A 156 1.38 -25.53 -37.13
CA ASP A 156 2.54 -26.24 -37.65
C ASP A 156 3.41 -26.69 -36.49
N GLN A 157 4.48 -27.43 -36.78
CA GLN A 157 5.36 -27.86 -35.70
C GLN A 157 6.35 -26.79 -35.29
N GLN A 158 6.72 -25.88 -36.20
CA GLN A 158 7.69 -24.83 -35.88
C GLN A 158 7.17 -23.89 -34.79
N HIS A 159 5.88 -23.61 -34.77
CA HIS A 159 5.27 -22.73 -33.78
C HIS A 159 4.63 -23.49 -32.62
N LEU A 160 4.78 -24.81 -32.57
CA LEU A 160 4.38 -25.65 -31.44
C LEU A 160 2.90 -25.53 -31.13
N ASN A 161 2.10 -25.11 -32.11
CA ASN A 161 0.65 -24.99 -31.96
C ASN A 161 -0.15 -26.10 -32.63
N LYS A 162 0.48 -27.17 -33.11
CA LYS A 162 -0.22 -28.20 -33.89
C LYS A 162 -1.42 -28.76 -33.12
N ARG A 163 -2.60 -28.62 -33.71
CA ARG A 163 -3.83 -28.88 -32.96
C ARG A 163 -4.98 -29.21 -33.90
N THR A 164 -6.03 -29.78 -33.32
CA THR A 164 -7.30 -30.00 -33.99
C THR A 164 -8.36 -29.12 -33.32
N ILE A 165 -9.07 -28.34 -34.12
CA ILE A 165 -10.10 -27.42 -33.65
C ILE A 165 -11.47 -28.01 -33.98
N TYR A 166 -12.37 -28.03 -33.00
CA TYR A 166 -13.68 -28.63 -33.15
C TYR A 166 -14.76 -27.59 -32.91
N LYS A 167 -15.57 -27.31 -33.93
CA LYS A 167 -16.69 -26.39 -33.80
C LYS A 167 -17.83 -27.07 -33.07
N TYR A 168 -18.34 -26.44 -32.02
CA TYR A 168 -19.49 -27.02 -31.32
C TYR A 168 -20.72 -26.14 -31.38
N ILE A 169 -20.73 -25.09 -30.56
CA ILE A 169 -21.77 -24.06 -30.61
C ILE A 169 -21.17 -22.89 -31.34
N ASP A 170 -21.58 -22.70 -32.57
CA ASP A 170 -20.94 -21.78 -33.47
C ASP A 170 -22.02 -21.12 -34.31
N ALA A 171 -21.91 -19.81 -34.48
CA ALA A 171 -22.93 -19.03 -35.18
C ALA A 171 -23.03 -19.39 -36.66
N SER A 172 -22.06 -20.13 -37.19
CA SER A 172 -22.12 -20.61 -38.56
C SER A 172 -23.01 -21.84 -38.70
N GLN A 173 -22.96 -22.77 -37.76
CA GLN A 173 -23.80 -23.96 -37.80
C GLN A 173 -25.16 -23.78 -37.14
N MET A 174 -25.32 -22.77 -36.28
CA MET A 174 -26.54 -22.69 -35.50
C MET A 174 -26.73 -21.28 -34.98
N ASP A 175 -27.90 -21.06 -34.37
CA ASP A 175 -28.26 -19.75 -33.86
C ASP A 175 -28.40 -19.82 -32.36
N THR A 176 -27.65 -18.97 -31.66
CA THR A 176 -27.76 -18.80 -30.21
C THR A 176 -27.73 -17.30 -29.92
N CYS A 177 -28.17 -16.94 -28.71
CA CYS A 177 -28.19 -15.54 -28.29
C CYS A 177 -26.79 -14.95 -28.18
N GLN A 178 -25.96 -15.50 -27.29
CA GLN A 178 -24.59 -15.02 -27.17
C GLN A 178 -23.58 -16.17 -27.12
N LEU A 179 -23.87 -17.20 -26.30
CA LEU A 179 -22.91 -18.25 -26.00
C LEU A 179 -22.35 -18.91 -27.25
N GLN A 180 -21.03 -19.17 -27.21
CA GLN A 180 -20.25 -19.91 -28.19
C GLN A 180 -19.30 -20.85 -27.44
N MET A 181 -19.11 -22.05 -27.98
CA MET A 181 -18.27 -23.04 -27.33
C MET A 181 -17.53 -23.85 -28.37
N GLY A 182 -16.29 -24.23 -28.04
CA GLY A 182 -15.47 -25.02 -28.93
C GLY A 182 -14.51 -25.90 -28.17
N TYR A 183 -13.82 -26.74 -28.93
CA TYR A 183 -12.95 -27.79 -28.38
C TYR A 183 -11.66 -27.81 -29.17
N THR A 184 -10.54 -27.81 -28.46
CA THR A 184 -9.24 -27.79 -29.10
C THR A 184 -8.34 -28.84 -28.48
N VAL A 185 -7.85 -29.77 -29.30
CA VAL A 185 -6.93 -30.81 -28.88
C VAL A 185 -5.59 -30.52 -29.52
N LEU A 186 -4.62 -30.21 -28.68
CA LEU A 186 -3.24 -30.04 -29.08
C LEU A 186 -2.59 -31.40 -29.33
N GLU A 187 -1.95 -31.53 -30.50
CA GLU A 187 -1.24 -32.76 -30.82
C GLU A 187 -0.02 -32.91 -29.92
N PRO A 188 0.42 -34.14 -29.68
CA PRO A 188 1.66 -34.35 -28.94
C PRO A 188 2.81 -33.58 -29.57
N GLY A 189 3.67 -33.03 -28.71
CA GLY A 189 4.77 -32.21 -29.19
C GLY A 189 4.41 -30.78 -29.52
N SER A 190 3.18 -30.35 -29.21
CA SER A 190 2.73 -28.97 -29.38
C SER A 190 1.94 -28.60 -28.13
N SER A 191 2.38 -27.56 -27.41
CA SER A 191 1.66 -27.10 -26.21
C SER A 191 1.02 -25.71 -26.25
N TRP A 192 1.22 -24.89 -27.27
CA TRP A 192 0.76 -23.50 -27.21
C TRP A 192 -0.68 -23.40 -27.69
N ASN A 193 -1.51 -22.67 -26.94
CA ASN A 193 -2.88 -22.40 -27.38
C ASN A 193 -3.13 -20.91 -27.47
N THR A 194 -3.89 -20.52 -28.49
CA THR A 194 -4.20 -19.12 -28.78
C THR A 194 -2.92 -18.29 -28.72
N MET A 195 -1.84 -18.80 -29.32
CA MET A 195 -0.56 -18.10 -29.15
C MET A 195 -0.62 -16.71 -29.79
N PRO A 196 -0.89 -16.54 -31.08
CA PRO A 196 -1.18 -15.18 -31.51
C PRO A 196 -2.41 -14.74 -30.74
N ALA A 197 -2.24 -13.72 -29.92
CA ALA A 197 -3.21 -13.43 -28.87
C ALA A 197 -4.05 -12.23 -29.25
N HIS A 198 -5.06 -11.96 -28.44
CA HIS A 198 -5.95 -10.88 -28.79
C HIS A 198 -6.68 -10.43 -27.54
N THR A 199 -7.21 -9.21 -27.61
CA THR A 199 -8.18 -8.73 -26.63
C THR A 199 -9.38 -8.24 -27.42
N HIS A 200 -10.49 -8.96 -27.32
CA HIS A 200 -11.75 -8.51 -27.88
C HIS A 200 -12.51 -7.80 -26.78
N ALA A 201 -12.68 -6.49 -26.93
CA ALA A 201 -13.30 -5.74 -25.84
C ALA A 201 -14.78 -6.09 -25.67
N ARG A 202 -15.44 -6.55 -26.72
CA ARG A 202 -16.89 -6.65 -26.75
C ARG A 202 -17.41 -8.03 -26.33
N ARG A 203 -16.52 -8.93 -25.92
CA ARG A 203 -16.89 -10.27 -25.43
C ARG A 203 -15.77 -10.82 -24.55
N MET A 204 -16.09 -11.85 -23.76
CA MET A 204 -15.13 -12.51 -22.89
C MET A 204 -15.10 -14.01 -23.16
N GLU A 205 -14.06 -14.67 -22.63
CA GLU A 205 -13.86 -16.11 -22.81
C GLU A 205 -13.45 -16.76 -21.50
N THR A 206 -13.91 -17.99 -21.31
CA THR A 206 -13.46 -18.84 -20.21
C THR A 206 -12.87 -20.11 -20.79
N TYR A 207 -11.64 -20.42 -20.41
CA TYR A 207 -10.93 -21.62 -20.88
C TYR A 207 -10.89 -22.64 -19.77
N MET A 208 -11.22 -23.90 -20.08
CA MET A 208 -11.10 -25.00 -19.15
C MET A 208 -10.20 -26.07 -19.74
N TYR A 209 -9.06 -26.32 -19.09
CA TYR A 209 -8.02 -27.22 -19.59
C TYR A 209 -8.18 -28.63 -18.99
N PHE A 210 -8.09 -29.66 -19.84
CA PHE A 210 -8.28 -31.05 -19.41
C PHE A 210 -7.59 -31.98 -20.39
N ASN A 211 -7.77 -33.28 -20.20
CA ASN A 211 -7.12 -34.33 -20.99
C ASN A 211 -5.62 -34.10 -21.09
N PHE A 212 -5.00 -33.90 -19.94
CA PHE A 212 -3.55 -33.72 -19.90
C PHE A 212 -2.81 -35.02 -20.23
N ALA A 213 -1.75 -34.90 -21.03
CA ALA A 213 -1.02 -36.08 -21.48
C ALA A 213 -0.55 -36.90 -20.29
N ASP A 214 0.12 -36.27 -19.34
CA ASP A 214 0.61 -36.95 -18.15
C ASP A 214 0.10 -36.27 -16.90
N PRO A 215 0.05 -36.99 -15.78
CA PRO A 215 -0.38 -36.36 -14.52
C PRO A 215 0.55 -35.23 -14.08
N GLU A 216 1.78 -35.22 -14.60
CA GLU A 216 2.79 -34.23 -14.26
C GLU A 216 2.74 -32.95 -15.10
N THR A 217 1.94 -32.93 -16.17
CA THR A 217 1.88 -31.74 -17.01
C THR A 217 1.17 -30.59 -16.29
N ARG A 218 1.61 -29.38 -16.58
CA ARG A 218 0.93 -28.18 -16.14
C ARG A 218 0.82 -27.24 -17.32
N VAL A 219 -0.18 -26.38 -17.27
CA VAL A 219 -0.40 -25.37 -18.29
C VAL A 219 -0.22 -24.00 -17.64
N PHE A 220 0.56 -23.15 -18.29
CA PHE A 220 0.74 -21.79 -17.86
C PHE A 220 -0.17 -20.94 -18.73
N HIS A 221 -1.20 -20.37 -18.12
CA HIS A 221 -2.16 -19.53 -18.82
C HIS A 221 -1.81 -18.08 -18.57
N PHE A 222 -1.56 -17.34 -19.63
CA PHE A 222 -1.27 -15.92 -19.50
C PHE A 222 -2.58 -15.15 -19.60
N LEU A 223 -2.72 -14.17 -18.73
CA LEU A 223 -3.84 -13.25 -18.76
C LEU A 223 -3.29 -11.88 -18.41
N GLY A 224 -4.15 -10.88 -18.43
CA GLY A 224 -3.72 -9.52 -18.14
C GLY A 224 -3.70 -8.66 -19.39
N LYS A 225 -3.55 -7.37 -19.14
CA LYS A 225 -3.41 -6.40 -20.23
C LYS A 225 -2.20 -6.79 -21.09
N PRO A 226 -2.27 -6.58 -22.41
CA PRO A 226 -1.20 -7.08 -23.29
C PRO A 226 0.20 -6.56 -22.95
N ASP A 227 0.30 -5.37 -22.35
CA ASP A 227 1.61 -4.89 -21.92
C ASP A 227 2.01 -5.50 -20.58
N GLU A 228 1.04 -5.74 -19.68
CA GLU A 228 1.28 -6.32 -18.36
C GLU A 228 0.63 -7.70 -18.27
N THR A 229 1.43 -8.77 -18.38
CA THR A 229 0.90 -10.14 -18.42
C THR A 229 1.27 -10.86 -17.13
N ARG A 230 0.32 -11.64 -16.62
CA ARG A 230 0.57 -12.55 -15.51
C ARG A 230 0.34 -13.96 -16.04
N HIS A 231 0.55 -14.96 -15.18
CA HIS A 231 0.26 -16.32 -15.57
C HIS A 231 -0.28 -17.09 -14.36
N ILE A 232 -1.16 -18.04 -14.65
CA ILE A 232 -1.68 -18.98 -13.66
C ILE A 232 -1.27 -20.37 -14.09
N THR A 233 -0.83 -21.18 -13.13
CA THR A 233 -0.49 -22.56 -13.42
C THR A 233 -1.69 -23.44 -13.11
N LEU A 234 -2.08 -24.26 -14.08
CA LEU A 234 -3.31 -25.05 -13.99
C LEU A 234 -2.98 -26.53 -13.95
N PHE A 235 -3.59 -27.24 -13.00
CA PHE A 235 -3.62 -28.69 -13.05
C PHE A 235 -4.79 -29.12 -13.92
N ASN A 236 -4.92 -30.44 -14.09
CA ASN A 236 -5.96 -31.00 -14.93
C ASN A 236 -7.37 -30.69 -14.40
N GLU A 237 -8.29 -30.45 -15.34
CA GLU A 237 -9.71 -30.18 -15.07
C GLU A 237 -9.88 -28.94 -14.19
N GLN A 238 -9.24 -27.87 -14.61
CA GLN A 238 -9.33 -26.57 -14.00
C GLN A 238 -9.58 -25.57 -15.10
N ALA A 239 -10.10 -24.39 -14.71
CA ALA A 239 -10.53 -23.37 -15.64
C ALA A 239 -10.15 -21.97 -15.16
N VAL A 240 -10.00 -21.07 -16.11
CA VAL A 240 -9.62 -19.69 -15.83
C VAL A 240 -10.52 -18.78 -16.67
N VAL A 241 -11.00 -17.67 -16.03
CA VAL A 241 -11.89 -16.68 -16.64
C VAL A 241 -11.02 -15.57 -17.23
N ASN A 242 -11.35 -15.14 -18.45
CA ASN A 242 -10.54 -14.13 -19.15
C ASN A 242 -11.35 -12.89 -19.50
N PRO A 243 -11.31 -11.83 -18.68
CA PRO A 243 -12.13 -10.64 -18.94
C PRO A 243 -11.81 -9.99 -20.28
N SER A 244 -12.74 -9.15 -20.72
CA SER A 244 -12.67 -8.52 -22.03
C SER A 244 -11.39 -7.75 -22.25
N TRP A 245 -10.80 -7.21 -21.19
CA TRP A 245 -9.61 -6.39 -21.37
C TRP A 245 -8.32 -7.20 -21.39
N SER A 246 -8.40 -8.52 -21.26
CA SER A 246 -7.24 -9.39 -21.07
C SER A 246 -6.94 -10.25 -22.28
N ILE A 247 -5.65 -10.47 -22.55
CA ILE A 247 -5.31 -11.51 -23.52
C ILE A 247 -5.61 -12.87 -22.89
N HIS A 248 -5.83 -13.86 -23.73
CA HIS A 248 -6.04 -15.22 -23.25
C HIS A 248 -5.20 -16.19 -24.07
N CYS A 249 -4.20 -16.79 -23.46
CA CYS A 249 -3.38 -17.77 -24.13
C CYS A 249 -2.77 -18.68 -23.07
N GLY A 250 -2.26 -19.82 -23.52
CA GLY A 250 -1.59 -20.71 -22.59
C GLY A 250 -0.59 -21.59 -23.27
N VAL A 251 0.40 -22.04 -22.48
CA VAL A 251 1.46 -22.92 -22.95
C VAL A 251 1.57 -24.09 -21.99
N GLY A 252 1.67 -25.30 -22.54
CA GLY A 252 1.83 -26.49 -21.74
C GLY A 252 3.24 -27.04 -21.67
N THR A 253 3.47 -27.92 -20.69
CA THR A 253 4.68 -28.72 -20.66
C THR A 253 4.57 -29.94 -21.56
N THR A 254 3.36 -30.39 -21.87
CA THR A 254 3.09 -31.38 -22.90
C THR A 254 1.82 -30.94 -23.62
N ASN A 255 1.31 -31.80 -24.50
CA ASN A 255 0.02 -31.50 -25.10
C ASN A 255 -1.10 -31.74 -24.09
N TYR A 256 -2.27 -31.23 -24.43
CA TYR A 256 -3.44 -31.22 -23.56
C TYR A 256 -4.61 -30.85 -24.45
N ALA A 257 -5.80 -30.73 -23.85
CA ALA A 257 -6.97 -30.19 -24.55
C ALA A 257 -7.64 -29.13 -23.69
N PHE A 258 -8.45 -28.28 -24.32
CA PHE A 258 -9.24 -27.33 -23.55
C PHE A 258 -10.55 -27.00 -24.26
N ILE A 259 -11.55 -26.67 -23.46
CA ILE A 259 -12.79 -26.10 -23.97
C ILE A 259 -12.81 -24.60 -23.66
N TRP A 260 -13.03 -23.80 -24.69
CA TRP A 260 -13.25 -22.38 -24.52
C TRP A 260 -14.74 -22.06 -24.61
N ALA A 261 -15.19 -21.11 -23.82
CA ALA A 261 -16.56 -20.60 -23.88
C ALA A 261 -16.51 -19.08 -23.99
N MET A 262 -17.22 -18.54 -24.96
CA MET A 262 -17.18 -17.14 -25.31
C MET A 262 -18.58 -16.55 -25.24
N CYS A 263 -18.69 -15.32 -24.74
CA CYS A 263 -19.95 -14.59 -24.77
C CYS A 263 -19.64 -13.10 -24.67
N GLY A 264 -20.67 -12.30 -24.88
CA GLY A 264 -20.54 -10.86 -24.96
C GLY A 264 -21.70 -10.29 -25.73
N GLU A 265 -21.51 -9.08 -26.23
CA GLU A 265 -22.60 -8.41 -26.94
C GLU A 265 -22.60 -8.69 -28.44
N ASN A 266 -21.60 -9.39 -28.97
CA ASN A 266 -21.64 -9.84 -30.35
C ASN A 266 -21.04 -11.24 -30.46
N GLN A 267 -21.38 -11.93 -31.54
CA GLN A 267 -20.78 -13.21 -31.86
C GLN A 267 -19.71 -13.13 -32.96
N THR A 268 -19.39 -11.93 -33.46
CA THR A 268 -18.52 -11.82 -34.62
C THR A 268 -17.05 -12.06 -34.24
N TYR A 269 -16.40 -13.00 -34.92
CA TYR A 269 -15.12 -13.52 -34.46
C TYR A 269 -13.94 -12.59 -34.73
N ASP A 270 -14.04 -11.74 -35.76
CA ASP A 270 -12.92 -10.90 -36.22
C ASP A 270 -12.86 -9.53 -35.55
N ASP A 271 -13.69 -9.28 -34.52
CA ASP A 271 -13.69 -7.99 -33.83
C ASP A 271 -12.52 -7.83 -32.86
N MET A 272 -11.74 -8.88 -32.63
CA MET A 272 -10.63 -8.81 -31.70
C MET A 272 -9.51 -7.91 -32.21
N ASP A 273 -8.65 -7.50 -31.28
CA ASP A 273 -7.43 -6.75 -31.58
C ASP A 273 -6.26 -7.71 -31.38
N GLN A 274 -5.65 -8.11 -32.49
CA GLN A 274 -4.45 -8.94 -32.42
C GLN A 274 -3.30 -8.14 -31.82
N VAL A 275 -2.54 -8.77 -30.94
CA VAL A 275 -1.46 -8.09 -30.21
C VAL A 275 -0.20 -7.94 -31.07
N ASN A 278 4.53 -8.40 -29.25
CA ASN A 278 5.03 -7.43 -28.29
C ASN A 278 4.18 -7.41 -27.02
N GLU A 279 4.76 -7.82 -25.90
CA GLU A 279 4.03 -7.94 -24.64
C GLU A 279 4.85 -7.53 -23.42
N SER B 2 -17.17 15.80 -32.07
CA SER B 2 -17.64 15.85 -30.70
C SER B 2 -18.63 14.74 -30.34
N PHE B 3 -18.15 13.50 -30.48
CA PHE B 3 -18.80 12.32 -29.93
C PHE B 3 -17.80 11.68 -28.99
N SER B 4 -18.28 11.23 -27.84
CA SER B 4 -17.42 10.67 -26.83
C SER B 4 -18.08 9.42 -26.27
N MET B 5 -17.31 8.33 -26.17
CA MET B 5 -17.76 7.21 -25.34
C MET B 5 -16.55 6.72 -24.57
N VAL B 6 -16.63 6.80 -23.25
CA VAL B 6 -15.52 6.40 -22.39
C VAL B 6 -15.88 5.08 -21.74
N THR B 7 -14.88 4.30 -21.45
CA THR B 7 -15.05 2.97 -20.90
C THR B 7 -14.80 2.97 -19.39
N ARG B 8 -15.62 2.23 -18.64
CA ARG B 8 -15.45 2.08 -17.20
C ARG B 8 -15.59 0.61 -16.83
N TYR B 9 -14.60 0.10 -16.12
CA TYR B 9 -14.54 -1.31 -15.72
C TYR B 9 -15.35 -1.56 -14.46
N ALA B 10 -15.75 -2.81 -14.30
CA ALA B 10 -16.38 -3.28 -13.08
C ALA B 10 -15.34 -3.52 -12.01
N HIS B 11 -15.82 -3.64 -10.76
CA HIS B 11 -14.95 -3.83 -9.62
C HIS B 11 -15.61 -4.74 -8.61
N SER B 12 -14.80 -5.24 -7.71
CA SER B 12 -15.24 -5.92 -6.51
C SER B 12 -15.62 -4.87 -5.46
N PRO B 13 -16.37 -5.26 -4.43
CA PRO B 13 -16.46 -4.36 -3.27
C PRO B 13 -15.09 -4.07 -2.70
N GLU B 14 -14.28 -5.13 -2.57
CA GLU B 14 -12.90 -5.03 -2.11
C GLU B 14 -12.08 -4.05 -2.94
N ASP B 15 -12.27 -4.04 -4.25
CA ASP B 15 -11.44 -3.21 -5.12
C ASP B 15 -11.56 -1.74 -4.78
N ILE B 16 -12.76 -1.28 -4.41
CA ILE B 16 -12.99 0.15 -4.23
C ILE B 16 -12.75 0.61 -2.79
N GLN B 17 -12.52 -0.32 -1.87
CA GLN B 17 -12.58 -0.01 -0.44
C GLN B 17 -11.68 1.16 -0.06
N HIS B 18 -10.51 1.28 -0.67
CA HIS B 18 -9.56 2.33 -0.35
C HIS B 18 -9.51 3.47 -1.37
N TYR B 19 -10.41 3.49 -2.37
CA TYR B 19 -10.52 4.62 -3.30
C TYR B 19 -10.65 5.95 -2.56
N ASP B 20 -9.88 6.94 -2.98
CA ASP B 20 -10.04 8.27 -2.44
C ASP B 20 -11.17 8.99 -3.22
N THR B 21 -11.48 10.23 -2.85
CA THR B 21 -12.64 10.92 -3.43
C THR B 21 -12.48 11.09 -4.95
N SER B 22 -11.30 11.47 -5.42
CA SER B 22 -11.13 11.64 -6.86
C SER B 22 -11.22 10.31 -7.60
N LYS B 23 -10.83 9.21 -6.95
CA LYS B 23 -10.87 7.91 -7.60
C LYS B 23 -12.29 7.38 -7.72
N LEU B 24 -13.07 7.46 -6.63
CA LEU B 24 -14.49 7.12 -6.69
C LEU B 24 -15.16 7.87 -7.83
N ARG B 25 -14.90 9.17 -7.93
CA ARG B 25 -15.56 9.95 -8.98
C ARG B 25 -15.19 9.42 -10.36
N HIS B 26 -13.91 9.17 -10.58
CA HIS B 26 -13.48 8.76 -11.91
C HIS B 26 -14.08 7.43 -12.29
N GLU B 27 -14.17 6.48 -11.33
CA GLU B 27 -14.68 5.16 -11.64
C GLU B 27 -16.21 5.13 -11.76
N PHE B 28 -16.92 5.79 -10.83
CA PHE B 28 -18.37 5.70 -10.78
C PHE B 28 -19.15 6.90 -11.29
N LEU B 29 -18.53 8.02 -11.65
CA LEU B 29 -19.30 9.24 -11.90
C LEU B 29 -19.08 9.73 -13.31
N MET B 30 -20.16 9.87 -14.05
CA MET B 30 -20.10 10.54 -15.35
C MET B 30 -20.39 12.00 -15.05
N GLU B 31 -19.36 12.84 -15.16
CA GLU B 31 -19.48 14.21 -14.70
C GLU B 31 -20.13 15.13 -15.73
N LYS B 32 -20.06 14.82 -17.02
CA LYS B 32 -20.67 15.69 -18.02
C LYS B 32 -21.41 14.82 -19.01
N ILE B 33 -22.69 15.08 -19.16
CA ILE B 33 -23.62 14.26 -19.94
C ILE B 33 -24.19 15.11 -21.06
N PHE B 34 -24.77 16.24 -20.71
CA PHE B 34 -25.39 17.15 -21.68
C PHE B 34 -24.48 18.33 -21.93
N ASN B 35 -23.96 18.42 -23.15
CA ASN B 35 -23.24 19.57 -23.63
C ASN B 35 -23.73 19.92 -25.03
N PRO B 36 -23.90 21.20 -25.35
CA PRO B 36 -24.54 21.55 -26.63
C PRO B 36 -23.75 21.07 -27.83
N GLY B 37 -24.44 20.39 -28.75
CA GLY B 37 -23.83 19.88 -29.96
C GLY B 37 -23.18 18.52 -29.85
N ASP B 38 -23.14 17.93 -28.66
CA ASP B 38 -22.30 16.75 -28.44
C ASP B 38 -23.13 15.51 -28.10
N ILE B 39 -22.52 14.36 -28.34
CA ILE B 39 -22.94 13.08 -27.76
C ILE B 39 -21.88 12.68 -26.76
N LEU B 40 -22.28 12.43 -25.53
CA LEU B 40 -21.38 12.02 -24.47
C LEU B 40 -21.89 10.70 -23.92
N LEU B 41 -21.00 9.70 -23.80
CA LEU B 41 -21.44 8.37 -23.43
C LEU B 41 -20.44 7.69 -22.52
N THR B 42 -20.96 6.77 -21.72
CA THR B 42 -20.17 5.82 -20.94
C THR B 42 -20.56 4.41 -21.32
N TYR B 43 -19.55 3.56 -21.47
CA TYR B 43 -19.72 2.12 -21.66
C TYR B 43 -19.23 1.52 -20.35
N THR B 44 -20.13 0.93 -19.58
CA THR B 44 -19.75 0.30 -18.32
C THR B 44 -19.81 -1.23 -18.45
N TYR B 45 -18.80 -1.89 -17.88
CA TYR B 45 -18.74 -3.36 -17.86
C TYR B 45 -19.65 -3.94 -16.79
N ASN B 46 -20.49 -3.09 -16.17
CA ASN B 46 -21.59 -3.61 -15.37
C ASN B 46 -22.71 -3.88 -16.36
N ASP B 47 -22.84 -5.16 -16.77
CA ASP B 47 -23.85 -5.60 -17.73
C ASP B 47 -23.79 -4.82 -19.04
N ARG B 48 -22.66 -4.19 -19.34
CA ARG B 48 -22.41 -3.55 -20.65
C ARG B 48 -23.46 -2.52 -21.02
N MET B 49 -23.91 -1.73 -20.05
CA MET B 49 -24.80 -0.61 -20.32
C MET B 49 -24.06 0.57 -20.92
N ILE B 50 -24.66 1.19 -21.94
CA ILE B 50 -24.20 2.45 -22.51
C ILE B 50 -25.20 3.53 -22.14
N PHE B 51 -24.72 4.63 -21.57
CA PHE B 51 -25.63 5.70 -21.19
C PHE B 51 -24.92 7.02 -21.38
N GLY B 52 -25.73 8.07 -21.51
CA GLY B 52 -25.20 9.41 -21.79
C GLY B 52 -26.31 10.34 -22.24
N GLY B 53 -25.94 11.34 -23.02
CA GLY B 53 -26.94 12.27 -23.53
C GLY B 53 -26.59 12.78 -24.91
N VAL B 54 -27.62 13.16 -25.65
CA VAL B 54 -27.50 13.68 -27.01
C VAL B 54 -28.21 15.03 -27.01
N MET B 55 -27.45 16.10 -27.23
CA MET B 55 -27.98 17.46 -27.16
C MET B 55 -27.78 18.15 -28.50
N PRO B 56 -28.64 17.88 -29.49
CA PRO B 56 -28.42 18.47 -30.80
C PRO B 56 -28.74 19.95 -30.78
N THR B 57 -27.96 20.73 -31.53
CA THR B 57 -28.22 22.16 -31.69
C THR B 57 -28.34 22.52 -33.16
N ASP B 58 -27.25 22.59 -33.89
CA ASP B 58 -27.28 22.97 -35.31
C ASP B 58 -27.49 21.75 -36.21
N GLU B 59 -26.56 20.79 -36.14
CA GLU B 59 -26.49 19.60 -36.97
C GLU B 59 -27.20 18.45 -36.27
N PRO B 60 -27.95 17.63 -37.02
CA PRO B 60 -28.60 16.47 -36.42
C PRO B 60 -27.56 15.46 -35.92
N LEU B 61 -27.90 14.81 -34.81
CA LEU B 61 -26.95 13.95 -34.10
C LEU B 61 -27.48 12.53 -34.06
N GLU B 62 -26.61 11.57 -34.30
CA GLU B 62 -26.98 10.17 -34.23
C GLU B 62 -25.83 9.41 -33.59
N ILE B 63 -26.15 8.31 -32.91
CA ILE B 63 -25.14 7.45 -32.33
C ILE B 63 -24.75 6.45 -33.40
N LYS B 64 -23.55 6.58 -33.94
CA LYS B 64 -23.09 5.68 -34.99
C LYS B 64 -22.00 4.76 -34.45
N LEU B 65 -22.37 3.51 -34.23
CA LEU B 65 -21.44 2.50 -33.78
C LEU B 65 -21.63 1.24 -34.61
N SER B 66 -20.58 0.84 -35.30
CA SER B 66 -20.57 -0.43 -36.01
C SER B 66 -19.33 -1.22 -35.62
N THR B 67 -18.16 -0.78 -36.08
CA THR B 67 -16.93 -1.50 -35.81
C THR B 67 -16.53 -1.46 -34.33
N GLU B 68 -16.84 -0.38 -33.62
CA GLU B 68 -16.41 -0.25 -32.23
C GLU B 68 -17.06 -1.29 -31.33
N LEU B 69 -18.34 -1.63 -31.58
CA LEU B 69 -19.01 -2.71 -30.88
C LEU B 69 -18.98 -4.02 -31.65
N GLY B 70 -18.27 -4.07 -32.77
CA GLY B 70 -18.16 -5.32 -33.52
C GLY B 70 -19.43 -5.81 -34.16
N VAL B 71 -20.28 -4.89 -34.66
CA VAL B 71 -21.61 -5.19 -35.22
C VAL B 71 -21.84 -4.29 -36.43
N ASP B 72 -22.99 -4.50 -37.12
CA ASP B 72 -23.29 -3.72 -38.32
C ASP B 72 -23.89 -2.34 -38.03
N PHE B 73 -24.65 -2.20 -36.96
CA PHE B 73 -25.22 -0.93 -36.57
C PHE B 73 -25.45 -0.90 -35.06
N PHE B 74 -25.64 0.31 -34.52
CA PHE B 74 -25.68 0.52 -33.08
C PHE B 74 -26.61 -0.49 -32.41
N LEU B 75 -27.82 -0.63 -32.93
CA LEU B 75 -28.86 -1.44 -32.30
C LEU B 75 -28.94 -2.87 -32.85
N GLN B 76 -27.98 -3.32 -33.66
CA GLN B 76 -28.09 -4.67 -34.22
C GLN B 76 -28.25 -5.71 -33.13
N ARG B 77 -27.39 -5.70 -32.11
CA ARG B 77 -27.54 -6.57 -30.96
C ARG B 77 -28.01 -5.85 -29.68
N ARG B 78 -28.43 -4.58 -29.76
CA ARG B 78 -28.79 -3.82 -28.55
C ARG B 78 -30.19 -3.22 -28.68
N GLU B 79 -30.74 -2.76 -27.55
CA GLU B 79 -31.96 -1.96 -27.46
C GLU B 79 -31.65 -0.61 -26.83
N LEU B 80 -32.58 0.33 -26.92
CA LEU B 80 -32.33 1.74 -26.61
C LEU B 80 -33.52 2.38 -25.92
N GLY B 81 -33.32 2.92 -24.72
CA GLY B 81 -34.29 3.85 -24.12
C GLY B 81 -33.90 5.30 -24.32
N ILE B 82 -34.91 6.18 -24.45
CA ILE B 82 -34.65 7.61 -24.63
C ILE B 82 -35.67 8.41 -23.85
N ILE B 83 -35.20 9.37 -23.07
CA ILE B 83 -36.06 10.32 -22.40
C ILE B 83 -35.49 11.71 -22.62
N ASN B 84 -36.33 12.65 -23.02
CA ASN B 84 -35.90 14.01 -23.34
C ASN B 84 -36.14 14.88 -22.12
N ILE B 85 -35.05 15.31 -21.47
CA ILE B 85 -35.20 16.16 -20.29
C ILE B 85 -35.13 17.65 -20.63
N GLY B 86 -34.82 18.01 -21.87
CA GLY B 86 -34.70 19.39 -22.32
C GLY B 86 -35.87 19.89 -23.17
N GLY B 87 -35.58 20.80 -24.08
CA GLY B 87 -36.60 21.38 -24.93
C GLY B 87 -37.11 20.44 -26.01
N ALA B 88 -38.05 20.96 -26.79
CA ALA B 88 -38.70 20.18 -27.84
C ALA B 88 -37.68 19.81 -28.91
N GLY B 89 -37.85 18.62 -29.44
CA GLY B 89 -36.99 18.08 -30.47
C GLY B 89 -37.69 16.90 -31.11
N ALA B 90 -36.94 16.13 -31.87
CA ALA B 90 -37.54 15.00 -32.55
C ALA B 90 -36.47 13.94 -32.78
N ILE B 91 -36.91 12.69 -32.78
CA ILE B 91 -36.08 11.59 -33.25
C ILE B 91 -36.75 11.03 -34.49
N THR B 92 -35.99 10.91 -35.56
CA THR B 92 -36.46 10.34 -36.80
C THR B 92 -35.93 8.92 -36.88
N ILE B 93 -36.83 7.96 -36.89
CA ILE B 93 -36.46 6.55 -36.88
C ILE B 93 -36.55 6.02 -38.30
N ASP B 94 -35.39 5.73 -38.89
CA ASP B 94 -35.30 5.24 -40.28
C ASP B 94 -35.99 6.19 -41.24
N GLY B 95 -35.74 7.49 -41.07
CA GLY B 95 -36.34 8.48 -41.92
C GLY B 95 -37.72 8.89 -41.49
N ARG B 96 -38.36 8.12 -40.60
CA ARG B 96 -39.70 8.44 -40.13
C ARG B 96 -39.57 9.27 -38.86
N LYS B 97 -39.93 10.55 -38.96
CA LYS B 97 -39.69 11.53 -37.91
C LYS B 97 -40.83 11.55 -36.90
N ASP B 98 -40.48 11.45 -35.62
CA ASP B 98 -41.42 11.53 -34.52
C ASP B 98 -40.98 12.64 -33.58
N ALA B 99 -41.90 13.52 -33.25
CA ALA B 99 -41.54 14.68 -32.43
C ALA B 99 -41.43 14.27 -30.97
N MET B 100 -40.51 14.91 -30.27
CA MET B 100 -40.23 14.60 -28.86
C MET B 100 -40.31 15.90 -28.07
N SER B 101 -41.34 16.02 -27.24
CA SER B 101 -41.50 17.17 -26.38
C SER B 101 -40.74 16.95 -25.09
N ASN B 102 -40.87 17.90 -24.17
CA ASN B 102 -40.19 17.79 -22.89
C ASN B 102 -40.70 16.57 -22.12
N GLN B 103 -39.74 15.78 -21.61
CA GLN B 103 -39.98 14.56 -20.83
C GLN B 103 -40.73 13.49 -21.59
N ASP B 104 -40.73 13.54 -22.92
CA ASP B 104 -41.28 12.45 -23.71
C ASP B 104 -40.27 11.31 -23.71
N GLY B 105 -40.77 10.07 -23.56
CA GLY B 105 -39.92 8.91 -23.58
C GLY B 105 -40.02 8.15 -24.89
N TYR B 106 -39.04 7.27 -25.13
CA TYR B 106 -39.07 6.39 -26.30
C TYR B 106 -38.31 5.10 -26.03
N TYR B 107 -38.83 3.99 -26.54
CA TYR B 107 -38.12 2.72 -26.55
C TYR B 107 -37.91 2.28 -27.99
N ILE B 108 -36.73 1.79 -28.31
CA ILE B 108 -36.41 1.38 -29.67
C ILE B 108 -35.82 0.00 -29.61
N GLY B 109 -36.49 -0.96 -30.23
CA GLY B 109 -36.12 -2.36 -30.10
C GLY B 109 -34.97 -2.76 -30.99
N MET B 110 -34.48 -3.98 -30.75
CA MET B 110 -33.33 -4.50 -31.48
C MET B 110 -33.62 -4.55 -32.97
N GLY B 111 -32.65 -4.13 -33.77
CA GLY B 111 -32.74 -4.21 -35.21
C GLY B 111 -33.03 -2.92 -35.94
N THR B 112 -33.51 -1.88 -35.26
CA THR B 112 -33.75 -0.65 -36.01
C THR B 112 -32.41 0.01 -36.35
N GLN B 113 -32.22 0.31 -37.62
CA GLN B 113 -30.89 0.63 -38.11
C GLN B 113 -30.48 2.09 -37.91
N LYS B 114 -31.43 3.03 -37.90
CA LYS B 114 -31.07 4.46 -37.86
C LYS B 114 -32.02 5.21 -36.95
N VAL B 115 -31.46 5.87 -35.93
CA VAL B 115 -32.20 6.76 -35.06
C VAL B 115 -31.44 8.08 -35.01
N VAL B 116 -32.10 9.17 -35.42
CA VAL B 116 -31.47 10.48 -35.54
C VAL B 116 -32.15 11.44 -34.58
N PHE B 117 -31.35 12.13 -33.77
CA PHE B 117 -31.88 13.02 -32.75
C PHE B 117 -31.73 14.45 -33.22
N THR B 118 -32.83 15.19 -33.23
CA THR B 118 -32.80 16.58 -33.63
C THR B 118 -33.55 17.41 -32.59
N SER B 119 -33.23 18.70 -32.56
CA SER B 119 -33.87 19.66 -31.67
C SER B 119 -34.63 20.69 -32.50
N GLU B 120 -35.72 21.19 -31.93
CA GLU B 120 -36.52 22.18 -32.65
C GLU B 120 -35.78 23.52 -32.67
N ASP B 121 -35.62 24.14 -31.50
CA ASP B 121 -34.92 25.41 -31.35
C ASP B 121 -33.48 25.15 -30.94
N ARG B 122 -32.51 25.59 -31.78
CA ARG B 122 -31.10 25.41 -31.43
C ARG B 122 -30.73 26.11 -30.13
N ASP B 123 -31.44 27.17 -29.74
CA ASP B 123 -31.07 27.92 -28.54
C ASP B 123 -31.71 27.38 -27.28
N HIS B 124 -32.68 26.48 -27.42
CA HIS B 124 -33.24 25.71 -26.30
C HIS B 124 -33.32 24.26 -26.73
N PRO B 125 -32.18 23.60 -26.85
CA PRO B 125 -32.14 22.28 -27.49
C PRO B 125 -32.77 21.20 -26.60
N ALA B 126 -33.03 20.07 -27.24
CA ALA B 126 -33.45 18.88 -26.52
C ALA B 126 -32.24 18.25 -25.84
N LYS B 127 -32.43 17.77 -24.63
CA LYS B 127 -31.40 17.02 -23.93
C LYS B 127 -31.94 15.60 -23.83
N PHE B 128 -31.42 14.71 -24.67
CA PHE B 128 -31.88 13.34 -24.74
C PHE B 128 -30.97 12.46 -23.89
N TYR B 129 -31.49 11.95 -22.78
CA TYR B 129 -30.79 10.90 -22.02
C TYR B 129 -31.04 9.55 -22.67
N VAL B 130 -29.97 8.83 -22.98
CA VAL B 130 -30.05 7.60 -23.74
C VAL B 130 -29.48 6.47 -22.90
N VAL B 131 -30.15 5.33 -22.93
CA VAL B 131 -29.66 4.12 -22.28
C VAL B 131 -29.80 2.96 -23.24
N SER B 132 -28.71 2.24 -23.47
CA SER B 132 -28.70 1.11 -24.37
C SER B 132 -28.22 -0.11 -23.61
N THR B 133 -28.92 -1.22 -23.77
CA THR B 133 -28.46 -2.49 -23.22
C THR B 133 -28.41 -3.55 -24.31
N PRO B 134 -27.57 -4.58 -24.14
CA PRO B 134 -27.55 -5.69 -25.12
C PRO B 134 -28.91 -6.37 -25.24
N ALA B 135 -29.26 -6.76 -26.47
CA ALA B 135 -30.58 -7.32 -26.73
C ALA B 135 -30.53 -8.46 -27.75
N HIS B 136 -31.17 -9.58 -27.43
CA HIS B 136 -31.25 -10.72 -28.35
C HIS B 136 -32.56 -10.85 -29.11
N LYS B 137 -33.58 -10.03 -28.81
CA LYS B 137 -34.90 -10.21 -29.38
C LYS B 137 -35.52 -8.88 -29.75
N THR B 138 -36.12 -8.80 -30.93
CA THR B 138 -36.77 -7.58 -31.36
C THR B 138 -38.13 -7.42 -30.71
N TYR B 139 -38.36 -6.26 -30.11
CA TYR B 139 -39.64 -5.87 -29.57
C TYR B 139 -40.03 -4.55 -30.21
N PRO B 140 -41.32 -4.25 -30.29
CA PRO B 140 -41.76 -3.04 -31.02
C PRO B 140 -41.22 -1.76 -30.40
N ASN B 141 -40.82 -0.85 -31.26
CA ASN B 141 -40.60 0.54 -30.86
C ASN B 141 -41.89 1.10 -30.26
N LYS B 142 -41.75 1.94 -29.25
CA LYS B 142 -42.91 2.52 -28.60
C LYS B 142 -42.59 3.95 -28.22
N LYS B 143 -43.52 4.86 -28.47
CA LYS B 143 -43.38 6.23 -28.00
C LYS B 143 -44.06 6.33 -26.65
N LEU B 144 -43.39 6.96 -25.70
CA LEU B 144 -43.89 7.06 -24.33
C LEU B 144 -44.09 8.54 -24.05
N PRO B 145 -45.26 9.08 -24.39
CA PRO B 145 -45.48 10.51 -24.20
C PRO B 145 -45.56 10.83 -22.72
N PHE B 146 -45.00 11.98 -22.34
CA PHE B 146 -45.12 12.44 -20.96
C PHE B 146 -46.57 12.68 -20.58
N ALA B 147 -47.38 13.06 -21.56
CA ALA B 147 -48.81 13.24 -21.34
C ALA B 147 -49.46 11.98 -20.78
N THR B 148 -49.26 10.85 -21.44
CA THR B 148 -49.89 9.60 -21.07
C THR B 148 -49.09 8.78 -20.05
N ALA B 149 -48.10 9.39 -19.39
CA ALA B 149 -47.33 8.58 -18.46
C ALA B 149 -48.12 8.38 -17.17
N LEU B 150 -47.78 7.33 -16.43
CA LEU B 150 -48.57 6.86 -15.29
C LEU B 150 -47.84 7.19 -14.00
N ALA B 151 -48.32 8.22 -13.29
CA ALA B 151 -47.73 8.65 -12.03
C ALA B 151 -48.33 7.96 -10.79
N LYS B 152 -47.46 7.64 -9.83
CA LYS B 152 -47.87 7.08 -8.54
C LYS B 152 -47.25 7.93 -7.44
N PRO B 153 -48.04 8.66 -6.65
CA PRO B 153 -47.45 9.43 -5.54
C PRO B 153 -47.05 8.50 -4.41
N MET B 154 -45.93 8.81 -3.76
CA MET B 154 -45.39 7.95 -2.73
C MET B 154 -44.67 8.80 -1.69
N GLY B 155 -44.60 8.26 -0.47
CA GLY B 155 -43.82 8.87 0.60
C GLY B 155 -44.57 9.96 1.32
N ASP B 156 -44.09 10.26 2.53
CA ASP B 156 -44.67 11.27 3.42
C ASP B 156 -43.64 12.34 3.73
N GLN B 157 -44.04 13.34 4.48
CA GLN B 157 -43.09 14.39 4.85
C GLN B 157 -42.20 13.95 6.01
N GLN B 158 -42.68 13.03 6.85
CA GLN B 158 -41.92 12.59 8.02
C GLN B 158 -40.61 11.92 7.60
N HIS B 159 -40.62 11.20 6.48
CA HIS B 159 -39.42 10.55 5.95
C HIS B 159 -38.73 11.33 4.82
N LEU B 160 -39.23 12.51 4.47
CA LEU B 160 -38.60 13.39 3.48
C LEU B 160 -38.43 12.71 2.14
N ASN B 161 -39.22 11.68 1.91
CA ASN B 161 -39.24 10.92 0.66
C ASN B 161 -40.42 11.28 -0.24
N LYS B 162 -41.19 12.32 0.08
CA LYS B 162 -42.39 12.65 -0.68
C LYS B 162 -42.06 12.85 -2.17
N ARG B 163 -42.70 12.07 -3.04
CA ARG B 163 -42.28 12.04 -4.43
C ARG B 163 -43.41 11.52 -5.30
N THR B 164 -43.29 11.78 -6.60
CA THR B 164 -44.14 11.20 -7.64
C THR B 164 -43.29 10.34 -8.58
N ILE B 165 -43.77 9.12 -8.85
CA ILE B 165 -43.08 8.10 -9.66
C ILE B 165 -43.71 8.03 -11.04
N TYR B 166 -42.89 7.99 -12.10
CA TYR B 166 -43.38 7.95 -13.49
C TYR B 166 -42.88 6.69 -14.19
N LYS B 167 -43.81 5.84 -14.62
CA LYS B 167 -43.47 4.66 -15.43
C LYS B 167 -43.13 5.09 -16.85
N TYR B 168 -41.97 4.66 -17.35
CA TYR B 168 -41.65 4.90 -18.75
C TYR B 168 -41.46 3.58 -19.49
N ILE B 169 -40.30 2.97 -19.29
CA ILE B 169 -40.06 1.61 -19.77
C ILE B 169 -40.20 0.70 -18.57
N ASP B 170 -41.31 -0.04 -18.57
CA ASP B 170 -41.74 -0.84 -17.44
C ASP B 170 -42.34 -2.11 -18.05
N ALA B 171 -42.05 -3.26 -17.44
CA ALA B 171 -42.55 -4.50 -18.03
C ALA B 171 -44.08 -4.60 -18.01
N SER B 172 -44.76 -3.74 -17.24
CA SER B 172 -46.21 -3.76 -17.22
C SER B 172 -46.81 -3.07 -18.44
N GLN B 173 -46.20 -1.99 -18.93
CA GLN B 173 -46.69 -1.32 -20.13
C GLN B 173 -46.15 -1.93 -21.42
N MET B 174 -45.03 -2.66 -21.34
CA MET B 174 -44.32 -3.10 -22.54
C MET B 174 -43.39 -4.25 -22.21
N ASP B 175 -42.88 -4.89 -23.25
CA ASP B 175 -41.94 -5.99 -23.14
C ASP B 175 -40.62 -5.58 -23.77
N THR B 176 -39.53 -5.73 -23.03
CA THR B 176 -38.16 -5.48 -23.50
C THR B 176 -37.27 -6.64 -23.06
N CYS B 177 -36.09 -6.71 -23.66
CA CYS B 177 -35.15 -7.76 -23.27
C CYS B 177 -34.70 -7.62 -21.81
N GLN B 178 -33.86 -6.63 -21.49
CA GLN B 178 -33.52 -6.38 -20.09
C GLN B 178 -33.69 -4.95 -19.59
N LEU B 179 -33.80 -3.94 -20.47
CA LEU B 179 -33.81 -2.55 -20.05
C LEU B 179 -35.10 -2.18 -19.30
N GLN B 180 -34.96 -1.43 -18.20
CA GLN B 180 -36.10 -0.80 -17.52
C GLN B 180 -35.73 0.62 -17.14
N MET B 181 -36.66 1.53 -17.27
CA MET B 181 -36.37 2.94 -17.04
C MET B 181 -37.56 3.62 -16.38
N GLY B 182 -37.25 4.55 -15.50
CA GLY B 182 -38.28 5.32 -14.83
C GLY B 182 -37.76 6.70 -14.47
N TYR B 183 -38.70 7.50 -13.98
CA TYR B 183 -38.51 8.92 -13.73
C TYR B 183 -39.15 9.22 -12.40
N THR B 184 -38.43 9.93 -11.53
CA THR B 184 -38.93 10.21 -10.20
C THR B 184 -38.67 11.67 -9.87
N VAL B 185 -39.73 12.39 -9.50
CA VAL B 185 -39.62 13.79 -9.12
C VAL B 185 -39.94 13.89 -7.63
N LEU B 186 -38.93 14.30 -6.87
CA LEU B 186 -39.07 14.62 -5.47
C LEU B 186 -39.72 15.98 -5.28
N GLU B 187 -40.74 16.02 -4.41
CA GLU B 187 -41.45 17.24 -4.02
C GLU B 187 -40.54 18.17 -3.23
N PRO B 188 -40.77 19.48 -3.30
CA PRO B 188 -40.07 20.40 -2.41
C PRO B 188 -40.28 19.97 -0.97
N GLY B 189 -39.23 20.10 -0.16
CA GLY B 189 -39.26 19.61 1.20
C GLY B 189 -38.96 18.14 1.35
N SER B 190 -38.57 17.45 0.28
CA SER B 190 -38.14 16.05 0.32
C SER B 190 -36.93 15.87 -0.57
N SER B 191 -35.84 15.33 -0.03
CA SER B 191 -34.67 15.00 -0.86
C SER B 191 -34.28 13.51 -0.94
N TRP B 192 -34.92 12.60 -0.22
CA TRP B 192 -34.43 11.21 -0.11
C TRP B 192 -34.97 10.33 -1.25
N ASN B 193 -34.10 9.57 -1.91
CA ASN B 193 -34.53 8.61 -2.93
C ASN B 193 -34.04 7.22 -2.57
N THR B 194 -34.92 6.24 -2.81
CA THR B 194 -34.70 4.83 -2.50
C THR B 194 -34.20 4.69 -1.07
N MET B 195 -34.85 5.38 -0.12
CA MET B 195 -34.22 5.45 1.20
C MET B 195 -34.03 4.08 1.84
N PRO B 196 -35.06 3.31 2.19
CA PRO B 196 -34.72 1.95 2.59
C PRO B 196 -34.03 1.29 1.40
N ALA B 197 -32.80 0.83 1.65
CA ALA B 197 -31.81 0.57 0.61
C ALA B 197 -31.84 -0.90 0.25
N HIS B 198 -31.63 -1.19 -1.03
CA HIS B 198 -31.71 -2.56 -1.50
C HIS B 198 -30.45 -2.93 -2.27
N THR B 199 -30.05 -4.19 -2.11
CA THR B 199 -29.14 -4.86 -3.03
C THR B 199 -29.98 -5.89 -3.79
N HIS B 200 -29.69 -6.02 -5.09
CA HIS B 200 -30.21 -7.13 -5.88
C HIS B 200 -29.04 -7.68 -6.69
N ALA B 201 -28.60 -8.89 -6.38
CA ALA B 201 -27.37 -9.41 -6.96
C ALA B 201 -27.46 -9.56 -8.49
N ARG B 202 -28.66 -9.75 -9.02
CA ARG B 202 -28.85 -10.18 -10.39
C ARG B 202 -29.13 -9.02 -11.35
N ARG B 203 -29.08 -7.77 -10.87
CA ARG B 203 -29.35 -6.58 -11.67
C ARG B 203 -28.52 -5.43 -11.11
N MET B 204 -28.25 -4.44 -11.96
CA MET B 204 -27.51 -3.24 -11.58
C MET B 204 -28.31 -2.01 -12.00
N GLU B 205 -27.90 -0.83 -11.53
CA GLU B 205 -28.65 0.38 -11.85
C GLU B 205 -27.71 1.56 -12.16
N THR B 206 -28.18 2.43 -13.04
CA THR B 206 -27.58 3.73 -13.30
C THR B 206 -28.62 4.82 -13.03
N TYR B 207 -28.24 5.76 -12.17
CA TYR B 207 -29.09 6.91 -11.82
C TYR B 207 -28.50 8.17 -12.44
N MET B 208 -29.33 8.98 -13.07
CA MET B 208 -28.90 10.29 -13.56
C MET B 208 -29.77 11.36 -12.91
N TYR B 209 -29.14 12.24 -12.12
CA TYR B 209 -29.85 13.25 -11.35
C TYR B 209 -29.84 14.57 -12.10
N PHE B 210 -30.99 15.24 -12.17
CA PHE B 210 -31.11 16.48 -12.92
C PHE B 210 -32.28 17.31 -12.40
N ASN B 211 -32.51 18.43 -13.09
CA ASN B 211 -33.53 19.39 -12.71
C ASN B 211 -33.42 19.74 -11.22
N PHE B 212 -32.22 20.15 -10.83
CA PHE B 212 -31.97 20.55 -9.45
C PHE B 212 -32.76 21.80 -9.13
N ALA B 213 -33.34 21.83 -7.93
CA ALA B 213 -34.25 22.92 -7.57
C ALA B 213 -33.58 24.28 -7.71
N ASP B 214 -32.46 24.50 -7.03
CA ASP B 214 -31.76 25.76 -7.13
C ASP B 214 -30.30 25.45 -7.47
N PRO B 215 -29.57 26.41 -8.04
CA PRO B 215 -28.22 26.10 -8.56
C PRO B 215 -27.27 25.62 -7.50
N GLU B 216 -27.51 25.93 -6.23
CA GLU B 216 -26.60 25.57 -5.17
C GLU B 216 -26.85 24.17 -4.63
N THR B 217 -27.94 23.52 -5.01
CA THR B 217 -28.23 22.22 -4.44
C THR B 217 -27.22 21.16 -4.91
N ARG B 218 -26.95 20.20 -4.02
CA ARG B 218 -26.15 19.03 -4.33
C ARG B 218 -26.90 17.78 -3.89
N VAL B 219 -26.62 16.66 -4.56
CA VAL B 219 -27.18 15.35 -4.23
C VAL B 219 -26.01 14.47 -3.81
N PHE B 220 -26.14 13.80 -2.66
CA PHE B 220 -25.15 12.85 -2.18
C PHE B 220 -25.66 11.44 -2.45
N HIS B 221 -25.01 10.74 -3.37
CA HIS B 221 -25.40 9.38 -3.74
C HIS B 221 -24.54 8.38 -3.00
N PHE B 222 -25.17 7.50 -2.23
CA PHE B 222 -24.45 6.45 -1.50
C PHE B 222 -24.35 5.19 -2.33
N LEU B 223 -23.19 4.56 -2.28
CA LEU B 223 -22.97 3.27 -2.89
C LEU B 223 -22.08 2.43 -1.99
N GLY B 224 -21.83 1.19 -2.39
CA GLY B 224 -21.05 0.27 -1.59
C GLY B 224 -21.91 -0.80 -0.96
N LYS B 225 -21.23 -1.82 -0.45
CA LYS B 225 -21.90 -2.86 0.33
C LYS B 225 -22.60 -2.22 1.52
N PRO B 226 -23.70 -2.79 2.00
CA PRO B 226 -24.45 -2.15 3.09
C PRO B 226 -23.62 -1.87 4.36
N ASP B 227 -22.58 -2.67 4.63
CA ASP B 227 -21.70 -2.41 5.78
C ASP B 227 -20.62 -1.36 5.46
N GLU B 228 -20.10 -1.34 4.25
CA GLU B 228 -19.08 -0.39 3.85
C GLU B 228 -19.67 0.56 2.78
N THR B 229 -20.12 1.75 3.17
CA THR B 229 -20.77 2.67 2.23
C THR B 229 -19.89 3.90 2.01
N ARG B 230 -19.83 4.34 0.76
CA ARG B 230 -19.18 5.59 0.40
C ARG B 230 -20.24 6.51 -0.21
N HIS B 231 -19.85 7.73 -0.60
CA HIS B 231 -20.79 8.61 -1.28
C HIS B 231 -20.03 9.44 -2.31
N ILE B 232 -20.76 9.81 -3.36
CA ILE B 232 -20.32 10.75 -4.39
C ILE B 232 -21.24 11.98 -4.38
N THR B 233 -20.63 13.17 -4.47
CA THR B 233 -21.38 14.41 -4.45
C THR B 233 -21.68 14.87 -5.87
N LEU B 234 -22.95 15.15 -6.13
CA LEU B 234 -23.47 15.31 -7.48
C LEU B 234 -23.94 16.72 -7.77
N PHE B 235 -23.45 17.29 -8.87
CA PHE B 235 -24.05 18.49 -9.43
C PHE B 235 -25.18 18.09 -10.36
N ASN B 236 -25.83 19.11 -10.91
CA ASN B 236 -26.93 18.92 -11.82
C ASN B 236 -26.46 18.23 -13.11
N GLU B 237 -27.32 17.37 -13.67
CA GLU B 237 -27.07 16.67 -14.94
C GLU B 237 -25.79 15.83 -14.90
N GLN B 238 -25.67 14.99 -13.87
CA GLN B 238 -24.60 14.01 -13.67
C GLN B 238 -25.19 12.68 -13.28
N ALA B 239 -24.44 11.59 -13.52
CA ALA B 239 -24.97 10.24 -13.32
C ALA B 239 -23.98 9.36 -12.59
N VAL B 240 -24.51 8.33 -11.91
CA VAL B 240 -23.70 7.39 -11.14
C VAL B 240 -24.17 5.97 -11.45
N VAL B 241 -23.18 5.07 -11.67
CA VAL B 241 -23.40 3.66 -11.97
C VAL B 241 -23.37 2.87 -10.68
N ASN B 242 -24.34 1.98 -10.49
CA ASN B 242 -24.43 1.22 -9.24
C ASN B 242 -24.30 -0.30 -9.42
N PRO B 243 -23.15 -0.87 -9.08
CA PRO B 243 -22.97 -2.32 -9.28
C PRO B 243 -23.95 -3.15 -8.48
N SER B 244 -24.11 -4.41 -8.93
CA SER B 244 -25.09 -5.33 -8.35
C SER B 244 -24.87 -5.53 -6.86
N TRP B 245 -23.65 -5.35 -6.38
CA TRP B 245 -23.34 -5.57 -4.98
C TRP B 245 -23.54 -4.31 -4.13
N SER B 246 -23.93 -3.20 -4.75
CA SER B 246 -23.99 -1.90 -4.09
C SER B 246 -25.42 -1.44 -3.85
N ILE B 247 -25.61 -0.73 -2.73
CA ILE B 247 -26.89 -0.04 -2.49
C ILE B 247 -27.01 1.18 -3.41
N HIS B 248 -28.25 1.64 -3.58
CA HIS B 248 -28.55 2.82 -4.38
C HIS B 248 -29.32 3.76 -3.46
N CYS B 249 -28.74 4.91 -3.14
CA CYS B 249 -29.36 5.88 -2.25
C CYS B 249 -29.06 7.28 -2.75
N GLY B 250 -29.83 8.24 -2.28
CA GLY B 250 -29.45 9.63 -2.47
C GLY B 250 -30.15 10.55 -1.51
N VAL B 251 -29.48 11.66 -1.19
CA VAL B 251 -30.06 12.75 -0.43
C VAL B 251 -29.62 14.02 -1.10
N GLY B 252 -30.57 14.93 -1.30
CA GLY B 252 -30.27 16.26 -1.76
C GLY B 252 -30.27 17.21 -0.59
N THR B 253 -29.68 18.38 -0.83
CA THR B 253 -29.87 19.49 0.08
C THR B 253 -31.20 20.16 -0.20
N THR B 254 -31.74 19.94 -1.39
CA THR B 254 -33.10 20.31 -1.77
C THR B 254 -33.68 19.18 -2.62
N ASN B 255 -34.86 19.42 -3.16
CA ASN B 255 -35.52 18.53 -4.09
C ASN B 255 -34.86 18.59 -5.45
N TYR B 256 -35.16 17.57 -6.26
CA TYR B 256 -34.53 17.30 -7.55
C TYR B 256 -35.34 16.21 -8.24
N ALA B 257 -34.87 15.79 -9.42
CA ALA B 257 -35.41 14.63 -10.13
C ALA B 257 -34.26 13.75 -10.62
N PHE B 258 -34.58 12.49 -10.90
CA PHE B 258 -33.61 11.59 -11.50
C PHE B 258 -34.31 10.56 -12.37
N ILE B 259 -33.59 10.08 -13.40
CA ILE B 259 -33.99 8.93 -14.19
C ILE B 259 -33.16 7.74 -13.75
N TRP B 260 -33.82 6.63 -13.43
CA TRP B 260 -33.14 5.37 -13.17
C TRP B 260 -33.26 4.48 -14.40
N ALA B 261 -32.18 3.74 -14.68
CA ALA B 261 -32.13 2.75 -15.75
C ALA B 261 -31.59 1.46 -15.16
N MET B 262 -32.31 0.36 -15.35
CA MET B 262 -32.03 -0.92 -14.71
C MET B 262 -31.93 -2.00 -15.77
N CYS B 263 -31.06 -2.97 -15.53
CA CYS B 263 -30.97 -4.13 -16.38
C CYS B 263 -30.29 -5.22 -15.57
N GLY B 264 -30.13 -6.38 -16.19
CA GLY B 264 -29.60 -7.54 -15.52
C GLY B 264 -30.08 -8.78 -16.23
N GLU B 265 -30.01 -9.90 -15.52
CA GLU B 265 -30.41 -11.16 -16.13
C GLU B 265 -31.87 -11.49 -15.89
N ASN B 266 -32.58 -10.68 -15.11
CA ASN B 266 -34.01 -10.81 -14.95
C ASN B 266 -34.62 -9.41 -14.91
N GLN B 267 -35.93 -9.37 -15.18
CA GLN B 267 -36.71 -8.15 -15.00
C GLN B 267 -37.54 -8.16 -13.72
N THR B 268 -37.37 -9.15 -12.85
CA THR B 268 -38.20 -9.30 -11.66
C THR B 268 -37.78 -8.31 -10.57
N TYR B 269 -38.69 -7.39 -10.22
CA TYR B 269 -38.39 -6.35 -9.25
C TYR B 269 -38.31 -6.87 -7.83
N ASP B 270 -38.99 -7.97 -7.53
CA ASP B 270 -38.98 -8.57 -6.20
C ASP B 270 -37.68 -9.28 -5.88
N ASP B 271 -36.80 -9.51 -6.86
CA ASP B 271 -35.60 -10.31 -6.64
C ASP B 271 -34.67 -9.69 -5.58
N MET B 272 -34.74 -8.38 -5.37
CA MET B 272 -33.83 -7.73 -4.44
C MET B 272 -34.01 -8.26 -3.02
N ASP B 273 -32.94 -8.18 -2.23
CA ASP B 273 -33.02 -8.38 -0.80
C ASP B 273 -32.67 -7.05 -0.15
N GLN B 274 -33.68 -6.38 0.40
CA GLN B 274 -33.47 -5.07 1.00
C GLN B 274 -32.75 -5.22 2.33
N VAL B 275 -31.71 -4.41 2.55
CA VAL B 275 -30.95 -4.48 3.79
C VAL B 275 -31.72 -3.76 4.89
N ALA B 276 -31.83 -4.40 6.05
CA ALA B 276 -32.38 -3.75 7.23
C ALA B 276 -31.44 -2.64 7.67
N MET B 277 -31.93 -1.73 8.52
CA MET B 277 -31.14 -0.52 8.71
C MET B 277 -30.08 -0.84 9.76
N ASN B 278 -28.96 -1.33 9.24
CA ASN B 278 -27.64 -1.31 9.85
C ASN B 278 -26.68 -1.04 8.71
N GLU B 279 -25.99 0.10 8.75
CA GLU B 279 -25.08 0.48 7.69
C GLU B 279 -23.84 1.07 8.34
N LEU B 280 -22.67 0.61 7.89
CA LEU B 280 -21.39 0.87 8.55
C LEU B 280 -21.33 0.19 9.92
N SER C 2 -16.97 -0.50 36.65
CA SER C 2 -17.47 -0.32 35.29
C SER C 2 -17.36 1.16 34.89
N PHE C 3 -16.11 1.61 34.76
CA PHE C 3 -15.74 2.89 34.18
C PHE C 3 -14.88 2.65 32.96
N SER C 4 -15.08 3.44 31.90
CA SER C 4 -14.27 3.31 30.70
C SER C 4 -13.93 4.69 30.14
N MET C 5 -12.66 4.87 29.79
CA MET C 5 -12.23 6.01 28.98
C MET C 5 -11.27 5.50 27.92
N VAL C 6 -11.61 5.72 26.66
CA VAL C 6 -10.76 5.29 25.56
C VAL C 6 -10.06 6.50 25.01
N THR C 7 -8.85 6.30 24.50
CA THR C 7 -8.03 7.36 23.93
C THR C 7 -8.06 7.31 22.41
N ARG C 8 -8.16 8.48 21.78
CA ARG C 8 -8.15 8.63 20.33
C ARG C 8 -7.20 9.74 19.94
N TYR C 9 -6.28 9.44 19.04
CA TYR C 9 -5.23 10.34 18.57
C TYR C 9 -5.75 11.29 17.49
N ALA C 10 -5.05 12.41 17.34
CA ALA C 10 -5.32 13.33 16.25
C ALA C 10 -4.77 12.77 14.95
N HIS C 11 -5.22 13.34 13.83
CA HIS C 11 -4.77 12.94 12.51
C HIS C 11 -4.76 14.16 11.59
N SER C 12 -4.01 14.04 10.50
CA SER C 12 -4.11 14.93 9.36
C SER C 12 -5.19 14.47 8.39
N PRO C 13 -5.62 15.34 7.48
CA PRO C 13 -6.47 14.87 6.38
C PRO C 13 -5.85 13.75 5.57
N GLU C 14 -4.56 13.90 5.23
CA GLU C 14 -3.84 12.86 4.49
C GLU C 14 -3.92 11.53 5.22
N ASP C 15 -3.78 11.54 6.54
CA ASP C 15 -3.77 10.29 7.30
C ASP C 15 -5.04 9.47 7.08
N ILE C 16 -6.20 10.13 6.94
CA ILE C 16 -7.46 9.38 6.83
C ILE C 16 -7.90 9.12 5.40
N GLN C 17 -7.22 9.69 4.41
CA GLN C 17 -7.73 9.71 3.05
C GLN C 17 -8.08 8.30 2.57
N HIS C 18 -7.29 7.32 2.97
CA HIS C 18 -7.54 5.95 2.56
C HIS C 18 -8.14 5.06 3.64
N TYR C 19 -8.53 5.61 4.80
CA TYR C 19 -9.26 4.83 5.79
C TYR C 19 -10.48 4.13 5.16
N ASP C 20 -10.67 2.85 5.53
CA ASP C 20 -11.91 2.17 5.15
C ASP C 20 -13.01 2.51 6.17
N THR C 21 -14.20 1.96 5.94
CA THR C 21 -15.34 2.29 6.81
C THR C 21 -15.06 1.87 8.25
N SER C 22 -14.51 0.68 8.42
CA SER C 22 -14.27 0.17 9.77
C SER C 22 -13.26 1.02 10.52
N LYS C 23 -12.30 1.61 9.80
CA LYS C 23 -11.26 2.42 10.43
C LYS C 23 -11.79 3.79 10.84
N LEU C 24 -12.51 4.48 9.94
CA LEU C 24 -13.16 5.76 10.30
C LEU C 24 -13.97 5.64 11.57
N ARG C 25 -14.81 4.60 11.64
CA ARG C 25 -15.61 4.41 12.84
C ARG C 25 -14.71 4.22 14.05
N HIS C 26 -13.64 3.47 13.91
CA HIS C 26 -12.83 3.26 15.09
C HIS C 26 -12.20 4.58 15.54
N GLU C 27 -11.80 5.43 14.59
CA GLU C 27 -11.08 6.66 14.93
C GLU C 27 -11.99 7.78 15.41
N PHE C 28 -13.09 8.03 14.70
CA PHE C 28 -13.94 9.19 14.95
C PHE C 28 -15.27 8.90 15.66
N LEU C 29 -15.64 7.65 15.92
CA LEU C 29 -17.01 7.35 16.34
C LEU C 29 -17.02 6.67 17.71
N MET C 30 -17.77 7.24 18.64
CA MET C 30 -18.00 6.60 19.93
C MET C 30 -19.34 5.86 19.81
N GLU C 31 -19.29 4.52 19.77
CA GLU C 31 -20.50 3.77 19.46
C GLU C 31 -21.41 3.56 20.67
N LYS C 32 -20.88 3.59 21.89
CA LYS C 32 -21.72 3.47 23.08
C LYS C 32 -21.30 4.50 24.11
N ILE C 33 -22.27 5.31 24.53
CA ILE C 33 -22.13 6.49 25.39
C ILE C 33 -22.94 6.29 26.66
N PHE C 34 -24.21 6.02 26.51
CA PHE C 34 -25.11 5.81 27.64
C PHE C 34 -25.38 4.31 27.82
N ASN C 35 -24.85 3.75 28.90
CA ASN C 35 -25.16 2.38 29.26
C ASN C 35 -25.45 2.33 30.76
N PRO C 36 -26.46 1.55 31.18
CA PRO C 36 -26.90 1.62 32.58
C PRO C 36 -25.82 1.21 33.57
N GLY C 37 -25.60 2.06 34.56
CA GLY C 37 -24.63 1.81 35.61
C GLY C 37 -23.20 2.21 35.29
N ASP C 38 -22.91 2.68 34.08
CA ASP C 38 -21.54 2.86 33.62
C ASP C 38 -21.18 4.31 33.35
N ILE C 39 -19.86 4.56 33.37
CA ILE C 39 -19.25 5.77 32.85
C ILE C 39 -18.61 5.37 31.53
N LEU C 40 -18.95 6.05 30.44
CA LEU C 40 -18.31 5.82 29.17
C LEU C 40 -17.72 7.14 28.69
N LEU C 41 -16.43 7.15 28.38
CA LEU C 41 -15.72 8.38 28.04
C LEU C 41 -14.72 8.11 26.91
N THR C 42 -14.49 9.14 26.10
CA THR C 42 -13.44 9.17 25.08
C THR C 42 -12.55 10.37 25.32
N TYR C 43 -11.24 10.17 25.18
CA TYR C 43 -10.25 11.24 25.25
C TYR C 43 -9.71 11.42 23.83
N THR C 44 -10.03 12.54 23.22
CA THR C 44 -9.51 12.83 21.89
C THR C 44 -8.37 13.83 21.97
N TYR C 45 -7.30 13.58 21.21
CA TYR C 45 -6.19 14.52 21.14
C TYR C 45 -6.51 15.67 20.22
N ASN C 46 -7.75 15.79 19.77
CA ASN C 46 -8.14 17.06 19.21
C ASN C 46 -8.53 17.92 20.40
N ASP C 47 -7.62 18.81 20.80
CA ASP C 47 -7.77 19.73 21.93
C ASP C 47 -8.10 19.03 23.25
N ARG C 48 -7.81 17.74 23.38
CA ARG C 48 -7.92 17.00 24.65
C ARG C 48 -9.30 17.09 25.28
N MET C 49 -10.34 17.06 24.45
CA MET C 49 -11.70 16.99 24.98
C MET C 49 -11.99 15.60 25.54
N ILE C 50 -12.68 15.58 26.67
CA ILE C 50 -13.24 14.35 27.25
C ILE C 50 -14.76 14.41 27.12
N PHE C 51 -15.35 13.36 26.56
CA PHE C 51 -16.80 13.33 26.41
C PHE C 51 -17.29 11.90 26.53
N GLY C 52 -18.55 11.78 26.91
CA GLY C 52 -19.13 10.49 27.17
C GLY C 52 -20.43 10.63 27.94
N GLY C 53 -20.77 9.60 28.69
CA GLY C 53 -22.00 9.60 29.44
C GLY C 53 -21.89 8.91 30.77
N VAL C 54 -22.76 9.34 31.68
CA VAL C 54 -22.86 8.85 33.04
C VAL C 54 -24.31 8.49 33.27
N MET C 55 -24.60 7.20 33.49
CA MET C 55 -25.97 6.72 33.64
C MET C 55 -26.10 6.03 35.00
N PRO C 56 -26.28 6.80 36.08
CA PRO C 56 -26.37 6.15 37.40
C PRO C 56 -27.69 5.40 37.53
N THR C 57 -27.62 4.23 38.17
CA THR C 57 -28.82 3.48 38.51
C THR C 57 -28.85 3.12 40.00
N ASP C 58 -28.10 2.10 40.39
CA ASP C 58 -28.16 1.66 41.77
C ASP C 58 -27.26 2.50 42.65
N GLU C 59 -26.01 2.68 42.27
CA GLU C 59 -25.08 3.40 43.11
C GLU C 59 -24.80 4.78 42.52
N PRO C 60 -24.40 5.75 43.34
CA PRO C 60 -23.96 7.04 42.82
C PRO C 60 -22.67 6.89 42.02
N LEU C 61 -22.55 7.73 40.99
CA LEU C 61 -21.43 7.66 40.06
C LEU C 61 -20.66 8.96 40.12
N GLU C 62 -19.34 8.84 40.11
CA GLU C 62 -18.45 9.97 40.09
C GLU C 62 -17.32 9.64 39.13
N ILE C 63 -16.82 10.67 38.46
CA ILE C 63 -15.70 10.49 37.55
C ILE C 63 -14.44 10.70 38.37
N LYS C 64 -13.73 9.59 38.65
CA LYS C 64 -12.51 9.63 39.44
C LYS C 64 -11.36 9.44 38.47
N LEU C 65 -10.69 10.55 38.17
CA LEU C 65 -9.49 10.54 37.36
C LEU C 65 -8.52 11.46 38.08
N SER C 66 -7.41 10.93 38.53
CA SER C 66 -6.45 11.82 39.13
C SER C 66 -5.09 11.60 38.52
N THR C 67 -4.46 10.48 38.89
CA THR C 67 -3.14 10.18 38.39
C THR C 67 -3.18 9.90 36.89
N GLU C 68 -4.31 9.42 36.37
CA GLU C 68 -4.40 9.17 34.93
C GLU C 68 -4.27 10.47 34.13
N LEU C 69 -4.85 11.55 34.64
CA LEU C 69 -4.67 12.89 34.07
C LEU C 69 -3.57 13.68 34.76
N GLY C 70 -2.81 13.06 35.66
CA GLY C 70 -1.70 13.74 36.30
C GLY C 70 -2.08 14.85 37.25
N VAL C 71 -3.21 14.71 37.94
CA VAL C 71 -3.76 15.74 38.81
C VAL C 71 -4.31 15.06 40.05
N ASP C 72 -4.67 15.87 41.06
CA ASP C 72 -5.18 15.28 42.29
C ASP C 72 -6.65 14.90 42.18
N PHE C 73 -7.42 15.63 41.38
CA PHE C 73 -8.81 15.31 41.18
C PHE C 73 -9.21 15.74 39.78
N PHE C 74 -10.32 15.16 39.30
CA PHE C 74 -10.69 15.23 37.90
C PHE C 74 -10.64 16.64 37.36
N LEU C 75 -11.26 17.59 38.06
CA LEU C 75 -11.47 18.93 37.56
C LEU C 75 -10.39 19.92 37.98
N GLN C 76 -9.32 19.45 38.61
CA GLN C 76 -8.29 20.38 39.10
C GLN C 76 -7.80 21.30 37.99
N ARG C 77 -7.47 20.76 36.82
CA ARG C 77 -7.13 21.57 35.64
C ARG C 77 -8.21 21.61 34.56
N ARG C 78 -9.41 21.09 34.79
CA ARG C 78 -10.41 21.01 33.72
C ARG C 78 -11.73 21.66 34.13
N GLU C 79 -12.57 21.92 33.13
CA GLU C 79 -13.96 22.33 33.36
C GLU C 79 -14.90 21.28 32.78
N LEU C 80 -16.20 21.42 33.08
CA LEU C 80 -17.14 20.35 32.78
C LEU C 80 -18.48 20.93 32.37
N GLY C 81 -18.97 20.55 31.19
CA GLY C 81 -20.36 20.76 30.83
C GLY C 81 -21.19 19.50 31.03
N ILE C 82 -22.46 19.68 31.34
CA ILE C 82 -23.37 18.56 31.59
C ILE C 82 -24.72 18.88 31.00
N ILE C 83 -25.31 17.95 30.27
CA ILE C 83 -26.70 18.02 29.87
C ILE C 83 -27.29 16.65 30.12
N ASN C 84 -28.46 16.60 30.75
CA ASN C 84 -29.12 15.36 31.08
C ASN C 84 -30.19 15.09 30.02
N ILE C 85 -29.96 14.06 29.19
CA ILE C 85 -30.93 13.69 28.17
C ILE C 85 -31.90 12.61 28.62
N GLY C 86 -31.71 12.05 29.81
CA GLY C 86 -32.50 10.95 30.32
C GLY C 86 -33.53 11.33 31.35
N GLY C 87 -33.79 10.41 32.28
CA GLY C 87 -34.76 10.59 33.33
C GLY C 87 -34.28 11.58 34.39
N ALA C 88 -35.13 11.74 35.42
CA ALA C 88 -34.85 12.69 36.48
C ALA C 88 -33.63 12.27 37.28
N GLY C 89 -32.82 13.26 37.67
CA GLY C 89 -31.61 12.94 38.41
C GLY C 89 -31.06 14.15 39.11
N ALA C 90 -29.83 14.01 39.61
CA ALA C 90 -29.19 15.05 40.39
C ALA C 90 -27.67 14.97 40.27
N ILE C 91 -27.03 16.12 40.38
CA ILE C 91 -25.59 16.21 40.63
C ILE C 91 -25.39 16.91 41.96
N THR C 92 -24.57 16.32 42.82
CA THR C 92 -24.21 16.95 44.08
C THR C 92 -22.79 17.50 43.93
N ILE C 93 -22.66 18.80 44.07
CA ILE C 93 -21.40 19.52 43.93
C ILE C 93 -20.87 19.83 45.32
N ASP C 94 -19.83 19.10 45.72
CA ASP C 94 -19.20 19.26 47.04
C ASP C 94 -20.22 19.17 48.17
N GLY C 95 -21.10 18.17 48.09
CA GLY C 95 -22.11 17.94 49.10
C GLY C 95 -23.42 18.65 48.89
N ARG C 96 -23.49 19.61 47.98
CA ARG C 96 -24.71 20.36 47.72
C ARG C 96 -25.48 19.70 46.57
N LYS C 97 -26.62 19.11 46.88
CA LYS C 97 -27.38 18.36 45.88
C LYS C 97 -28.30 19.29 45.11
N ASP C 98 -28.16 19.27 43.78
CA ASP C 98 -28.98 20.08 42.89
C ASP C 98 -29.63 19.13 41.87
N ALA C 99 -30.95 19.23 41.74
CA ALA C 99 -31.72 18.32 40.91
C ALA C 99 -31.61 18.69 39.44
N MET C 100 -31.64 17.69 38.58
CA MET C 100 -31.57 17.91 37.15
C MET C 100 -32.65 17.10 36.47
N SER C 101 -33.59 17.79 35.82
CA SER C 101 -34.64 17.14 35.06
C SER C 101 -34.13 16.82 33.66
N ASN C 102 -35.03 16.32 32.82
CA ASN C 102 -34.70 16.07 31.43
C ASN C 102 -34.33 17.36 30.71
N GLN C 103 -33.22 17.30 29.98
CA GLN C 103 -32.66 18.40 29.20
C GLN C 103 -32.22 19.58 30.06
N ASP C 104 -31.99 19.35 31.35
CA ASP C 104 -31.36 20.36 32.18
C ASP C 104 -29.84 20.30 31.97
N GLY C 105 -29.22 21.48 31.88
CA GLY C 105 -27.79 21.59 31.75
C GLY C 105 -27.09 22.04 33.02
N TYR C 106 -25.77 21.87 33.05
CA TYR C 106 -24.97 22.36 34.15
C TYR C 106 -23.57 22.66 33.64
N TYR C 107 -22.97 23.72 34.18
CA TYR C 107 -21.57 24.02 33.96
C TYR C 107 -20.86 23.96 35.30
N ILE C 108 -19.68 23.36 35.32
CA ILE C 108 -18.94 23.19 36.56
C ILE C 108 -17.51 23.61 36.30
N GLY C 109 -17.07 24.66 37.03
CA GLY C 109 -15.80 25.29 36.77
C GLY C 109 -14.64 24.58 37.41
N MET C 110 -13.44 25.02 37.02
CA MET C 110 -12.21 24.39 37.47
C MET C 110 -12.05 24.49 38.99
N GLY C 111 -11.62 23.39 39.61
CA GLY C 111 -11.35 23.37 41.02
C GLY C 111 -12.39 22.64 41.85
N THR C 112 -13.54 22.34 41.28
CA THR C 112 -14.56 21.64 42.05
C THR C 112 -14.10 20.21 42.30
N GLN C 113 -14.03 19.82 43.57
CA GLN C 113 -13.36 18.56 43.85
C GLN C 113 -14.26 17.35 43.68
N LYS C 114 -15.56 17.48 43.87
CA LYS C 114 -16.41 16.31 43.87
C LYS C 114 -17.71 16.63 43.14
N VAL C 115 -17.99 15.86 42.09
CA VAL C 115 -19.27 15.93 41.37
C VAL C 115 -19.83 14.52 41.34
N VAL C 116 -21.01 14.31 41.94
CA VAL C 116 -21.60 13.00 42.08
C VAL C 116 -22.93 12.97 41.34
N PHE C 117 -23.13 11.94 40.53
CA PHE C 117 -24.29 11.76 39.68
C PHE C 117 -25.19 10.69 40.28
N THR C 118 -26.47 11.03 40.46
CA THR C 118 -27.46 10.09 40.93
C THR C 118 -28.69 10.17 40.05
N SER C 119 -29.50 9.10 40.09
CA SER C 119 -30.78 9.05 39.41
C SER C 119 -31.87 8.82 40.43
N GLU C 120 -33.05 9.36 40.15
CA GLU C 120 -34.16 9.16 41.07
C GLU C 120 -34.68 7.73 40.98
N ASP C 121 -35.22 7.35 39.81
CA ASP C 121 -35.76 6.02 39.55
C ASP C 121 -34.69 5.15 38.90
N ARG C 122 -34.39 4.00 39.51
CA ARG C 122 -33.42 3.09 38.90
C ARG C 122 -33.81 2.67 37.49
N ASP C 123 -35.10 2.57 37.22
CA ASP C 123 -35.57 2.06 35.94
C ASP C 123 -35.84 3.15 34.91
N HIS C 124 -35.76 4.41 35.28
CA HIS C 124 -35.83 5.53 34.35
C HIS C 124 -34.65 6.45 34.65
N PRO C 125 -33.43 5.97 34.40
CA PRO C 125 -32.26 6.71 34.90
C PRO C 125 -32.01 7.97 34.11
N ALA C 126 -31.20 8.84 34.71
CA ALA C 126 -30.70 10.01 34.01
C ALA C 126 -29.54 9.60 33.11
N LYS C 127 -29.49 10.18 31.93
CA LYS C 127 -28.36 9.98 31.03
C LYS C 127 -27.66 11.32 30.98
N PHE C 128 -26.52 11.40 31.67
CA PHE C 128 -25.79 12.65 31.77
C PHE C 128 -24.76 12.64 30.66
N TYR C 129 -24.94 13.50 29.66
CA TYR C 129 -23.91 13.75 28.66
C TYR C 129 -23.01 14.80 29.25
N VAL C 130 -21.70 14.47 29.33
CA VAL C 130 -20.68 15.28 29.99
C VAL C 130 -19.59 15.60 28.99
N VAL C 131 -19.10 16.84 29.01
CA VAL C 131 -17.99 17.27 28.18
C VAL C 131 -17.00 18.06 29.03
N SER C 132 -15.74 17.65 29.02
CA SER C 132 -14.70 18.29 29.79
C SER C 132 -13.60 18.78 28.87
N THR C 133 -13.14 19.99 29.11
CA THR C 133 -12.01 20.56 28.41
C THR C 133 -10.99 21.09 29.41
N PRO C 134 -9.72 21.16 29.02
CA PRO C 134 -8.71 21.76 29.91
C PRO C 134 -9.09 23.19 30.26
N ALA C 135 -8.80 23.60 31.49
CA ALA C 135 -9.16 24.93 31.95
C ALA C 135 -8.11 25.47 32.91
N HIS C 136 -7.71 26.74 32.72
CA HIS C 136 -6.75 27.40 33.60
C HIS C 136 -7.39 28.36 34.60
N LYS C 137 -8.70 28.56 34.55
CA LYS C 137 -9.35 29.58 35.37
C LYS C 137 -10.67 29.06 35.92
N THR C 138 -10.89 29.30 37.22
CA THR C 138 -12.16 28.95 37.84
C THR C 138 -13.21 30.01 37.51
N TYR C 139 -14.35 29.56 37.00
CA TYR C 139 -15.54 30.34 36.69
C TYR C 139 -16.69 29.79 37.50
N PRO C 140 -17.72 30.59 37.75
CA PRO C 140 -18.78 30.11 38.61
C PRO C 140 -19.52 28.94 37.98
N ASN C 141 -19.76 27.92 38.81
CA ASN C 141 -20.72 26.89 38.49
C ASN C 141 -22.07 27.55 38.21
N LYS C 142 -22.78 27.01 37.22
CA LYS C 142 -24.06 27.58 36.82
C LYS C 142 -25.01 26.46 36.42
N LYS C 143 -26.25 26.55 36.89
CA LYS C 143 -27.28 25.63 36.42
C LYS C 143 -27.99 26.26 35.23
N LEU C 144 -28.23 25.44 34.21
CA LEU C 144 -28.81 25.89 32.94
C LEU C 144 -30.13 25.18 32.73
N PRO C 145 -31.23 25.70 33.25
CA PRO C 145 -32.50 24.97 33.18
C PRO C 145 -33.04 24.91 31.77
N PHE C 146 -33.67 23.79 31.43
CA PHE C 146 -34.40 23.76 30.16
C PHE C 146 -35.56 24.74 30.18
N ALA C 147 -36.08 25.06 31.39
CA ALA C 147 -37.16 26.03 31.55
C ALA C 147 -36.84 27.36 30.86
N THR C 148 -35.70 27.97 31.17
CA THR C 148 -35.29 29.17 30.45
C THR C 148 -34.50 28.59 29.28
N ALA C 149 -35.17 28.47 28.14
CA ALA C 149 -34.60 27.72 27.03
C ALA C 149 -33.59 28.52 26.23
N LEU C 150 -33.90 29.79 25.94
CA LEU C 150 -33.17 30.54 24.93
C LEU C 150 -33.28 29.80 23.60
N ALA C 151 -34.52 29.37 23.31
CA ALA C 151 -34.89 28.63 22.10
C ALA C 151 -35.07 29.58 20.93
N LYS C 152 -34.92 29.03 19.71
CA LYS C 152 -35.10 29.85 18.52
C LYS C 152 -35.19 29.00 17.26
N PRO C 153 -36.22 29.22 16.46
CA PRO C 153 -36.40 28.46 15.23
C PRO C 153 -35.48 28.92 14.11
N MET C 154 -35.10 27.95 13.27
CA MET C 154 -34.20 28.25 12.17
C MET C 154 -34.54 27.37 10.99
N GLY C 155 -34.24 27.85 9.79
CA GLY C 155 -34.38 27.04 8.61
C GLY C 155 -35.80 27.04 8.05
N ASP C 156 -35.90 26.60 6.80
CA ASP C 156 -37.17 26.52 6.08
C ASP C 156 -37.42 25.07 5.68
N GLN C 157 -38.58 24.82 5.09
CA GLN C 157 -38.90 23.45 4.69
C GLN C 157 -38.24 23.06 3.37
N GLN C 158 -37.97 24.01 2.48
CA GLN C 158 -37.37 23.66 1.19
C GLN C 158 -35.98 23.04 1.39
N HIS C 159 -35.24 23.55 2.38
CA HIS C 159 -33.89 23.08 2.65
C HIS C 159 -33.84 22.02 3.74
N LEU C 160 -35.00 21.60 4.24
CA LEU C 160 -35.16 20.45 5.12
C LEU C 160 -34.32 20.57 6.40
N ASN C 161 -33.99 21.80 6.78
CA ASN C 161 -33.25 22.16 7.98
C ASN C 161 -34.10 22.75 9.11
N LYS C 162 -35.43 22.73 8.99
CA LYS C 162 -36.31 23.38 9.98
C LYS C 162 -36.03 22.81 11.37
N ARG C 163 -35.65 23.68 12.31
CA ARG C 163 -35.07 23.23 13.58
C ARG C 163 -35.21 24.28 14.66
N THR C 164 -35.02 23.83 15.90
CA THR C 164 -34.94 24.70 17.07
C THR C 164 -33.54 24.64 17.68
N ILE C 165 -32.95 25.82 17.93
CA ILE C 165 -31.64 25.95 18.56
C ILE C 165 -31.80 26.39 20.00
N TYR C 166 -31.09 25.70 20.90
CA TYR C 166 -31.15 25.99 22.34
C TYR C 166 -29.74 26.30 22.81
N LYS C 167 -29.52 27.52 23.30
CA LYS C 167 -28.24 27.90 23.88
C LYS C 167 -28.07 27.29 25.26
N TYR C 168 -26.92 26.68 25.51
CA TYR C 168 -26.67 26.20 26.86
C TYR C 168 -25.46 26.89 27.48
N ILE C 169 -24.27 26.53 27.05
CA ILE C 169 -23.06 27.21 27.49
C ILE C 169 -22.59 28.08 26.33
N ASP C 170 -22.76 29.39 26.46
CA ASP C 170 -22.54 30.33 25.37
C ASP C 170 -21.87 31.56 25.94
N ALA C 171 -20.86 32.07 25.22
CA ALA C 171 -20.03 33.17 25.73
C ALA C 171 -20.77 34.49 25.89
N SER C 172 -21.93 34.66 25.27
CA SER C 172 -22.69 35.88 25.46
C SER C 172 -23.48 35.85 26.77
N GLN C 173 -24.02 34.70 27.14
CA GLN C 173 -24.73 34.52 28.40
C GLN C 173 -23.80 34.17 29.57
N MET C 174 -22.59 33.72 29.31
CA MET C 174 -21.82 33.06 30.35
C MET C 174 -20.34 33.16 30.06
N ASP C 175 -19.55 32.82 31.08
CA ASP C 175 -18.10 32.85 30.96
C ASP C 175 -17.57 31.43 31.18
N THR C 176 -16.80 30.93 30.20
CA THR C 176 -16.06 29.68 30.34
C THR C 176 -14.68 29.87 29.73
N CYS C 177 -13.78 28.95 30.06
CA CYS C 177 -12.44 29.02 29.48
C CYS C 177 -12.49 28.82 27.96
N GLN C 178 -12.98 27.66 27.51
CA GLN C 178 -13.12 27.26 26.10
C GLN C 178 -14.45 26.62 25.76
N LEU C 179 -14.95 25.76 26.64
CA LEU C 179 -16.11 24.93 26.32
C LEU C 179 -17.31 25.78 25.89
N GLN C 180 -17.95 25.32 24.82
CA GLN C 180 -19.23 25.86 24.36
C GLN C 180 -20.11 24.67 24.03
N MET C 181 -21.39 24.73 24.40
CA MET C 181 -22.29 23.61 24.18
C MET C 181 -23.66 24.13 23.82
N GLY C 182 -24.33 23.39 22.97
CA GLY C 182 -25.67 23.69 22.56
C GLY C 182 -26.39 22.42 22.18
N TYR C 183 -27.67 22.59 21.93
CA TYR C 183 -28.62 21.52 21.71
C TYR C 183 -29.47 21.97 20.53
N THR C 184 -29.65 21.08 19.56
CA THR C 184 -30.36 21.40 18.34
C THR C 184 -31.37 20.31 18.05
N VAL C 185 -32.63 20.67 17.95
CA VAL C 185 -33.71 19.73 17.68
C VAL C 185 -34.25 20.00 16.29
N LEU C 186 -34.03 19.05 15.39
CA LEU C 186 -34.67 19.09 14.08
C LEU C 186 -36.14 18.73 14.21
N GLU C 187 -36.99 19.57 13.64
CA GLU C 187 -38.41 19.29 13.61
C GLU C 187 -38.73 18.13 12.67
N PRO C 188 -39.81 17.40 12.91
CA PRO C 188 -40.21 16.35 11.99
C PRO C 188 -40.31 16.86 10.55
N GLY C 189 -39.89 16.01 9.61
CA GLY C 189 -39.87 16.37 8.20
C GLY C 189 -38.67 17.17 7.77
N SER C 190 -37.67 17.34 8.65
CA SER C 190 -36.38 17.97 8.37
C SER C 190 -35.29 17.14 9.04
N SER C 191 -34.30 16.74 8.27
CA SER C 191 -33.15 16.02 8.82
C SER C 191 -31.77 16.68 8.72
N TRP C 192 -31.61 17.82 8.04
CA TRP C 192 -30.27 18.36 7.73
C TRP C 192 -29.77 19.23 8.88
N ASN C 193 -28.51 19.04 9.29
CA ASN C 193 -27.90 19.89 10.30
C ASN C 193 -26.61 20.49 9.76
N THR C 194 -26.39 21.75 10.10
CA THR C 194 -25.23 22.52 9.66
C THR C 194 -25.05 22.37 8.16
N MET C 195 -26.15 22.51 7.40
CA MET C 195 -26.05 22.19 5.97
C MET C 195 -25.09 23.14 5.26
N PRO C 196 -25.30 24.45 5.23
CA PRO C 196 -24.16 25.28 4.83
C PRO C 196 -23.06 24.97 5.83
N ALA C 197 -21.95 24.47 5.31
CA ALA C 197 -21.00 23.75 6.13
C ALA C 197 -19.74 24.59 6.29
N HIS C 198 -19.08 24.43 7.44
CA HIS C 198 -17.99 25.32 7.80
C HIS C 198 -16.83 24.51 8.37
N THR C 199 -15.63 25.07 8.23
CA THR C 199 -14.42 24.51 8.82
C THR C 199 -13.65 25.64 9.47
N HIS C 200 -13.36 25.49 10.76
CA HIS C 200 -12.67 26.52 11.53
C HIS C 200 -11.38 25.94 12.11
N ALA C 201 -10.24 26.39 11.59
CA ALA C 201 -8.94 25.87 12.02
C ALA C 201 -8.71 26.03 13.51
N ARG C 202 -9.33 27.02 14.16
CA ARG C 202 -8.97 27.32 15.53
C ARG C 202 -9.89 26.67 16.54
N ARG C 203 -10.84 25.84 16.08
CA ARG C 203 -11.78 25.17 16.98
C ARG C 203 -12.15 23.82 16.38
N MET C 204 -12.53 22.90 17.26
CA MET C 204 -13.00 21.58 16.88
C MET C 204 -14.35 21.38 17.54
N GLU C 205 -15.11 20.40 17.04
CA GLU C 205 -16.46 20.16 17.54
C GLU C 205 -16.73 18.67 17.66
N THR C 206 -17.52 18.30 18.66
CA THR C 206 -18.02 16.95 18.81
C THR C 206 -19.54 16.99 18.82
N TYR C 207 -20.15 16.17 17.96
CA TYR C 207 -21.59 16.04 17.84
C TYR C 207 -21.99 14.72 18.48
N MET C 208 -23.01 14.73 19.33
CA MET C 208 -23.61 13.53 19.90
C MET C 208 -25.06 13.54 19.51
N TYR C 209 -25.48 12.55 18.72
CA TYR C 209 -26.83 12.46 18.17
C TYR C 209 -27.70 11.54 19.02
N PHE C 210 -28.92 11.97 19.30
CA PHE C 210 -29.84 11.22 20.15
C PHE C 210 -31.28 11.60 19.80
N ASN C 211 -32.23 11.04 20.56
CA ASN C 211 -33.67 11.26 20.34
C ASN C 211 -34.06 11.04 18.88
N PHE C 212 -33.67 9.88 18.36
CA PHE C 212 -34.08 9.51 17.01
C PHE C 212 -35.59 9.28 16.99
N ALA C 213 -36.25 9.77 15.93
CA ALA C 213 -37.71 9.69 15.87
C ALA C 213 -38.19 8.24 15.94
N ASP C 214 -37.62 7.36 15.12
CA ASP C 214 -38.01 5.95 15.08
C ASP C 214 -36.82 5.07 15.41
N PRO C 215 -37.06 3.82 15.83
CA PRO C 215 -35.94 2.93 16.17
C PRO C 215 -35.04 2.63 14.98
N GLU C 216 -35.57 2.75 13.77
CA GLU C 216 -34.87 2.52 12.51
C GLU C 216 -34.19 3.76 11.96
N THR C 217 -34.31 4.90 12.63
CA THR C 217 -33.70 6.11 12.11
C THR C 217 -32.19 5.94 12.04
N ARG C 218 -31.57 6.52 11.02
CA ARG C 218 -30.12 6.58 10.92
C ARG C 218 -29.71 8.01 10.57
N VAL C 219 -28.54 8.41 11.06
CA VAL C 219 -27.98 9.70 10.73
C VAL C 219 -26.64 9.49 10.04
N PHE C 220 -26.47 10.13 8.88
CA PHE C 220 -25.21 10.09 8.14
C PHE C 220 -24.48 11.39 8.43
N HIS C 221 -23.37 11.29 9.14
CA HIS C 221 -22.55 12.44 9.50
C HIS C 221 -21.38 12.54 8.54
N PHE C 222 -21.29 13.65 7.83
CA PHE C 222 -20.17 13.86 6.94
C PHE C 222 -19.03 14.56 7.67
N LEU C 223 -17.80 14.10 7.41
CA LEU C 223 -16.61 14.76 7.91
C LEU C 223 -15.57 14.76 6.79
N GLY C 224 -14.43 15.38 7.05
CA GLY C 224 -13.36 15.46 6.08
C GLY C 224 -13.20 16.86 5.53
N LYS C 225 -12.06 17.04 4.85
CA LYS C 225 -11.82 18.25 4.09
C LYS C 225 -12.95 18.45 3.08
N PRO C 226 -13.30 19.70 2.78
CA PRO C 226 -14.47 19.90 1.91
C PRO C 226 -14.36 19.21 0.56
N ASP C 227 -13.14 19.06 0.03
CA ASP C 227 -12.97 18.40 -1.25
C ASP C 227 -12.98 16.88 -1.13
N GLU C 228 -12.46 16.35 -0.04
CA GLU C 228 -12.47 14.91 0.21
C GLU C 228 -13.36 14.66 1.43
N THR C 229 -14.62 14.29 1.21
CA THR C 229 -15.57 14.11 2.32
C THR C 229 -15.91 12.63 2.49
N ARG C 230 -16.04 12.20 3.74
CA ARG C 230 -16.50 10.89 4.14
C ARG C 230 -17.77 11.01 4.94
N HIS C 231 -18.30 9.87 5.36
CA HIS C 231 -19.43 9.92 6.26
C HIS C 231 -19.41 8.72 7.20
N ILE C 232 -19.98 8.92 8.38
CA ILE C 232 -20.27 7.85 9.33
C ILE C 232 -21.77 7.80 9.59
N THR C 233 -22.34 6.59 9.60
CA THR C 233 -23.75 6.39 9.87
C THR C 233 -23.94 5.99 11.34
N LEU C 234 -24.87 6.65 12.01
CA LEU C 234 -24.99 6.57 13.46
C LEU C 234 -26.29 5.93 13.90
N PHE C 235 -26.20 5.10 14.93
CA PHE C 235 -27.39 4.77 15.70
C PHE C 235 -27.71 5.92 16.66
N ASN C 236 -28.79 5.73 17.40
CA ASN C 236 -29.19 6.68 18.42
C ASN C 236 -28.16 6.70 19.54
N GLU C 237 -27.93 7.88 20.13
CA GLU C 237 -27.03 8.04 21.28
C GLU C 237 -25.59 7.63 20.95
N GLN C 238 -25.07 8.21 19.86
CA GLN C 238 -23.69 8.03 19.42
C GLN C 238 -23.07 9.39 19.08
N ALA C 239 -21.74 9.44 19.05
CA ALA C 239 -21.02 10.70 18.91
C ALA C 239 -19.90 10.61 17.87
N VAL C 240 -19.58 11.76 17.28
CA VAL C 240 -18.55 11.82 16.25
C VAL C 240 -17.66 13.04 16.53
N VAL C 241 -16.32 12.84 16.48
CA VAL C 241 -15.34 13.90 16.73
C VAL C 241 -14.96 14.53 15.39
N ASN C 242 -14.96 15.87 15.32
CA ASN C 242 -14.70 16.57 14.06
C ASN C 242 -13.52 17.51 14.14
N PRO C 243 -12.35 17.09 13.67
CA PRO C 243 -11.14 17.89 13.80
C PRO C 243 -11.26 19.25 13.11
N SER C 244 -10.36 20.15 13.48
CA SER C 244 -10.43 21.53 13.03
C SER C 244 -10.47 21.64 11.51
N TRP C 245 -9.92 20.65 10.82
CA TRP C 245 -9.83 20.73 9.36
C TRP C 245 -11.02 20.10 8.66
N SER C 246 -11.99 19.55 9.38
CA SER C 246 -13.06 18.77 8.78
C SER C 246 -14.39 19.50 8.82
N ILE C 247 -15.21 19.28 7.79
CA ILE C 247 -16.57 19.79 7.82
C ILE C 247 -17.36 19.02 8.87
N HIS C 248 -18.50 19.60 9.27
CA HIS C 248 -19.45 19.00 10.21
C HIS C 248 -20.82 19.05 9.51
N CYS C 249 -21.38 17.89 9.21
CA CYS C 249 -22.67 17.80 8.55
C CYS C 249 -23.40 16.58 9.07
N GLY C 250 -24.70 16.57 8.86
CA GLY C 250 -25.46 15.36 9.08
C GLY C 250 -26.78 15.40 8.36
N VAL C 251 -27.28 14.22 8.00
CA VAL C 251 -28.61 14.03 7.43
C VAL C 251 -29.23 12.82 8.10
N GLY C 252 -30.46 12.95 8.54
CA GLY C 252 -31.20 11.83 9.06
C GLY C 252 -32.18 11.25 8.05
N THR C 253 -32.59 10.03 8.31
CA THR C 253 -33.71 9.47 7.58
C THR C 253 -35.02 9.96 8.15
N THR C 254 -34.99 10.41 9.40
CA THR C 254 -36.06 11.14 10.06
C THR C 254 -35.42 12.25 10.87
N ASN C 255 -36.25 12.96 11.64
CA ASN C 255 -35.76 13.95 12.57
C ASN C 255 -35.13 13.27 13.77
N TYR C 256 -34.36 14.07 14.52
CA TYR C 256 -33.51 13.64 15.63
C TYR C 256 -33.05 14.89 16.36
N ALA C 257 -32.20 14.69 17.36
CA ALA C 257 -31.54 15.79 18.06
C ALA C 257 -30.06 15.49 18.20
N PHE C 258 -29.29 16.54 18.42
CA PHE C 258 -27.89 16.38 18.74
C PHE C 258 -27.45 17.49 19.67
N ILE C 259 -26.50 17.14 20.54
CA ILE C 259 -25.79 18.09 21.38
C ILE C 259 -24.43 18.30 20.76
N TRP C 260 -24.10 19.56 20.47
CA TRP C 260 -22.76 19.90 20.00
C TRP C 260 -21.94 20.48 21.13
N ALA C 261 -20.67 20.14 21.15
CA ALA C 261 -19.70 20.68 22.09
C ALA C 261 -18.48 21.14 21.31
N MET C 262 -18.06 22.37 21.58
CA MET C 262 -17.02 23.03 20.82
C MET C 262 -15.93 23.50 21.78
N CYS C 263 -14.69 23.50 21.31
CA CYS C 263 -13.60 24.13 22.04
C CYS C 263 -12.48 24.43 21.05
N GLY C 264 -11.44 25.06 21.55
CA GLY C 264 -10.34 25.48 20.69
C GLY C 264 -9.59 26.58 21.39
N GLU C 265 -8.84 27.34 20.62
CA GLU C 265 -8.07 28.39 21.25
C GLU C 265 -8.82 29.72 21.30
N ASN C 266 -10.01 29.81 20.70
CA ASN C 266 -10.85 30.99 20.83
C ASN C 266 -12.31 30.56 20.99
N GLN C 267 -13.13 31.49 21.50
CA GLN C 267 -14.58 31.30 21.55
C GLN C 267 -15.33 32.06 20.46
N THR C 268 -14.61 32.74 19.56
CA THR C 268 -15.22 33.49 18.46
C THR C 268 -16.09 32.58 17.57
N TYR C 269 -17.36 32.95 17.42
CA TYR C 269 -18.30 32.16 16.64
C TYR C 269 -18.30 32.51 15.15
N ASP C 270 -17.72 33.64 14.75
CA ASP C 270 -17.60 33.97 13.35
C ASP C 270 -16.21 33.64 12.78
N ASP C 271 -15.32 33.06 13.57
CA ASP C 271 -14.01 32.67 13.04
C ASP C 271 -14.20 31.25 12.50
N MET C 272 -14.46 31.16 11.20
CA MET C 272 -14.83 29.95 10.51
C MET C 272 -14.66 30.21 9.02
N ASP C 273 -14.66 29.14 8.24
CA ASP C 273 -14.65 29.26 6.78
C ASP C 273 -15.89 28.58 6.22
N GLN C 274 -16.79 29.39 5.64
CA GLN C 274 -17.95 28.86 4.95
C GLN C 274 -17.52 28.10 3.69
N VAL C 275 -18.16 26.96 3.43
CA VAL C 275 -17.87 26.14 2.26
C VAL C 275 -18.95 26.42 1.22
N ALA C 276 -18.56 27.09 0.13
CA ALA C 276 -19.43 27.16 -1.04
C ALA C 276 -19.73 25.74 -1.52
N MET C 277 -20.89 25.58 -2.16
CA MET C 277 -21.50 24.25 -2.26
C MET C 277 -20.70 23.23 -3.06
N ASN C 278 -19.54 23.63 -3.62
CA ASN C 278 -18.73 22.67 -4.37
C ASN C 278 -17.84 21.96 -3.38
N GLU C 279 -18.22 20.72 -3.06
CA GLU C 279 -17.49 19.84 -2.16
C GLU C 279 -17.58 18.44 -2.76
N LEU C 280 -16.46 17.85 -3.13
CA LEU C 280 -16.47 16.62 -3.92
C LEU C 280 -16.79 15.37 -3.08
N SER D 2 8.83 39.30 5.06
CA SER D 2 9.48 38.12 5.59
C SER D 2 8.98 37.74 7.00
N PHE D 3 7.69 37.41 7.07
CA PHE D 3 7.07 36.75 8.21
C PHE D 3 6.52 35.43 7.69
N SER D 4 6.72 34.36 8.45
CA SER D 4 6.32 33.01 8.06
C SER D 4 5.67 32.30 9.23
N MET D 5 4.53 31.66 8.99
CA MET D 5 3.96 30.69 9.94
C MET D 5 3.42 29.51 9.16
N VAL D 6 3.90 28.31 9.49
CA VAL D 6 3.47 27.11 8.79
C VAL D 6 2.55 26.35 9.73
N THR D 7 1.65 25.58 9.12
CA THR D 7 0.74 24.74 9.88
C THR D 7 1.22 23.29 9.76
N ARG D 8 1.14 22.55 10.87
CA ARG D 8 1.47 21.15 10.88
C ARG D 8 0.43 20.42 11.72
N TYR D 9 -0.16 19.36 11.16
CA TYR D 9 -1.18 18.57 11.86
C TYR D 9 -0.51 17.57 12.79
N ALA D 10 -1.23 17.16 13.83
CA ALA D 10 -0.79 16.07 14.69
C ALA D 10 -1.08 14.74 14.02
N HIS D 11 -0.55 13.65 14.64
CA HIS D 11 -0.68 12.29 14.12
C HIS D 11 -0.71 11.28 15.25
N SER D 12 -1.17 10.11 14.94
CA SER D 12 -1.04 8.98 15.84
C SER D 12 0.30 8.27 15.63
N PRO D 13 0.72 7.43 16.59
CA PRO D 13 1.86 6.53 16.32
C PRO D 13 1.67 5.72 15.07
N GLU D 14 0.48 5.16 14.89
CA GLU D 14 0.17 4.38 13.69
C GLU D 14 0.40 5.19 12.42
N ASP D 15 0.05 6.48 12.43
CA ASP D 15 0.12 7.28 11.21
C ASP D 15 1.55 7.37 10.64
N ILE D 16 2.58 7.45 11.49
CA ILE D 16 3.93 7.72 11.00
C ILE D 16 4.73 6.48 10.71
N GLN D 17 4.21 5.30 11.03
CA GLN D 17 5.01 4.08 11.01
C GLN D 17 5.72 3.90 9.68
N HIS D 18 5.06 4.28 8.59
CA HIS D 18 5.59 4.15 7.24
C HIS D 18 6.09 5.44 6.59
N TYR D 19 6.12 6.58 7.32
CA TYR D 19 6.74 7.80 6.79
C TYR D 19 8.18 7.55 6.35
N ASP D 20 8.57 8.09 5.18
CA ASP D 20 9.99 8.04 4.84
C ASP D 20 10.70 9.22 5.51
N THR D 21 12.03 9.33 5.34
CA THR D 21 12.77 10.33 6.10
C THR D 21 12.31 11.74 5.77
N SER D 22 12.05 12.01 4.50
CA SER D 22 11.67 13.37 4.14
C SER D 22 10.31 13.74 4.72
N LYS D 23 9.43 12.76 4.92
CA LYS D 23 8.08 13.02 5.43
C LYS D 23 8.12 13.35 6.93
N LEU D 24 8.85 12.55 7.70
CA LEU D 24 9.07 12.89 9.11
C LEU D 24 9.62 14.30 9.24
N ARG D 25 10.62 14.64 8.42
CA ARG D 25 11.20 15.97 8.50
C ARG D 25 10.16 17.04 8.20
N HIS D 26 9.36 16.82 7.16
CA HIS D 26 8.36 17.81 6.82
C HIS D 26 7.33 17.93 7.93
N GLU D 27 6.95 16.81 8.51
CA GLU D 27 5.90 16.80 9.50
C GLU D 27 6.40 17.27 10.87
N PHE D 28 7.53 16.76 11.34
CA PHE D 28 8.00 17.03 12.69
C PHE D 28 9.19 17.98 12.83
N LEU D 29 9.80 18.45 11.75
CA LEU D 29 11.09 19.14 11.86
C LEU D 29 10.95 20.53 11.29
N MET D 30 11.36 21.52 12.09
CA MET D 30 11.42 22.92 11.67
C MET D 30 12.85 23.24 11.24
N GLU D 31 13.05 23.41 9.93
CA GLU D 31 14.40 23.49 9.40
C GLU D 31 15.01 24.89 9.47
N LYS D 32 14.21 25.95 9.49
CA LYS D 32 14.73 27.30 9.62
C LYS D 32 13.94 28.02 10.68
N ILE D 33 14.64 28.50 11.69
CA ILE D 33 14.01 29.15 12.82
C ILE D 33 14.54 30.59 12.85
N PHE D 34 15.85 30.71 12.96
CA PHE D 34 16.52 32.00 13.06
C PHE D 34 17.10 32.40 11.72
N ASN D 35 16.52 33.40 11.09
CA ASN D 35 17.08 34.03 9.91
C ASN D 35 17.10 35.53 10.16
N PRO D 36 18.16 36.22 9.75
CA PRO D 36 18.29 37.63 10.13
C PRO D 36 17.15 38.45 9.54
N GLY D 37 16.52 39.25 10.41
CA GLY D 37 15.46 40.14 10.01
C GLY D 37 14.06 39.56 9.98
N ASP D 38 13.92 38.26 10.22
CA ASP D 38 12.68 37.54 9.95
C ASP D 38 12.09 36.99 11.24
N ILE D 39 10.80 36.71 11.16
CA ILE D 39 10.10 35.84 12.11
C ILE D 39 9.71 34.58 11.35
N LEU D 40 10.08 33.42 11.90
CA LEU D 40 9.71 32.12 11.35
C LEU D 40 9.01 31.32 12.44
N LEU D 41 7.82 30.82 12.13
CA LEU D 41 6.99 30.19 13.15
C LEU D 41 6.34 28.97 12.56
N THR D 42 6.04 28.00 13.41
CA THR D 42 5.23 26.87 13.03
C THR D 42 4.07 26.77 14.02
N TYR D 43 2.90 26.43 13.50
CA TYR D 43 1.74 26.19 14.34
C TYR D 43 1.54 24.69 14.27
N THR D 44 1.73 24.03 15.40
CA THR D 44 1.49 22.60 15.48
C THR D 44 0.18 22.32 16.20
N TYR D 45 -0.57 21.36 15.67
CA TYR D 45 -1.82 20.90 16.27
C TYR D 45 -1.59 19.93 17.41
N ASN D 46 -0.35 19.74 17.85
CA ASN D 46 -0.15 19.11 19.15
C ASN D 46 -0.27 20.25 20.17
N ASP D 47 -1.43 20.32 20.82
CA ASP D 47 -1.78 21.31 21.83
C ASP D 47 -1.65 22.76 21.34
N ARG D 48 -1.68 22.98 20.03
CA ARG D 48 -1.73 24.33 19.44
C ARG D 48 -0.58 25.20 19.95
N MET D 49 0.59 24.59 20.08
CA MET D 49 1.79 25.36 20.40
C MET D 49 2.28 26.09 19.16
N ILE D 50 2.67 27.35 19.35
CA ILE D 50 3.31 28.18 18.32
C ILE D 50 4.78 28.34 18.70
N PHE D 51 5.68 28.01 17.77
CA PHE D 51 7.08 28.20 18.09
C PHE D 51 7.88 28.59 16.85
N GLY D 52 9.02 29.22 17.11
CA GLY D 52 9.82 29.74 16.03
C GLY D 52 10.84 30.71 16.58
N GLY D 53 11.29 31.62 15.73
CA GLY D 53 12.25 32.61 16.19
C GLY D 53 12.06 33.95 15.54
N VAL D 54 12.50 34.99 16.25
CA VAL D 54 12.46 36.36 15.78
C VAL D 54 13.88 36.90 15.97
N MET D 55 14.48 37.35 14.87
CA MET D 55 15.86 37.83 14.88
C MET D 55 15.84 39.27 14.36
N PRO D 56 15.57 40.25 15.23
CA PRO D 56 15.48 41.63 14.73
C PRO D 56 16.84 42.17 14.32
N THR D 57 16.85 42.89 13.20
CA THR D 57 18.08 43.54 12.76
C THR D 57 17.93 45.04 12.56
N ASP D 58 17.34 45.46 11.44
CA ASP D 58 17.13 46.88 11.19
C ASP D 58 15.82 47.37 11.79
N GLU D 59 14.76 46.71 11.48
CA GLU D 59 13.42 47.07 11.91
C GLU D 59 13.03 46.28 13.15
N PRO D 60 12.33 46.91 14.10
CA PRO D 60 11.80 46.16 15.24
C PRO D 60 10.74 45.18 14.79
N LEU D 61 10.67 44.05 15.48
CA LEU D 61 9.82 42.95 15.04
C LEU D 61 8.76 42.64 16.08
N GLU D 62 7.54 42.40 15.60
CA GLU D 62 6.43 41.99 16.46
C GLU D 62 5.64 40.91 15.74
N ILE D 63 5.11 39.97 16.51
CA ILE D 63 4.32 38.90 15.94
C ILE D 63 2.89 39.40 15.93
N LYS D 64 2.40 39.73 14.74
CA LYS D 64 1.09 40.34 14.62
C LYS D 64 0.16 39.23 14.15
N LEU D 65 -0.65 38.72 15.06
CA LEU D 65 -1.64 37.71 14.72
C LEU D 65 -2.95 38.09 15.41
N SER D 66 -3.99 38.32 14.62
CA SER D 66 -5.32 38.57 15.16
C SER D 66 -6.38 37.69 14.49
N THR D 67 -6.68 38.00 13.22
CA THR D 67 -7.74 37.29 12.53
C THR D 67 -7.40 35.82 12.35
N GLU D 68 -6.12 35.53 12.09
CA GLU D 68 -5.69 34.15 11.83
C GLU D 68 -5.83 33.27 13.06
N LEU D 69 -5.60 33.82 14.26
CA LEU D 69 -5.85 33.11 15.51
C LEU D 69 -7.24 33.42 16.07
N GLY D 70 -8.07 34.13 15.31
CA GLY D 70 -9.43 34.39 15.71
C GLY D 70 -9.59 35.26 16.94
N VAL D 71 -8.67 36.21 17.15
CA VAL D 71 -8.63 37.04 18.35
C VAL D 71 -8.24 38.46 17.96
N ASP D 72 -8.32 39.37 18.91
CA ASP D 72 -7.98 40.75 18.57
C ASP D 72 -6.48 41.01 18.57
N PHE D 73 -5.71 40.29 19.39
CA PHE D 73 -4.27 40.43 19.42
C PHE D 73 -3.65 39.08 19.83
N PHE D 74 -2.35 38.94 19.54
CA PHE D 74 -1.67 37.65 19.64
C PHE D 74 -1.96 36.96 20.97
N LEU D 75 -1.78 37.70 22.05
CA LEU D 75 -1.81 37.16 23.40
C LEU D 75 -3.17 37.29 24.10
N GLN D 76 -4.22 37.69 23.37
CA GLN D 76 -5.52 37.80 24.03
C GLN D 76 -5.90 36.52 24.74
N ARG D 77 -5.83 35.38 24.05
CA ARG D 77 -6.06 34.10 24.69
C ARG D 77 -4.79 33.27 24.88
N ARG D 78 -3.61 33.81 24.59
CA ARG D 78 -2.41 32.99 24.69
C ARG D 78 -1.36 33.62 25.59
N GLU D 79 -0.40 32.80 26.03
CA GLU D 79 0.80 33.25 26.72
C GLU D 79 2.04 32.96 25.87
N LEU D 80 3.17 33.51 26.29
CA LEU D 80 4.41 33.52 25.51
C LEU D 80 5.61 33.42 26.43
N GLY D 81 6.48 32.42 26.17
CA GLY D 81 7.83 32.41 26.71
C GLY D 81 8.86 32.90 25.70
N ILE D 82 9.95 33.50 26.20
CA ILE D 82 11.01 34.00 25.33
C ILE D 82 12.35 33.68 25.98
N ILE D 83 13.27 33.15 25.18
CA ILE D 83 14.66 33.00 25.58
C ILE D 83 15.51 33.56 24.44
N ASN D 84 16.48 34.37 24.80
CA ASN D 84 17.38 34.98 23.82
C ASN D 84 18.68 34.15 23.80
N ILE D 85 18.91 33.45 22.67
CA ILE D 85 20.14 32.66 22.54
C ILE D 85 21.27 33.40 21.86
N GLY D 86 21.03 34.56 21.29
CA GLY D 86 22.04 35.38 20.66
C GLY D 86 22.45 36.58 21.50
N GLY D 87 22.87 37.64 20.83
CA GLY D 87 23.37 38.81 21.53
C GLY D 87 22.31 39.63 22.26
N ALA D 88 22.79 40.68 22.89
CA ALA D 88 21.94 41.51 23.75
C ALA D 88 20.83 42.19 22.96
N GLY D 89 19.69 42.33 23.62
CA GLY D 89 18.58 42.98 22.98
C GLY D 89 17.60 43.46 24.01
N ALA D 90 16.42 43.81 23.54
CA ALA D 90 15.41 44.33 24.44
C ALA D 90 14.05 43.99 23.86
N ILE D 91 13.07 43.86 24.75
CA ILE D 91 11.67 43.82 24.37
C ILE D 91 10.99 45.02 25.01
N THR D 92 10.25 45.76 24.23
CA THR D 92 9.43 46.83 24.77
C THR D 92 8.02 46.25 24.82
N ILE D 93 7.51 46.10 26.04
CA ILE D 93 6.17 45.57 26.31
C ILE D 93 5.27 46.76 26.60
N ASP D 94 4.39 47.06 25.65
CA ASP D 94 3.46 48.17 25.80
C ASP D 94 4.20 49.47 26.13
N GLY D 95 5.31 49.69 25.42
CA GLY D 95 6.13 50.88 25.58
C GLY D 95 7.22 50.78 26.62
N ARG D 96 7.17 49.80 27.53
CA ARG D 96 8.16 49.66 28.59
C ARG D 96 9.27 48.74 28.10
N LYS D 97 10.46 49.31 27.87
CA LYS D 97 11.56 48.57 27.27
C LYS D 97 12.37 47.91 28.37
N ASP D 98 12.61 46.60 28.24
CA ASP D 98 13.41 45.87 29.20
C ASP D 98 14.52 45.16 28.43
N ALA D 99 15.76 45.30 28.88
CA ALA D 99 16.87 44.75 28.12
C ALA D 99 16.94 43.25 28.33
N MET D 100 17.35 42.55 27.28
CA MET D 100 17.47 41.09 27.26
C MET D 100 18.90 40.81 26.86
N SER D 101 19.67 40.26 27.78
CA SER D 101 21.03 39.91 27.40
C SER D 101 21.02 38.53 26.77
N ASN D 102 22.21 38.03 26.43
CA ASN D 102 22.31 36.68 25.93
C ASN D 102 21.86 35.75 27.04
N GLN D 103 21.02 34.77 26.68
CA GLN D 103 20.48 33.76 27.58
C GLN D 103 19.57 34.36 28.67
N ASP D 104 19.04 35.56 28.44
CA ASP D 104 17.98 36.14 29.27
C ASP D 104 16.63 35.54 28.91
N GLY D 105 15.83 35.25 29.94
CA GLY D 105 14.49 34.74 29.74
C GLY D 105 13.40 35.77 29.96
N TYR D 106 12.20 35.43 29.46
CA TYR D 106 11.04 36.26 29.71
C TYR D 106 9.77 35.43 29.63
N TYR D 107 8.81 35.76 30.50
CA TYR D 107 7.45 35.23 30.42
C TYR D 107 6.48 36.38 30.21
N ILE D 108 5.54 36.20 29.31
CA ILE D 108 4.58 37.26 29.01
C ILE D 108 3.18 36.66 29.03
N GLY D 109 2.36 37.14 29.97
CA GLY D 109 1.08 36.53 30.26
C GLY D 109 -0.01 36.93 29.30
N MET D 110 -1.12 36.21 29.43
CA MET D 110 -2.28 36.42 28.59
C MET D 110 -2.84 37.82 28.81
N GLY D 111 -3.18 38.49 27.72
CA GLY D 111 -3.76 39.80 27.75
C GLY D 111 -2.82 40.91 27.35
N THR D 112 -1.52 40.65 27.35
CA THR D 112 -0.56 41.68 26.96
C THR D 112 -0.59 41.86 25.44
N GLN D 113 -0.87 43.07 25.00
CA GLN D 113 -1.20 43.40 23.62
C GLN D 113 -0.03 43.64 22.68
N LYS D 114 1.12 44.08 23.18
CA LYS D 114 2.22 44.49 22.30
C LYS D 114 3.53 43.97 22.86
N VAL D 115 4.22 43.13 22.09
CA VAL D 115 5.58 42.69 22.39
C VAL D 115 6.43 43.02 21.17
N VAL D 116 7.47 43.83 21.37
CA VAL D 116 8.33 44.30 20.29
C VAL D 116 9.76 43.86 20.58
N PHE D 117 10.36 43.15 19.64
CA PHE D 117 11.68 42.57 19.84
C PHE D 117 12.70 43.45 19.13
N THR D 118 13.72 43.88 19.88
CA THR D 118 14.81 44.66 19.31
C THR D 118 16.13 44.09 19.79
N SER D 119 17.18 44.32 19.01
CA SER D 119 18.55 43.98 19.37
C SER D 119 19.40 45.24 19.29
N GLU D 120 20.48 45.28 20.08
CA GLU D 120 21.35 46.45 20.03
C GLU D 120 22.13 46.46 18.72
N ASP D 121 23.00 45.49 18.53
CA ASP D 121 23.82 45.42 17.33
C ASP D 121 23.09 44.60 16.27
N ARG D 122 22.81 45.22 15.12
CA ARG D 122 22.20 44.52 14.00
C ARG D 122 23.08 43.40 13.46
N ASP D 123 24.40 43.51 13.63
CA ASP D 123 25.34 42.54 13.05
C ASP D 123 25.64 41.37 13.98
N HIS D 124 25.25 41.45 15.25
CA HIS D 124 25.22 40.32 16.17
C HIS D 124 23.85 40.33 16.87
N PRO D 125 22.77 40.11 16.12
CA PRO D 125 21.45 40.40 16.67
C PRO D 125 21.06 39.41 17.75
N ALA D 126 19.96 39.74 18.39
CA ALA D 126 19.32 38.84 19.35
C ALA D 126 18.59 37.75 18.59
N LYS D 127 18.61 36.55 19.15
CA LYS D 127 17.86 35.44 18.61
C LYS D 127 16.81 35.05 19.65
N PHE D 128 15.56 35.39 19.38
CA PHE D 128 14.48 35.16 20.34
C PHE D 128 13.81 33.87 19.95
N TYR D 129 14.00 32.82 20.73
CA TYR D 129 13.21 31.60 20.58
C TYR D 129 11.92 31.79 21.37
N VAL D 130 10.78 31.68 20.69
CA VAL D 130 9.48 32.01 21.28
C VAL D 130 8.56 30.81 21.22
N VAL D 131 7.84 30.57 22.32
CA VAL D 131 6.86 29.51 22.41
C VAL D 131 5.62 30.09 23.03
N SER D 132 4.47 29.91 22.37
CA SER D 132 3.19 30.40 22.85
C SER D 132 2.21 29.25 22.97
N THR D 133 1.51 29.21 24.10
CA THR D 133 0.44 28.25 24.28
C THR D 133 -0.85 28.99 24.60
N PRO D 134 -2.00 28.39 24.26
CA PRO D 134 -3.28 29.02 24.64
C PRO D 134 -3.36 29.22 26.14
N ALA D 135 -3.97 30.33 26.55
CA ALA D 135 -3.97 30.69 27.96
C ALA D 135 -5.33 31.24 28.34
N HIS D 136 -5.88 30.76 29.44
CA HIS D 136 -7.16 31.24 29.96
C HIS D 136 -7.04 32.21 31.13
N LYS D 137 -5.84 32.49 31.65
CA LYS D 137 -5.70 33.31 32.84
C LYS D 137 -4.50 34.21 32.73
N THR D 138 -4.66 35.49 33.05
CA THR D 138 -3.54 36.42 33.03
C THR D 138 -2.71 36.23 34.29
N TYR D 139 -1.42 36.06 34.09
CA TYR D 139 -0.39 35.97 35.11
C TYR D 139 0.63 37.06 34.84
N PRO D 140 1.38 37.50 35.85
CA PRO D 140 2.28 38.64 35.64
C PRO D 140 3.38 38.32 34.64
N ASN D 141 3.66 39.30 33.77
CA ASN D 141 4.90 39.27 33.00
C ASN D 141 6.10 39.26 33.96
N LYS D 142 7.13 38.48 33.61
CA LYS D 142 8.29 38.29 34.46
C LYS D 142 9.55 38.14 33.62
N LYS D 143 10.62 38.79 34.05
CA LYS D 143 11.92 38.61 33.43
C LYS D 143 12.64 37.50 34.18
N LEU D 144 13.27 36.61 33.42
CA LEU D 144 13.92 35.42 33.94
C LEU D 144 15.39 35.54 33.62
N PRO D 145 16.16 36.18 34.50
CA PRO D 145 17.58 36.39 34.21
C PRO D 145 18.33 35.07 34.18
N PHE D 146 19.36 35.01 33.34
CA PHE D 146 20.22 33.83 33.39
C PHE D 146 20.86 33.67 34.77
N ALA D 147 21.16 34.77 35.45
CA ALA D 147 21.74 34.68 36.78
C ALA D 147 20.83 33.92 37.75
N THR D 148 19.58 34.35 37.90
CA THR D 148 18.72 33.78 38.93
C THR D 148 17.95 32.56 38.46
N ALA D 149 18.25 32.03 37.28
CA ALA D 149 17.62 30.80 36.84
C ALA D 149 18.31 29.65 37.54
N LEU D 150 17.56 28.89 38.34
CA LEU D 150 18.19 27.89 39.20
C LEU D 150 18.75 26.76 38.36
N ALA D 151 20.08 26.60 38.39
CA ALA D 151 20.77 25.54 37.67
C ALA D 151 20.84 24.26 38.49
N LYS D 152 20.59 23.13 37.85
CA LYS D 152 20.69 21.83 38.51
C LYS D 152 21.64 20.95 37.69
N PRO D 153 22.83 20.64 38.19
CA PRO D 153 23.75 19.75 37.46
C PRO D 153 23.29 18.31 37.52
N MET D 154 23.52 17.58 36.43
CA MET D 154 23.11 16.19 36.33
C MET D 154 24.02 15.43 35.37
N GLY D 155 24.06 14.12 35.56
CA GLY D 155 24.75 13.23 34.64
C GLY D 155 26.23 13.09 34.92
N ASP D 156 26.80 12.02 34.39
CA ASP D 156 28.22 11.72 34.55
C ASP D 156 28.88 11.49 33.19
N GLN D 157 30.19 11.27 33.21
CA GLN D 157 30.90 11.04 31.97
C GLN D 157 30.71 9.60 31.49
N GLN D 158 30.48 8.65 32.40
CA GLN D 158 30.30 7.26 31.97
C GLN D 158 29.07 7.13 31.09
N HIS D 159 28.02 7.88 31.40
CA HIS D 159 26.79 7.83 30.63
C HIS D 159 26.67 8.95 29.60
N LEU D 160 27.70 9.77 29.44
CA LEU D 160 27.84 10.77 28.37
C LEU D 160 26.66 11.73 28.32
N ASN D 161 25.94 11.82 29.41
CA ASN D 161 24.80 12.70 29.55
C ASN D 161 25.09 13.93 30.41
N LYS D 162 26.36 14.17 30.77
CA LYS D 162 26.70 15.23 31.72
C LYS D 162 26.24 16.62 31.25
N ARG D 163 25.41 17.27 32.07
CA ARG D 163 24.79 18.54 31.67
C ARG D 163 24.32 19.30 32.90
N THR D 164 24.08 20.58 32.70
CA THR D 164 23.45 21.43 33.69
C THR D 164 22.09 21.83 33.14
N ILE D 165 21.05 21.68 33.96
CA ILE D 165 19.69 22.00 33.55
C ILE D 165 19.31 23.34 34.18
N TYR D 166 18.78 24.24 33.36
CA TYR D 166 18.44 25.59 33.82
C TYR D 166 16.93 25.77 33.71
N LYS D 167 16.29 25.87 34.87
CA LYS D 167 14.87 26.17 34.89
C LYS D 167 14.68 27.65 34.67
N TYR D 168 13.80 27.99 33.74
CA TYR D 168 13.45 29.36 33.40
C TYR D 168 11.99 29.60 33.80
N ILE D 169 11.07 29.01 33.05
CA ILE D 169 9.65 29.02 33.40
C ILE D 169 9.37 27.66 34.00
N ASP D 170 9.15 27.64 35.31
CA ASP D 170 9.00 26.42 36.07
C ASP D 170 7.90 26.65 37.09
N ALA D 171 6.98 25.70 37.22
CA ALA D 171 5.82 25.91 38.09
C ALA D 171 6.21 26.07 39.56
N SER D 172 7.45 25.76 39.92
CA SER D 172 7.88 25.98 41.29
C SER D 172 8.28 27.43 41.54
N GLN D 173 8.96 28.08 40.60
CA GLN D 173 9.35 29.47 40.80
C GLN D 173 8.28 30.47 40.36
N MET D 174 7.34 30.05 39.53
CA MET D 174 6.41 30.99 38.93
C MET D 174 5.18 30.21 38.46
N ASP D 175 4.13 30.95 38.13
CA ASP D 175 2.86 30.41 37.72
C ASP D 175 2.61 30.79 36.26
N THR D 176 2.19 29.80 35.47
CA THR D 176 1.76 30.00 34.10
C THR D 176 0.50 29.18 33.87
N CYS D 177 -0.17 29.45 32.77
CA CYS D 177 -1.34 28.65 32.46
C CYS D 177 -0.96 27.19 32.24
N GLN D 178 -0.19 26.92 31.17
CA GLN D 178 0.31 25.60 30.79
C GLN D 178 1.81 25.60 30.50
N LEU D 179 2.31 26.62 29.78
CA LEU D 179 3.68 26.62 29.26
C LEU D 179 4.74 26.38 30.33
N GLN D 180 5.73 25.54 30.00
CA GLN D 180 6.93 25.34 30.79
C GLN D 180 8.11 25.35 29.82
N MET D 181 9.20 25.98 30.24
CA MET D 181 10.33 26.16 29.33
C MET D 181 11.62 26.16 30.11
N GLY D 182 12.67 25.58 29.53
CA GLY D 182 13.98 25.51 30.16
C GLY D 182 15.10 25.42 29.15
N TYR D 183 16.32 25.43 29.68
CA TYR D 183 17.55 25.53 28.89
C TYR D 183 18.52 24.46 29.38
N THR D 184 19.06 23.68 28.44
CA THR D 184 19.92 22.55 28.77
C THR D 184 21.17 22.57 27.90
N VAL D 185 22.33 22.59 28.56
CA VAL D 185 23.65 22.58 27.93
C VAL D 185 24.39 21.33 28.37
N LEU D 186 24.71 20.47 27.41
CA LEU D 186 25.63 19.35 27.64
C LEU D 186 27.07 19.84 27.70
N GLU D 187 27.78 19.41 28.73
CA GLU D 187 29.21 19.67 28.84
C GLU D 187 30.00 18.95 27.73
N PRO D 188 31.19 19.44 27.39
CA PRO D 188 32.00 18.80 26.34
C PRO D 188 32.18 17.30 26.54
N GLY D 189 32.19 16.56 25.44
CA GLY D 189 32.36 15.15 25.63
C GLY D 189 31.14 14.40 26.09
N SER D 190 29.96 15.05 26.09
CA SER D 190 28.67 14.45 26.43
C SER D 190 27.69 14.90 25.36
N SER D 191 26.99 13.95 24.71
CA SER D 191 25.96 14.29 23.75
C SER D 191 24.54 13.84 24.04
N TRP D 192 24.27 13.10 25.11
CA TRP D 192 22.96 12.47 25.31
C TRP D 192 22.00 13.35 26.10
N ASN D 193 20.76 13.45 25.66
CA ASN D 193 19.76 14.17 26.44
C ASN D 193 18.55 13.27 26.72
N THR D 194 18.05 13.37 27.95
CA THR D 194 16.89 12.63 28.46
C THR D 194 16.98 11.13 28.19
N MET D 195 18.10 10.52 28.56
CA MET D 195 18.25 9.09 28.29
C MET D 195 17.19 8.29 29.07
N HIS D 200 5.15 11.03 28.94
CA HIS D 200 4.04 11.68 29.61
C HIS D 200 2.76 11.54 28.81
N ARG D 202 0.29 13.40 29.52
CA ARG D 202 -0.50 14.60 29.81
C ARG D 202 0.20 15.79 29.20
N ARG D 203 1.28 15.53 28.45
CA ARG D 203 2.17 16.60 28.00
C ARG D 203 2.88 16.21 26.71
N MET D 204 3.32 17.25 25.97
CA MET D 204 4.11 17.16 24.75
C MET D 204 5.33 18.08 24.91
N GLU D 205 6.32 17.94 24.03
CA GLU D 205 7.52 18.77 24.11
C GLU D 205 7.99 19.16 22.73
N THR D 206 8.55 20.37 22.63
CA THR D 206 9.24 20.81 21.43
C THR D 206 10.66 21.18 21.81
N TYR D 207 11.64 20.58 21.13
CA TYR D 207 13.07 20.76 21.37
C TYR D 207 13.67 21.56 20.24
N MET D 208 14.45 22.59 20.58
CA MET D 208 15.18 23.36 19.59
C MET D 208 16.65 23.24 19.94
N TYR D 209 17.44 22.66 19.05
CA TYR D 209 18.85 22.38 19.31
C TYR D 209 19.70 23.49 18.69
N PHE D 210 20.67 23.97 19.46
CA PHE D 210 21.51 25.07 19.00
C PHE D 210 22.84 25.00 19.74
N ASN D 211 23.69 26.01 19.50
CA ASN D 211 25.04 26.09 20.07
C ASN D 211 25.82 24.80 19.84
N PHE D 212 25.88 24.40 18.58
CA PHE D 212 26.67 23.25 18.18
C PHE D 212 28.18 23.54 18.28
N ALA D 213 28.94 22.60 18.86
CA ALA D 213 30.35 22.84 19.14
C ALA D 213 31.13 23.14 17.87
N ASP D 214 31.00 22.29 16.86
CA ASP D 214 31.71 22.39 15.60
C ASP D 214 30.69 22.48 14.45
N PRO D 215 31.09 23.00 13.30
CA PRO D 215 30.12 23.09 12.21
C PRO D 215 29.62 21.74 11.74
N GLU D 216 30.40 20.67 11.93
CA GLU D 216 30.02 19.35 11.48
C GLU D 216 29.12 18.63 12.48
N THR D 217 28.82 19.23 13.63
CA THR D 217 28.01 18.52 14.61
C THR D 217 26.63 18.23 14.03
N ARG D 218 26.10 17.06 14.37
CA ARG D 218 24.76 16.67 14.04
C ARG D 218 24.15 16.04 15.28
N VAL D 219 22.84 16.20 15.41
CA VAL D 219 22.09 15.59 16.49
C VAL D 219 21.07 14.66 15.88
N PHE D 220 20.99 13.45 16.40
CA PHE D 220 19.97 12.51 16.00
C PHE D 220 18.94 12.54 17.11
N HIS D 221 17.75 13.02 16.77
CA HIS D 221 16.63 13.08 17.68
C HIS D 221 15.71 11.89 17.40
N PHE D 222 15.45 11.09 18.43
CA PHE D 222 14.53 9.96 18.34
C PHE D 222 13.11 10.36 18.73
N LEU D 223 12.13 9.85 17.98
CA LEU D 223 10.73 10.00 18.33
C LEU D 223 10.03 8.69 18.00
N GLY D 224 8.78 8.57 18.40
CA GLY D 224 8.02 7.36 18.20
C GLY D 224 7.76 6.63 19.52
N LYS D 225 6.87 5.65 19.45
CA LYS D 225 6.63 4.76 20.56
C LYS D 225 7.93 4.09 20.96
N PRO D 226 8.07 3.70 22.23
CA PRO D 226 9.35 3.09 22.65
C PRO D 226 9.75 1.85 21.84
N ASP D 227 8.80 1.05 21.36
CA ASP D 227 9.16 -0.11 20.55
C ASP D 227 9.47 0.28 19.10
N GLU D 228 8.75 1.26 18.54
CA GLU D 228 9.00 1.73 17.17
C GLU D 228 9.56 3.15 17.21
N THR D 229 10.87 3.30 17.08
CA THR D 229 11.52 4.60 17.12
C THR D 229 12.16 4.92 15.79
N ARG D 230 12.04 6.18 15.41
CA ARG D 230 12.67 6.76 14.25
C ARG D 230 13.65 7.81 14.72
N HIS D 231 14.33 8.44 13.76
CA HIS D 231 15.20 9.53 14.12
C HIS D 231 15.18 10.55 13.01
N ILE D 232 15.40 11.80 13.41
CA ILE D 232 15.59 12.93 12.52
C ILE D 232 17.00 13.46 12.73
N THR D 233 17.65 13.83 11.64
CA THR D 233 18.98 14.38 11.71
C THR D 233 18.93 15.90 11.75
N LEU D 234 19.62 16.49 12.73
CA LEU D 234 19.46 17.91 13.06
C LEU D 234 20.74 18.70 12.79
N PHE D 235 20.58 19.78 12.04
CA PHE D 235 21.59 20.81 11.92
C PHE D 235 21.44 21.81 13.07
N ASN D 236 22.34 22.79 13.13
CA ASN D 236 22.26 23.80 14.17
C ASN D 236 21.02 24.69 14.00
N GLU D 237 20.43 25.09 15.14
CA GLU D 237 19.27 25.99 15.14
C GLU D 237 18.08 25.43 14.37
N GLN D 238 17.71 24.20 14.69
CA GLN D 238 16.54 23.56 14.13
C GLN D 238 15.76 22.96 15.28
N ALA D 239 14.46 22.69 15.04
CA ALA D 239 13.57 22.25 16.11
C ALA D 239 12.72 21.05 15.67
N VAL D 240 12.32 20.24 16.64
CA VAL D 240 11.52 19.05 16.40
C VAL D 240 10.43 18.95 17.47
N VAL D 241 9.20 18.61 17.04
CA VAL D 241 8.03 18.45 17.92
C VAL D 241 7.96 16.98 18.36
N ASN D 242 7.73 16.74 19.64
CA ASN D 242 7.57 15.37 20.17
C ASN D 242 6.17 15.27 20.75
N PRO D 243 5.23 14.63 20.07
CA PRO D 243 3.85 14.53 20.58
C PRO D 243 3.82 13.76 21.89
N SER D 244 2.68 13.82 22.56
CA SER D 244 2.56 13.17 23.87
C SER D 244 2.91 11.68 23.84
N TRP D 245 2.67 10.99 22.72
CA TRP D 245 2.83 9.54 22.67
C TRP D 245 4.27 9.10 22.34
N SER D 246 5.18 10.03 22.16
CA SER D 246 6.52 9.73 21.69
C SER D 246 7.53 9.90 22.82
N ILE D 247 8.57 9.07 22.78
CA ILE D 247 9.73 9.28 23.63
C ILE D 247 10.49 10.51 23.15
N HIS D 248 11.29 11.08 24.05
CA HIS D 248 12.12 12.23 23.75
C HIS D 248 13.56 11.83 24.01
N CYS D 249 14.36 11.74 22.95
CA CYS D 249 15.78 11.41 23.06
C CYS D 249 16.56 12.15 21.99
N GLY D 250 17.85 12.35 22.26
CA GLY D 250 18.74 12.83 21.25
C GLY D 250 20.18 12.52 21.63
N VAL D 251 21.02 12.35 20.61
CA VAL D 251 22.44 12.14 20.78
C VAL D 251 23.14 12.96 19.71
N GLY D 252 24.16 13.70 20.09
CA GLY D 252 24.97 14.42 19.13
C GLY D 252 26.32 13.77 18.84
N THR D 253 26.94 14.22 17.75
CA THR D 253 28.32 13.88 17.50
C THR D 253 29.30 14.69 18.32
N THR D 254 28.86 15.85 18.83
CA THR D 254 29.56 16.59 19.86
C THR D 254 28.49 17.09 20.84
N ASN D 255 28.93 17.91 21.78
CA ASN D 255 28.00 18.55 22.69
C ASN D 255 27.31 19.71 21.98
N TYR D 256 26.29 20.23 22.64
CA TYR D 256 25.37 21.19 22.06
C TYR D 256 24.47 21.72 23.17
N ALA D 257 23.53 22.59 22.79
CA ALA D 257 22.50 23.07 23.71
C ALA D 257 21.13 22.93 23.07
N PHE D 258 20.12 22.89 23.93
CA PHE D 258 18.77 22.93 23.44
C PHE D 258 17.87 23.62 24.46
N ILE D 259 16.85 24.28 23.93
CA ILE D 259 15.74 24.79 24.70
C ILE D 259 14.56 23.85 24.53
N TRP D 260 14.02 23.41 25.66
CA TRP D 260 12.80 22.61 25.66
C TRP D 260 11.61 23.47 26.09
N ALA D 261 10.47 23.25 25.42
CA ALA D 261 9.21 23.88 25.81
C ALA D 261 8.13 22.82 25.86
N MET D 262 7.46 22.72 27.00
CA MET D 262 6.48 21.68 27.21
C MET D 262 5.16 22.29 27.67
N CYS D 263 4.07 21.65 27.27
CA CYS D 263 2.74 22.02 27.71
C CYS D 263 1.86 20.79 27.63
N GLY D 264 0.63 20.90 28.07
CA GLY D 264 -0.19 19.72 28.14
C GLY D 264 -1.24 19.84 29.20
N GLU D 265 -1.66 18.67 29.69
CA GLU D 265 -2.72 18.57 30.67
C GLU D 265 -2.26 18.64 32.12
N ASN D 266 -0.95 18.64 32.38
CA ASN D 266 -0.46 18.81 33.72
C ASN D 266 0.81 19.66 33.69
N GLN D 267 1.11 20.30 34.83
CA GLN D 267 2.38 20.97 35.01
C GLN D 267 3.29 20.16 35.92
N SER E 2 30.64 3.86 -26.78
CA SER E 2 30.41 4.24 -25.39
C SER E 2 30.62 3.05 -24.46
N PHE E 3 30.81 3.34 -23.18
CA PHE E 3 30.85 2.34 -22.14
C PHE E 3 29.71 2.59 -21.16
N SER E 4 29.04 1.51 -20.77
CA SER E 4 27.99 1.55 -19.77
C SER E 4 28.12 0.34 -18.88
N MET E 5 28.03 0.56 -17.56
CA MET E 5 27.82 -0.52 -16.62
C MET E 5 26.78 -0.05 -15.60
N VAL E 6 25.64 -0.73 -15.54
CA VAL E 6 24.58 -0.35 -14.62
C VAL E 6 24.58 -1.34 -13.46
N THR E 7 24.14 -0.86 -12.30
CA THR E 7 24.11 -1.66 -11.08
C THR E 7 22.69 -2.13 -10.75
N ARG E 8 22.57 -3.36 -10.28
CA ARG E 8 21.29 -3.91 -9.88
C ARG E 8 21.45 -4.60 -8.53
N TYR E 9 20.56 -4.27 -7.61
CA TYR E 9 20.60 -4.81 -6.26
C TYR E 9 19.94 -6.18 -6.18
N ALA E 10 20.33 -6.92 -5.16
CA ALA E 10 19.67 -8.16 -4.83
C ALA E 10 18.32 -7.87 -4.17
N HIS E 11 17.47 -8.90 -4.12
CA HIS E 11 16.16 -8.80 -3.49
C HIS E 11 15.78 -10.11 -2.83
N SER E 12 14.81 -10.00 -1.93
CA SER E 12 14.12 -11.12 -1.32
C SER E 12 13.01 -11.58 -2.24
N PRO E 13 12.52 -12.82 -2.06
CA PRO E 13 11.29 -13.18 -2.77
C PRO E 13 10.15 -12.27 -2.38
N GLU E 14 10.04 -12.00 -1.08
CA GLU E 14 9.02 -11.09 -0.58
C GLU E 14 9.12 -9.71 -1.21
N ASP E 15 10.35 -9.21 -1.41
CA ASP E 15 10.52 -7.89 -2.02
C ASP E 15 9.91 -7.82 -3.40
N ILE E 16 10.00 -8.91 -4.18
CA ILE E 16 9.58 -8.82 -5.57
C ILE E 16 8.12 -9.18 -5.75
N GLN E 17 7.46 -9.67 -4.69
CA GLN E 17 6.15 -10.29 -4.82
C GLN E 17 5.15 -9.37 -5.52
N HIS E 18 5.17 -8.08 -5.21
CA HIS E 18 4.20 -7.15 -5.77
C HIS E 18 4.75 -6.25 -6.88
N TYR E 19 5.98 -6.46 -7.33
CA TYR E 19 6.49 -5.74 -8.49
C TYR E 19 5.55 -5.90 -9.68
N ASP E 20 5.26 -4.80 -10.36
CA ASP E 20 4.55 -4.86 -11.63
C ASP E 20 5.52 -5.22 -12.74
N THR E 21 5.02 -5.40 -13.98
CA THR E 21 5.92 -5.87 -15.03
C THR E 21 7.03 -4.87 -15.29
N SER E 22 6.72 -3.59 -15.23
CA SER E 22 7.74 -2.62 -15.54
C SER E 22 8.87 -2.63 -14.52
N LYS E 23 8.58 -2.92 -13.25
CA LYS E 23 9.64 -2.91 -12.26
C LYS E 23 10.46 -4.20 -12.28
N LEU E 24 9.81 -5.37 -12.39
CA LEU E 24 10.54 -6.62 -12.61
C LEU E 24 11.50 -6.46 -13.77
N ARG E 25 11.02 -5.92 -14.88
CA ARG E 25 11.87 -5.78 -16.05
C ARG E 25 13.10 -4.93 -15.75
N HIS E 26 12.90 -3.81 -15.06
CA HIS E 26 14.03 -2.95 -14.76
C HIS E 26 15.02 -3.66 -13.83
N GLU E 27 14.50 -4.42 -12.87
CA GLU E 27 15.28 -5.04 -11.81
C GLU E 27 16.02 -6.31 -12.27
N PHE E 28 15.34 -7.23 -12.98
CA PHE E 28 15.94 -8.51 -13.39
C PHE E 28 16.35 -8.60 -14.87
N LEU E 29 16.06 -7.60 -15.71
CA LEU E 29 16.22 -7.78 -17.14
C LEU E 29 17.17 -6.74 -17.71
N MET E 30 18.19 -7.20 -18.41
CA MET E 30 19.08 -6.33 -19.17
C MET E 30 18.57 -6.32 -20.60
N GLU E 31 18.00 -5.18 -21.02
CA GLU E 31 17.29 -5.09 -22.29
C GLU E 31 18.18 -4.83 -23.51
N LYS E 32 19.37 -4.28 -23.33
CA LYS E 32 20.28 -4.03 -24.44
C LYS E 32 21.68 -4.51 -24.05
N ILE E 33 22.21 -5.45 -24.81
CA ILE E 33 23.48 -6.11 -24.48
C ILE E 33 24.48 -5.81 -25.59
N PHE E 34 24.13 -6.15 -26.80
CA PHE E 34 25.00 -5.95 -27.94
C PHE E 34 24.53 -4.74 -28.73
N ASN E 35 25.33 -3.68 -28.72
CA ASN E 35 25.11 -2.54 -29.59
C ASN E 35 26.44 -2.15 -30.22
N PRO E 36 26.45 -1.82 -31.52
CA PRO E 36 27.73 -1.64 -32.24
C PRO E 36 28.59 -0.49 -31.72
N GLY E 37 29.87 -0.80 -31.49
CA GLY E 37 30.86 0.15 -31.04
C GLY E 37 30.95 0.33 -29.54
N ASP E 38 30.04 -0.28 -28.78
CA ASP E 38 29.88 -0.01 -27.36
C ASP E 38 30.18 -1.27 -26.56
N ILE E 39 30.53 -1.09 -25.30
CA ILE E 39 30.49 -2.18 -24.34
C ILE E 39 29.42 -1.86 -23.31
N LEU E 40 28.50 -2.80 -23.13
CA LEU E 40 27.36 -2.66 -22.22
C LEU E 40 27.45 -3.74 -21.17
N LEU E 41 27.31 -3.36 -19.90
CA LEU E 41 27.50 -4.27 -18.78
C LEU E 41 26.47 -4.02 -17.69
N THR E 42 26.19 -5.08 -16.93
CA THR E 42 25.40 -5.00 -15.71
C THR E 42 26.22 -5.58 -14.57
N TYR E 43 26.17 -4.93 -13.43
CA TYR E 43 26.79 -5.41 -12.20
C TYR E 43 25.65 -5.76 -11.26
N THR E 44 25.46 -7.05 -11.00
CA THR E 44 24.42 -7.47 -10.08
C THR E 44 25.02 -7.87 -8.75
N TYR E 45 24.37 -7.46 -7.69
CA TYR E 45 24.74 -7.83 -6.33
C TYR E 45 24.25 -9.21 -5.99
N ASN E 46 23.73 -9.95 -6.97
CA ASN E 46 23.60 -11.38 -6.77
C ASN E 46 24.97 -11.94 -7.13
N ASP E 47 25.77 -12.21 -6.09
CA ASP E 47 27.16 -12.71 -6.17
C ASP E 47 28.08 -11.84 -7.04
N ARG E 48 27.76 -10.54 -7.22
CA ARG E 48 28.67 -9.58 -7.87
C ARG E 48 29.12 -10.03 -9.27
N MET E 49 28.23 -10.67 -9.99
CA MET E 49 28.55 -10.99 -11.36
C MET E 49 28.46 -9.73 -12.19
N ILE E 50 29.42 -9.55 -13.08
CA ILE E 50 29.34 -8.52 -14.12
C ILE E 50 29.15 -9.25 -15.43
N PHE E 51 28.14 -8.84 -16.20
CA PHE E 51 27.87 -9.48 -17.48
C PHE E 51 27.35 -8.45 -18.46
N GLY E 52 27.50 -8.75 -19.74
CA GLY E 52 27.17 -7.78 -20.77
C GLY E 52 27.76 -8.19 -22.10
N GLY E 53 28.03 -7.21 -22.94
CA GLY E 53 28.56 -7.52 -24.25
C GLY E 53 29.53 -6.49 -24.77
N VAL E 54 30.42 -6.96 -25.65
CA VAL E 54 31.46 -6.16 -26.29
C VAL E 54 31.32 -6.37 -27.80
N MET E 55 31.01 -5.30 -28.52
CA MET E 55 30.85 -5.38 -29.98
C MET E 55 31.83 -4.41 -30.63
N PRO E 56 33.09 -4.80 -30.77
CA PRO E 56 34.05 -3.89 -31.39
C PRO E 56 33.80 -3.80 -32.88
N THR E 57 34.00 -2.61 -33.44
CA THR E 57 33.91 -2.46 -34.88
C THR E 57 35.17 -1.82 -35.48
N ASP E 58 35.29 -0.50 -35.35
CA ASP E 58 36.45 0.23 -35.85
C ASP E 58 37.56 0.30 -34.81
N GLU E 59 37.21 0.70 -33.56
CA GLU E 59 38.18 0.82 -32.48
C GLU E 59 38.17 -0.42 -31.61
N PRO E 60 39.34 -0.96 -31.28
CA PRO E 60 39.37 -2.11 -30.37
C PRO E 60 38.82 -1.70 -29.03
N LEU E 61 38.14 -2.62 -28.39
CA LEU E 61 37.43 -2.32 -27.16
C LEU E 61 38.05 -3.12 -26.04
N GLU E 62 38.18 -2.46 -24.90
CA GLU E 62 38.71 -3.05 -23.71
C GLU E 62 37.87 -2.56 -22.55
N ILE E 63 37.70 -3.40 -21.54
CA ILE E 63 36.98 -3.03 -20.34
C ILE E 63 38.02 -2.48 -19.38
N LYS E 64 37.98 -1.17 -19.16
CA LYS E 64 38.95 -0.49 -18.33
C LYS E 64 38.24 -0.24 -17.00
N LEU E 65 38.58 -1.04 -15.99
CA LEU E 65 38.02 -0.83 -14.66
C LEU E 65 39.12 -0.96 -13.62
N SER E 66 39.35 0.11 -12.88
CA SER E 66 40.26 0.05 -11.77
C SER E 66 39.61 0.61 -10.50
N THR E 67 39.48 1.94 -10.46
CA THR E 67 38.96 2.64 -9.28
C THR E 67 37.51 2.28 -8.99
N GLU E 68 36.74 1.95 -10.03
CA GLU E 68 35.34 1.59 -9.81
C GLU E 68 35.23 0.31 -8.98
N LEU E 69 36.12 -0.64 -9.21
CA LEU E 69 36.17 -1.90 -8.46
C LEU E 69 37.14 -1.86 -7.27
N GLY E 70 37.72 -0.70 -6.97
CA GLY E 70 38.64 -0.60 -5.85
C GLY E 70 39.89 -1.43 -6.05
N VAL E 71 40.31 -1.59 -7.30
CA VAL E 71 41.36 -2.51 -7.68
C VAL E 71 42.21 -1.80 -8.74
N ASP E 72 43.40 -2.35 -9.02
CA ASP E 72 44.28 -1.64 -9.96
C ASP E 72 43.92 -1.91 -11.42
N PHE E 73 43.44 -3.11 -11.73
CA PHE E 73 43.00 -3.39 -13.08
C PHE E 73 41.87 -4.41 -12.98
N PHE E 74 41.10 -4.49 -14.07
CA PHE E 74 39.82 -5.20 -14.07
C PHE E 74 39.91 -6.58 -13.43
N LEU E 75 40.86 -7.39 -13.88
CA LEU E 75 40.92 -8.80 -13.51
C LEU E 75 41.83 -9.11 -12.31
N GLN E 76 42.32 -8.09 -11.60
CA GLN E 76 43.20 -8.35 -10.47
C GLN E 76 42.53 -9.28 -9.46
N ARG E 77 41.28 -8.99 -9.09
CA ARG E 77 40.52 -9.90 -8.23
C ARG E 77 39.41 -10.68 -8.95
N ARG E 78 39.31 -10.62 -10.27
CA ARG E 78 38.22 -11.28 -10.98
C ARG E 78 38.71 -12.26 -12.06
N GLU E 79 37.79 -13.13 -12.52
CA GLU E 79 38.00 -13.98 -13.69
C GLU E 79 36.97 -13.60 -14.75
N LEU E 80 37.12 -14.17 -15.95
CA LEU E 80 36.36 -13.71 -17.10
C LEU E 80 36.00 -14.85 -18.03
N GLY E 81 34.72 -15.01 -18.33
CA GLY E 81 34.29 -15.82 -19.45
C GLY E 81 33.99 -14.97 -20.67
N ILE E 82 34.18 -15.55 -21.86
CA ILE E 82 33.93 -14.87 -23.12
C ILE E 82 33.38 -15.89 -24.11
N ILE E 83 32.29 -15.55 -24.79
CA ILE E 83 31.81 -16.32 -25.93
C ILE E 83 31.44 -15.35 -27.04
N ASN E 84 31.86 -15.67 -28.26
CA ASN E 84 31.60 -14.84 -29.42
C ASN E 84 30.41 -15.40 -30.17
N ILE E 85 29.26 -14.71 -30.09
CA ILE E 85 28.06 -15.12 -30.81
C ILE E 85 27.92 -14.44 -32.16
N GLY E 86 28.83 -13.52 -32.49
CA GLY E 86 28.81 -12.73 -33.71
C GLY E 86 29.82 -13.16 -34.75
N GLY E 87 30.32 -12.18 -35.51
CA GLY E 87 31.27 -12.44 -36.57
C GLY E 87 32.66 -12.76 -36.05
N ALA E 88 33.56 -13.02 -36.99
CA ALA E 88 34.92 -13.41 -36.62
C ALA E 88 35.64 -12.25 -35.95
N GLY E 89 36.48 -12.59 -34.97
CA GLY E 89 37.24 -11.57 -34.27
C GLY E 89 38.40 -12.16 -33.51
N ALA E 90 39.00 -11.32 -32.68
CA ALA E 90 40.18 -11.73 -31.91
C ALA E 90 40.23 -10.94 -30.61
N ILE E 91 40.79 -11.56 -29.58
CA ILE E 91 41.12 -10.91 -28.33
C ILE E 91 42.65 -10.92 -28.17
N THR E 92 43.21 -9.76 -27.83
CA THR E 92 44.65 -9.66 -27.58
C THR E 92 44.88 -9.64 -26.08
N ILE E 93 45.51 -10.69 -25.58
CA ILE E 93 45.75 -10.90 -24.15
C ILE E 93 47.19 -10.49 -23.85
N ASP E 94 47.33 -9.33 -23.18
CA ASP E 94 48.64 -8.76 -22.86
C ASP E 94 49.48 -8.58 -24.11
N GLY E 95 48.85 -8.07 -25.18
CA GLY E 95 49.53 -7.89 -26.44
C GLY E 95 49.49 -9.08 -27.38
N ARG E 96 49.09 -10.26 -26.88
CA ARG E 96 49.03 -11.49 -27.68
C ARG E 96 47.64 -11.65 -28.29
N LYS E 97 47.52 -11.47 -29.60
CA LYS E 97 46.23 -11.51 -30.27
C LYS E 97 45.91 -12.95 -30.65
N ASP E 98 44.75 -13.43 -30.22
CA ASP E 98 44.26 -14.77 -30.53
C ASP E 98 42.90 -14.63 -31.19
N ALA E 99 42.74 -15.27 -32.34
CA ALA E 99 41.51 -15.12 -33.10
C ALA E 99 40.41 -16.00 -32.52
N MET E 100 39.17 -15.52 -32.61
CA MET E 100 38.02 -16.23 -32.10
C MET E 100 36.95 -16.30 -33.19
N SER E 101 36.64 -17.51 -33.63
CA SER E 101 35.61 -17.67 -34.64
C SER E 101 34.24 -17.64 -33.97
N ASN E 102 33.21 -17.88 -34.77
CA ASN E 102 31.86 -17.86 -34.23
C ASN E 102 31.66 -18.97 -33.22
N GLN E 103 31.05 -18.61 -32.08
CA GLN E 103 30.76 -19.50 -30.96
C GLN E 103 32.02 -20.07 -30.35
N ASP E 104 33.16 -19.42 -30.58
CA ASP E 104 34.38 -19.78 -29.88
C ASP E 104 34.37 -19.17 -28.48
N GLY E 105 34.78 -19.95 -27.49
CA GLY E 105 34.85 -19.48 -26.14
C GLY E 105 36.28 -19.16 -25.71
N TYR E 106 36.38 -18.43 -24.61
CA TYR E 106 37.67 -18.16 -24.00
C TYR E 106 37.45 -17.96 -22.51
N TYR E 107 38.38 -18.45 -21.70
CA TYR E 107 38.42 -18.18 -20.27
C TYR E 107 39.69 -17.43 -19.94
N ILE E 108 39.59 -16.44 -19.07
CA ILE E 108 40.74 -15.63 -18.72
C ILE E 108 40.81 -15.55 -17.20
N GLY E 109 41.88 -16.11 -16.64
CA GLY E 109 41.99 -16.25 -15.20
C GLY E 109 42.42 -14.97 -14.52
N MET E 110 42.39 -15.01 -13.19
CA MET E 110 42.73 -13.83 -12.41
C MET E 110 44.16 -13.36 -12.72
N GLY E 111 44.32 -12.03 -12.82
CA GLY E 111 45.63 -11.43 -12.98
C GLY E 111 45.93 -10.92 -14.37
N THR E 112 45.15 -11.32 -15.38
CA THR E 112 45.42 -10.86 -16.73
C THR E 112 45.07 -9.38 -16.83
N GLN E 113 46.07 -8.57 -17.18
CA GLN E 113 45.99 -7.12 -17.07
C GLN E 113 45.37 -6.44 -18.28
N LYS E 114 45.46 -7.04 -19.48
CA LYS E 114 45.04 -6.40 -20.73
C LYS E 114 44.24 -7.40 -21.55
N VAL E 115 42.96 -7.08 -21.80
CA VAL E 115 42.15 -7.83 -22.78
C VAL E 115 41.47 -6.83 -23.69
N VAL E 116 41.83 -6.83 -24.96
CA VAL E 116 41.26 -5.89 -25.91
C VAL E 116 40.60 -6.70 -27.02
N PHE E 117 39.39 -6.29 -27.37
CA PHE E 117 38.56 -7.04 -28.30
C PHE E 117 38.63 -6.40 -29.67
N THR E 118 38.85 -7.22 -30.68
CA THR E 118 38.92 -6.75 -32.05
C THR E 118 37.94 -7.56 -32.88
N SER E 119 37.51 -6.98 -33.98
CA SER E 119 36.62 -7.64 -34.93
C SER E 119 37.30 -7.74 -36.28
N GLU E 120 36.96 -8.79 -37.02
CA GLU E 120 37.52 -8.95 -38.36
C GLU E 120 36.84 -7.97 -39.32
N ASP E 121 35.56 -8.21 -39.59
CA ASP E 121 34.79 -7.38 -40.50
C ASP E 121 34.02 -6.35 -39.70
N ARG E 122 34.27 -5.06 -39.96
CA ARG E 122 33.49 -4.03 -39.28
C ARG E 122 32.01 -4.18 -39.58
N ASP E 123 31.65 -4.76 -40.73
CA ASP E 123 30.26 -4.88 -41.15
C ASP E 123 29.59 -6.18 -40.70
N HIS E 124 30.36 -7.14 -40.17
CA HIS E 124 29.81 -8.33 -39.51
C HIS E 124 30.58 -8.54 -38.21
N PRO E 125 30.40 -7.65 -37.24
CA PRO E 125 31.32 -7.62 -36.11
C PRO E 125 31.14 -8.81 -35.20
N ALA E 126 32.14 -9.01 -34.34
CA ALA E 126 32.02 -10.00 -33.29
C ALA E 126 31.14 -9.45 -32.18
N LYS E 127 30.29 -10.30 -31.61
CA LYS E 127 29.52 -9.96 -30.44
C LYS E 127 30.03 -10.82 -29.30
N PHE E 128 30.77 -10.20 -28.38
CA PHE E 128 31.41 -10.92 -27.28
C PHE E 128 30.51 -10.81 -26.05
N TYR E 129 29.90 -11.92 -25.66
CA TYR E 129 29.22 -11.99 -24.38
C TYR E 129 30.26 -12.30 -23.32
N VAL E 130 30.33 -11.46 -22.30
CA VAL E 130 31.37 -11.54 -21.28
C VAL E 130 30.72 -11.69 -19.91
N VAL E 131 31.30 -12.54 -19.07
CA VAL E 131 30.84 -12.68 -17.69
C VAL E 131 32.05 -12.67 -16.77
N SER E 132 32.05 -11.81 -15.77
CA SER E 132 33.17 -11.72 -14.84
C SER E 132 32.68 -11.99 -13.43
N THR E 133 33.39 -12.88 -12.72
CA THR E 133 33.06 -13.11 -11.34
C THR E 133 34.31 -12.95 -10.48
N PRO E 134 34.15 -12.63 -9.20
CA PRO E 134 35.32 -12.54 -8.32
C PRO E 134 36.11 -13.84 -8.28
N ALA E 135 37.44 -13.73 -8.15
CA ALA E 135 38.34 -14.88 -8.19
C ALA E 135 39.47 -14.71 -7.19
N HIS E 136 39.71 -15.73 -6.37
CA HIS E 136 40.84 -15.70 -5.44
C HIS E 136 42.07 -16.51 -5.87
N LYS E 137 42.02 -17.24 -7.00
CA LYS E 137 43.12 -18.07 -7.44
C LYS E 137 43.29 -17.91 -8.94
N THR E 138 44.54 -17.77 -9.39
CA THR E 138 44.80 -17.65 -10.82
C THR E 138 44.79 -19.03 -11.48
N TYR E 139 44.03 -19.15 -12.56
CA TYR E 139 44.01 -20.36 -13.34
C TYR E 139 44.37 -20.02 -14.77
N PRO E 140 44.95 -20.96 -15.52
CA PRO E 140 45.45 -20.62 -16.85
C PRO E 140 44.32 -20.20 -17.78
N ASN E 141 44.61 -19.17 -18.56
CA ASN E 141 43.77 -18.79 -19.69
C ASN E 141 43.63 -19.97 -20.64
N LYS E 142 42.46 -20.11 -21.26
CA LYS E 142 42.16 -21.22 -22.15
C LYS E 142 41.28 -20.77 -23.29
N LYS E 143 41.57 -21.26 -24.50
CA LYS E 143 40.68 -21.08 -25.63
C LYS E 143 39.76 -22.28 -25.75
N LEU E 144 38.49 -22.00 -26.04
CA LEU E 144 37.45 -23.04 -26.16
C LEU E 144 36.87 -22.99 -27.56
N PRO E 145 37.44 -23.71 -28.53
CA PRO E 145 36.91 -23.63 -29.89
C PRO E 145 35.54 -24.29 -29.97
N PHE E 146 34.65 -23.69 -30.75
CA PHE E 146 33.39 -24.36 -31.03
C PHE E 146 33.63 -25.67 -31.76
N ALA E 147 34.68 -25.71 -32.60
CA ALA E 147 35.02 -26.92 -33.32
C ALA E 147 35.19 -28.10 -32.37
N THR E 148 36.02 -27.93 -31.35
CA THR E 148 36.33 -29.00 -30.42
C THR E 148 35.39 -29.04 -29.22
N ALA E 149 34.30 -28.27 -29.22
CA ALA E 149 33.41 -28.36 -28.08
C ALA E 149 32.58 -29.63 -28.20
N LEU E 150 31.98 -30.04 -27.08
CA LEU E 150 31.34 -31.36 -26.99
C LEU E 150 29.83 -31.18 -26.96
N ALA E 151 29.18 -31.51 -28.09
CA ALA E 151 27.74 -31.41 -28.18
C ALA E 151 27.11 -32.64 -27.56
N LYS E 152 26.08 -32.41 -26.75
CA LYS E 152 25.35 -33.50 -26.08
C LYS E 152 23.87 -33.38 -26.42
N PRO E 153 23.28 -34.33 -27.14
CA PRO E 153 21.86 -34.26 -27.44
C PRO E 153 21.04 -34.55 -26.20
N MET E 154 19.93 -33.81 -26.05
CA MET E 154 19.08 -33.92 -24.87
C MET E 154 17.63 -33.63 -25.27
N GLY E 155 16.70 -34.21 -24.52
CA GLY E 155 15.31 -33.90 -24.68
C GLY E 155 14.66 -34.65 -25.83
N ASP E 156 13.34 -34.73 -25.77
CA ASP E 156 12.50 -35.41 -26.75
C ASP E 156 11.48 -34.42 -27.32
N GLN E 157 10.70 -34.87 -28.29
CA GLN E 157 9.66 -34.01 -28.86
C GLN E 157 8.41 -33.98 -27.99
N GLN E 158 8.14 -35.05 -27.23
CA GLN E 158 6.93 -35.05 -26.40
C GLN E 158 6.96 -33.93 -25.37
N HIS E 159 8.12 -33.65 -24.78
CA HIS E 159 8.27 -32.59 -23.80
C HIS E 159 8.80 -31.30 -24.38
N LEU E 160 8.94 -31.22 -25.70
CA LEU E 160 9.24 -29.98 -26.41
C LEU E 160 10.54 -29.34 -25.92
N ASN E 161 11.42 -30.14 -25.31
CA ASN E 161 12.74 -29.71 -24.83
C ASN E 161 13.90 -30.16 -25.72
N LYS E 162 13.64 -30.73 -26.90
CA LYS E 162 14.72 -31.29 -27.71
C LYS E 162 15.78 -30.22 -28.00
N ARG E 163 17.03 -30.49 -27.61
CA ARG E 163 18.06 -29.47 -27.63
C ARG E 163 19.44 -30.11 -27.64
N THR E 164 20.44 -29.31 -27.99
CA THR E 164 21.85 -29.69 -27.90
C THR E 164 22.53 -28.86 -26.83
N ILE E 165 23.23 -29.54 -25.91
CA ILE E 165 23.92 -28.90 -24.80
C ILE E 165 25.41 -28.82 -25.12
N TYR E 166 25.98 -27.63 -24.94
CA TYR E 166 27.39 -27.37 -25.22
C TYR E 166 28.06 -26.88 -23.95
N LYS E 167 28.96 -27.70 -23.39
CA LYS E 167 29.77 -27.28 -22.25
C LYS E 167 30.87 -26.36 -22.75
N TYR E 168 31.02 -25.22 -22.08
CA TYR E 168 32.10 -24.31 -22.43
C TYR E 168 33.07 -24.18 -21.25
N ILE E 169 32.69 -23.43 -20.23
CA ILE E 169 33.46 -23.37 -18.99
C ILE E 169 32.76 -24.27 -17.99
N ASP E 170 33.36 -25.41 -17.74
CA ASP E 170 32.75 -26.49 -16.99
C ASP E 170 33.82 -27.11 -16.11
N ALA E 171 33.45 -27.40 -14.85
CA ALA E 171 34.46 -27.88 -13.91
C ALA E 171 35.03 -29.24 -14.29
N SER E 172 34.42 -29.96 -15.23
CA SER E 172 35.00 -31.22 -15.70
C SER E 172 36.09 -30.99 -16.74
N GLN E 173 35.91 -29.98 -17.62
CA GLN E 173 36.88 -29.70 -18.66
C GLN E 173 38.04 -28.81 -18.20
N MET E 174 37.87 -28.05 -17.14
CA MET E 174 38.88 -27.07 -16.74
C MET E 174 38.62 -26.70 -15.30
N ASP E 175 39.49 -25.83 -14.77
CA ASP E 175 39.40 -25.33 -13.41
C ASP E 175 39.11 -23.82 -13.42
N THR E 176 38.06 -23.41 -12.71
CA THR E 176 37.81 -21.99 -12.45
C THR E 176 37.41 -21.82 -11.00
N CYS E 177 37.52 -20.59 -10.51
CA CYS E 177 37.15 -20.29 -9.13
C CYS E 177 35.67 -20.56 -8.86
N GLN E 178 34.78 -19.83 -9.52
CA GLN E 178 33.34 -20.00 -9.39
C GLN E 178 32.62 -20.08 -10.74
N LEU E 179 33.03 -19.24 -11.70
CA LEU E 179 32.35 -19.10 -12.97
C LEU E 179 32.19 -20.42 -13.73
N GLN E 180 30.98 -20.61 -14.26
CA GLN E 180 30.61 -21.69 -15.16
C GLN E 180 29.75 -21.11 -16.27
N MET E 181 29.93 -21.60 -17.49
CA MET E 181 29.17 -21.08 -18.62
C MET E 181 28.87 -22.20 -19.60
N GLY E 182 27.72 -22.10 -20.27
CA GLY E 182 27.35 -23.07 -21.27
C GLY E 182 26.45 -22.48 -22.32
N TYR E 183 26.20 -23.29 -23.34
CA TYR E 183 25.48 -22.87 -24.55
C TYR E 183 24.51 -23.97 -24.92
N THR E 184 23.25 -23.60 -25.12
CA THR E 184 22.19 -24.56 -25.37
C THR E 184 21.38 -24.07 -26.56
N VAL E 185 21.26 -24.92 -27.58
CA VAL E 185 20.49 -24.63 -28.79
C VAL E 185 19.27 -25.56 -28.83
N LEU E 186 18.08 -24.98 -28.71
CA LEU E 186 16.87 -25.75 -28.90
C LEU E 186 16.64 -25.98 -30.38
N GLU E 187 16.42 -27.25 -30.76
CA GLU E 187 16.10 -27.60 -32.13
C GLU E 187 14.73 -27.03 -32.49
N PRO E 188 14.48 -26.80 -33.77
CA PRO E 188 13.13 -26.39 -34.18
C PRO E 188 12.08 -27.32 -33.60
N GLY E 189 10.94 -26.72 -33.22
CA GLY E 189 9.88 -27.47 -32.60
C GLY E 189 10.04 -27.71 -31.13
N SER E 190 11.01 -27.08 -30.47
CA SER E 190 11.21 -27.17 -29.03
C SER E 190 11.49 -25.79 -28.45
N SER E 191 10.71 -25.36 -27.46
CA SER E 191 10.99 -24.11 -26.76
C SER E 191 11.33 -24.21 -25.28
N TRP E 192 11.24 -25.38 -24.65
CA TRP E 192 11.37 -25.45 -23.20
C TRP E 192 12.84 -25.63 -22.80
N ASN E 193 13.30 -24.83 -21.85
CA ASN E 193 14.64 -24.92 -21.30
C ASN E 193 14.56 -25.03 -19.79
N THR E 194 15.47 -25.83 -19.22
CA THR E 194 15.43 -26.15 -17.80
C THR E 194 14.05 -26.70 -17.47
N MET E 195 13.66 -27.72 -18.22
CA MET E 195 12.32 -28.27 -18.08
C MET E 195 11.99 -28.76 -16.67
N PRO E 196 12.93 -29.30 -15.88
CA PRO E 196 12.71 -29.56 -14.45
C PRO E 196 11.86 -28.52 -13.72
N HIS E 198 13.89 -25.54 -11.34
CA HIS E 198 14.55 -25.93 -10.09
C HIS E 198 15.26 -24.75 -9.42
N THR E 199 15.57 -24.87 -8.12
CA THR E 199 16.22 -23.82 -7.34
C THR E 199 17.51 -24.38 -6.72
N HIS E 200 18.65 -23.82 -7.12
CA HIS E 200 19.90 -24.09 -6.42
C HIS E 200 20.07 -22.99 -5.40
N ALA E 201 19.91 -23.31 -4.11
CA ALA E 201 20.03 -22.26 -3.10
C ALA E 201 21.47 -21.80 -2.91
N ARG E 202 22.44 -22.60 -3.36
CA ARG E 202 23.86 -22.38 -3.12
C ARG E 202 24.58 -21.73 -4.31
N ARG E 203 23.84 -21.35 -5.37
CA ARG E 203 24.39 -20.75 -6.59
C ARG E 203 23.31 -19.89 -7.26
N MET E 204 23.74 -19.01 -8.17
CA MET E 204 22.82 -18.21 -8.96
C MET E 204 23.15 -18.36 -10.44
N GLU E 205 22.21 -17.95 -11.29
CA GLU E 205 22.39 -18.07 -12.73
C GLU E 205 21.87 -16.84 -13.46
N THR E 206 22.56 -16.47 -14.54
CA THR E 206 22.14 -15.45 -15.48
C THR E 206 22.03 -16.06 -16.87
N TYR E 207 20.87 -15.91 -17.50
CA TYR E 207 20.59 -16.47 -18.82
C TYR E 207 20.57 -15.35 -19.85
N MET E 208 21.23 -15.56 -21.00
CA MET E 208 21.14 -14.60 -22.10
C MET E 208 20.61 -15.30 -23.35
N TYR E 209 19.43 -14.89 -23.82
CA TYR E 209 18.76 -15.54 -24.93
C TYR E 209 19.06 -14.79 -26.22
N PHE E 210 19.35 -15.54 -27.29
CA PHE E 210 19.71 -14.95 -28.57
C PHE E 210 19.42 -15.97 -29.67
N ASN E 211 19.80 -15.63 -30.91
CA ASN E 211 19.53 -16.47 -32.07
C ASN E 211 18.07 -16.88 -32.14
N PHE E 212 17.19 -15.90 -32.06
CA PHE E 212 15.78 -16.20 -32.23
C PHE E 212 15.53 -16.63 -33.66
N ALA E 213 14.71 -17.68 -33.83
CA ALA E 213 14.46 -18.21 -35.16
C ALA E 213 13.88 -17.13 -36.08
N ASP E 214 12.81 -16.47 -35.63
CA ASP E 214 12.13 -15.42 -36.38
C ASP E 214 12.12 -14.13 -35.57
N PRO E 215 11.99 -12.98 -36.23
CA PRO E 215 11.96 -11.72 -35.46
C PRO E 215 10.76 -11.64 -34.54
N GLU E 216 9.73 -12.43 -34.81
CA GLU E 216 8.51 -12.41 -34.03
C GLU E 216 8.64 -13.27 -32.77
N THR E 217 9.75 -13.99 -32.62
CA THR E 217 9.93 -14.89 -31.49
C THR E 217 9.99 -14.11 -30.19
N ARG E 218 9.40 -14.67 -29.14
CA ARG E 218 9.58 -14.13 -27.80
C ARG E 218 9.74 -15.29 -26.83
N VAL E 219 10.49 -15.07 -25.76
CA VAL E 219 10.69 -16.06 -24.72
C VAL E 219 10.13 -15.54 -23.41
N PHE E 220 9.37 -16.39 -22.73
CA PHE E 220 8.82 -16.11 -21.42
C PHE E 220 9.67 -16.83 -20.38
N HIS E 221 10.43 -16.07 -19.60
CA HIS E 221 11.29 -16.61 -18.55
C HIS E 221 10.61 -16.44 -17.19
N PHE E 222 10.41 -17.55 -16.49
CA PHE E 222 9.81 -17.56 -15.17
C PHE E 222 10.86 -17.43 -14.08
N LEU E 223 10.53 -16.65 -13.05
CA LEU E 223 11.34 -16.54 -11.84
C LEU E 223 10.42 -16.48 -10.61
N GLY E 224 11.03 -16.53 -9.45
CA GLY E 224 10.36 -16.54 -8.16
C GLY E 224 10.47 -17.89 -7.48
N LYS E 225 10.15 -17.92 -6.18
CA LYS E 225 10.06 -19.21 -5.52
C LYS E 225 8.98 -20.04 -6.23
N PRO E 226 9.10 -21.37 -6.24
CA PRO E 226 8.19 -22.19 -7.07
C PRO E 226 6.70 -21.95 -6.82
N ASP E 227 6.29 -21.58 -5.59
CA ASP E 227 4.86 -21.35 -5.37
C ASP E 227 4.42 -19.98 -5.88
N GLU E 228 5.25 -18.95 -5.79
CA GLU E 228 4.87 -17.65 -6.32
C GLU E 228 5.77 -17.31 -7.51
N THR E 229 5.27 -17.55 -8.73
CA THR E 229 6.08 -17.41 -9.93
C THR E 229 5.60 -16.24 -10.77
N ARG E 230 6.54 -15.45 -11.26
CA ARG E 230 6.32 -14.35 -12.18
C ARG E 230 7.03 -14.66 -13.49
N HIS E 231 6.87 -13.80 -14.49
CA HIS E 231 7.61 -14.03 -15.73
C HIS E 231 7.97 -12.72 -16.39
N ILE E 232 9.08 -12.72 -17.11
CA ILE E 232 9.50 -11.60 -17.94
C ILE E 232 9.52 -12.09 -19.39
N THR E 233 9.00 -11.29 -20.31
CA THR E 233 9.02 -11.66 -21.71
C THR E 233 10.19 -10.98 -22.41
N LEU E 234 10.96 -11.76 -23.16
CA LEU E 234 12.27 -11.38 -23.67
C LEU E 234 12.26 -11.27 -25.19
N PHE E 235 12.88 -10.20 -25.71
CA PHE E 235 13.22 -10.10 -27.12
C PHE E 235 14.58 -10.73 -27.37
N ASN E 236 15.03 -10.68 -28.61
CA ASN E 236 16.33 -11.24 -28.95
C ASN E 236 17.45 -10.44 -28.27
N GLU E 237 18.51 -11.17 -27.87
CA GLU E 237 19.73 -10.58 -27.29
C GLU E 237 19.42 -9.77 -26.02
N GLN E 238 18.75 -10.43 -25.09
CA GLN E 238 18.48 -9.89 -23.77
C GLN E 238 18.79 -10.96 -22.74
N ALA E 239 19.02 -10.54 -21.51
CA ALA E 239 19.47 -11.43 -20.45
C ALA E 239 18.67 -11.18 -19.17
N VAL E 240 18.55 -12.22 -18.34
CA VAL E 240 17.79 -12.13 -17.09
C VAL E 240 18.54 -12.86 -15.98
N VAL E 241 18.59 -12.24 -14.80
CA VAL E 241 19.29 -12.73 -13.60
C VAL E 241 18.37 -13.59 -12.74
N ASN E 242 18.84 -14.75 -12.32
CA ASN E 242 18.06 -15.68 -11.50
C ASN E 242 18.70 -15.82 -10.14
N PRO E 243 18.14 -15.19 -9.12
CA PRO E 243 18.69 -15.34 -7.77
C PRO E 243 18.63 -16.80 -7.31
N SER E 244 19.42 -17.09 -6.27
CA SER E 244 19.52 -18.46 -5.76
C SER E 244 18.16 -18.99 -5.34
N TRP E 245 17.25 -18.11 -4.93
CA TRP E 245 15.98 -18.54 -4.39
C TRP E 245 14.91 -18.73 -5.47
N SER E 246 15.22 -18.46 -6.72
CA SER E 246 14.25 -18.52 -7.80
C SER E 246 14.54 -19.69 -8.74
N ILE E 247 13.46 -20.26 -9.27
CA ILE E 247 13.51 -21.29 -10.27
C ILE E 247 14.01 -20.72 -11.61
N HIS E 248 14.44 -21.62 -12.49
CA HIS E 248 14.94 -21.27 -13.81
C HIS E 248 14.06 -21.95 -14.83
N CYS E 249 13.30 -21.15 -15.58
CA CYS E 249 12.44 -21.65 -16.64
C CYS E 249 12.39 -20.63 -17.75
N GLY E 250 12.09 -21.10 -18.94
CA GLY E 250 11.80 -20.23 -20.07
C GLY E 250 11.03 -21.02 -21.10
N VAL E 251 10.18 -20.30 -21.84
CA VAL E 251 9.43 -20.86 -22.95
C VAL E 251 9.46 -19.87 -24.10
N GLY E 252 9.77 -20.36 -25.30
CA GLY E 252 9.70 -19.55 -26.49
C GLY E 252 8.44 -19.85 -27.29
N THR E 253 8.11 -18.95 -28.22
CA THR E 253 7.09 -19.23 -29.22
C THR E 253 7.65 -20.03 -30.38
N THR E 254 8.97 -20.00 -30.56
CA THR E 254 9.71 -20.87 -31.47
C THR E 254 10.97 -21.30 -30.74
N ASN E 255 11.83 -22.01 -31.47
CA ASN E 255 13.13 -22.39 -30.93
C ASN E 255 14.05 -21.17 -30.87
N TYR E 256 15.13 -21.32 -30.11
CA TYR E 256 16.04 -20.22 -29.79
C TYR E 256 17.31 -20.82 -29.18
N ALA E 257 18.22 -19.94 -28.78
CA ALA E 257 19.42 -20.35 -28.05
C ALA E 257 19.65 -19.42 -26.86
N PHE E 258 20.40 -19.91 -25.87
CA PHE E 258 20.79 -19.07 -24.75
C PHE E 258 22.12 -19.55 -24.17
N ILE E 259 22.90 -18.59 -23.66
CA ILE E 259 24.08 -18.86 -22.86
C ILE E 259 23.72 -18.68 -21.40
N TRP E 260 24.00 -19.68 -20.59
CA TRP E 260 23.83 -19.58 -19.14
C TRP E 260 25.18 -19.31 -18.52
N ALA E 261 25.20 -18.50 -17.47
CA ALA E 261 26.40 -18.25 -16.70
C ALA E 261 26.06 -18.42 -15.22
N MET E 262 26.86 -19.23 -14.53
CA MET E 262 26.57 -19.61 -13.17
C MET E 262 27.76 -19.26 -12.30
N CYS E 263 27.47 -18.91 -11.06
CA CYS E 263 28.45 -18.73 -10.02
C CYS E 263 27.71 -18.87 -8.71
N GLY E 264 28.42 -18.81 -7.60
CA GLY E 264 27.73 -19.12 -6.37
C GLY E 264 28.73 -19.59 -5.35
N GLU E 265 28.23 -20.35 -4.38
CA GLU E 265 29.11 -20.77 -3.32
C GLU E 265 29.84 -22.08 -3.62
N ASN E 266 29.40 -22.81 -4.63
CA ASN E 266 30.03 -24.05 -5.07
C ASN E 266 29.88 -24.17 -6.59
N GLN E 267 30.65 -25.09 -7.18
CA GLN E 267 30.51 -25.44 -8.60
C GLN E 267 29.73 -26.72 -8.86
N THR E 268 29.22 -27.40 -7.82
CA THR E 268 28.58 -28.70 -7.99
C THR E 268 27.29 -28.67 -8.82
N MET E 272 21.75 -29.00 -6.56
CA MET E 272 20.54 -28.28 -6.93
C MET E 272 19.30 -29.09 -6.55
N ASP E 273 18.33 -28.43 -5.93
CA ASP E 273 17.06 -29.06 -5.56
C ASP E 273 16.12 -29.06 -6.76
N GLN E 274 15.42 -30.18 -6.96
CA GLN E 274 14.57 -30.33 -8.14
C GLN E 274 13.11 -29.98 -7.87
N GLU E 279 4.39 -25.84 -8.96
CA GLU E 279 4.49 -24.39 -9.16
C GLU E 279 3.13 -23.68 -9.04
N LEU E 280 3.17 -22.45 -8.51
CA LEU E 280 1.99 -21.59 -8.31
C LEU E 280 0.86 -22.28 -7.54
N SER F 2 20.26 -27.87 18.97
CA SER F 2 21.17 -26.93 19.58
C SER F 2 22.13 -26.36 18.54
N PHE F 3 21.89 -26.67 17.26
CA PHE F 3 22.57 -25.99 16.17
C PHE F 3 21.48 -25.30 15.35
N SER F 4 21.72 -24.05 14.99
CA SER F 4 20.76 -23.33 14.18
C SER F 4 21.48 -22.48 13.15
N MET F 5 20.96 -22.48 11.92
CA MET F 5 21.37 -21.56 10.88
C MET F 5 20.15 -21.04 10.16
N VAL F 6 19.96 -19.73 10.16
CA VAL F 6 18.85 -19.12 9.45
C VAL F 6 19.40 -18.38 8.25
N THR F 7 18.56 -18.23 7.23
CA THR F 7 18.92 -17.51 6.03
C THR F 7 18.25 -16.13 6.03
N ARG F 8 18.98 -15.14 5.53
CA ARG F 8 18.49 -13.78 5.40
C ARG F 8 18.85 -13.30 4.00
N TYR F 9 17.86 -12.79 3.28
CA TYR F 9 18.06 -12.31 1.92
C TYR F 9 18.61 -10.89 1.91
N ALA F 10 19.28 -10.56 0.81
CA ALA F 10 19.75 -9.22 0.54
C ALA F 10 18.60 -8.37 0.01
N HIS F 11 18.85 -7.05 -0.07
CA HIS F 11 17.80 -6.11 -0.48
C HIS F 11 18.41 -4.91 -1.18
N SER F 12 17.55 -4.17 -1.91
CA SER F 12 17.84 -2.82 -2.39
C SER F 12 17.47 -1.80 -1.34
N PRO F 13 17.99 -0.57 -1.44
CA PRO F 13 17.51 0.52 -0.58
C PRO F 13 16.02 0.79 -0.70
N GLU F 14 15.50 0.87 -1.93
CA GLU F 14 14.07 1.06 -2.11
C GLU F 14 13.27 0.01 -1.34
N ASP F 15 13.77 -1.23 -1.29
CA ASP F 15 13.04 -2.31 -0.61
C ASP F 15 12.85 -2.01 0.87
N ILE F 16 13.83 -1.39 1.52
CA ILE F 16 13.73 -1.21 2.96
C ILE F 16 13.14 0.14 3.36
N GLN F 17 12.95 1.07 2.42
CA GLN F 17 12.61 2.44 2.77
C GLN F 17 11.41 2.50 3.69
N HIS F 18 10.42 1.65 3.44
CA HIS F 18 9.19 1.58 4.20
C HIS F 18 9.12 0.38 5.14
N TYR F 19 10.19 -0.41 5.28
CA TYR F 19 10.21 -1.43 6.33
C TYR F 19 9.87 -0.80 7.67
N ASP F 20 9.00 -1.45 8.44
CA ASP F 20 8.81 -0.95 9.79
C ASP F 20 9.93 -1.46 10.69
N THR F 21 9.96 -1.02 11.95
CA THR F 21 11.08 -1.34 12.84
C THR F 21 11.19 -2.84 13.11
N SER F 22 10.06 -3.53 13.26
CA SER F 22 10.11 -4.97 13.51
C SER F 22 10.67 -5.72 12.31
N LYS F 23 10.44 -5.20 11.10
CA LYS F 23 10.96 -5.85 9.90
C LYS F 23 12.47 -5.64 9.79
N LEU F 24 12.94 -4.42 10.03
CA LEU F 24 14.37 -4.15 10.06
C LEU F 24 15.10 -5.11 10.98
N ARG F 25 14.56 -5.34 12.17
CA ARG F 25 15.22 -6.24 13.11
C ARG F 25 15.30 -7.66 12.57
N HIS F 26 14.20 -8.17 11.99
CA HIS F 26 14.22 -9.53 11.49
C HIS F 26 15.19 -9.65 10.32
N GLU F 27 15.24 -8.66 9.44
CA GLU F 27 16.03 -8.79 8.23
C GLU F 27 17.52 -8.58 8.52
N PHE F 28 17.86 -7.53 9.24
CA PHE F 28 19.27 -7.20 9.41
C PHE F 28 19.87 -7.61 10.75
N LEU F 29 19.09 -8.11 11.70
CA LEU F 29 19.56 -8.25 13.07
C LEU F 29 19.52 -9.70 13.52
N MET F 30 20.65 -10.17 14.04
CA MET F 30 20.73 -11.48 14.68
C MET F 30 20.57 -11.26 16.18
N GLU F 31 19.42 -11.67 16.71
CA GLU F 31 19.06 -11.28 18.07
C GLU F 31 19.72 -12.16 19.12
N LYS F 32 20.14 -13.37 18.77
CA LYS F 32 20.82 -14.28 19.68
C LYS F 32 22.01 -14.93 18.99
N ILE F 33 23.18 -14.85 19.61
CA ILE F 33 24.43 -15.32 19.02
C ILE F 33 25.01 -16.43 19.91
N PHE F 34 25.24 -16.11 21.17
CA PHE F 34 25.80 -17.05 22.15
C PHE F 34 24.67 -17.52 23.07
N ASN F 35 24.31 -18.80 22.97
CA ASN F 35 23.31 -19.38 23.86
C ASN F 35 23.84 -20.69 24.45
N PRO F 36 23.58 -20.97 25.73
CA PRO F 36 24.21 -22.13 26.37
C PRO F 36 23.81 -23.44 25.68
N GLY F 37 24.83 -24.21 25.30
CA GLY F 37 24.65 -25.48 24.64
C GLY F 37 24.41 -25.42 23.15
N ASP F 38 24.21 -24.22 22.60
CA ASP F 38 23.74 -24.08 21.24
C ASP F 38 24.82 -23.40 20.40
N ILE F 39 24.75 -23.64 19.09
CA ILE F 39 25.43 -22.82 18.11
C ILE F 39 24.37 -22.17 17.22
N LEU F 40 24.46 -20.85 17.06
CA LEU F 40 23.55 -20.08 16.24
C LEU F 40 24.30 -19.36 15.13
N LEU F 41 23.74 -19.39 13.93
CA LEU F 41 24.40 -18.88 12.73
C LEU F 41 23.37 -18.18 11.86
N THR F 42 23.88 -17.24 11.07
CA THR F 42 23.13 -16.56 10.02
C THR F 42 23.81 -16.70 8.67
N TYR F 43 23.02 -16.91 7.64
CA TYR F 43 23.53 -16.93 6.27
C TYR F 43 22.95 -15.71 5.58
N THR F 44 23.79 -14.75 5.24
CA THR F 44 23.33 -13.56 4.53
C THR F 44 23.64 -13.65 3.05
N TYR F 45 22.68 -13.25 2.23
CA TYR F 45 22.90 -13.16 0.81
C TYR F 45 23.66 -11.90 0.44
N ASN F 46 24.14 -11.17 1.45
CA ASN F 46 25.14 -10.14 1.19
C ASN F 46 26.49 -10.84 1.22
N ASP F 47 27.01 -11.14 0.01
CA ASP F 47 28.27 -11.85 -0.20
C ASP F 47 28.34 -13.21 0.50
N ARG F 48 27.20 -13.80 0.84
CA ARG F 48 27.15 -15.17 1.38
C ARG F 48 28.01 -15.32 2.63
N MET F 49 28.04 -14.27 3.46
CA MET F 49 28.74 -14.38 4.73
C MET F 49 27.93 -15.23 5.71
N ILE F 50 28.62 -16.08 6.42
CA ILE F 50 28.06 -16.84 7.52
C ILE F 50 28.69 -16.32 8.79
N PHE F 51 27.86 -15.95 9.74
CA PHE F 51 28.39 -15.46 11.00
C PHE F 51 27.47 -15.90 12.12
N GLY F 52 28.05 -16.00 13.31
CA GLY F 52 27.31 -16.46 14.45
C GLY F 52 28.27 -16.83 15.55
N GLY F 53 27.79 -17.70 16.43
CA GLY F 53 28.63 -18.13 17.52
C GLY F 53 28.35 -19.57 17.87
N VAL F 54 29.37 -20.18 18.47
CA VAL F 54 29.31 -21.55 18.95
C VAL F 54 29.57 -21.39 20.43
N MET F 55 28.54 -21.61 21.23
CA MET F 55 28.59 -21.30 22.67
C MET F 55 28.37 -22.63 23.35
N PRO F 56 29.42 -23.40 23.56
CA PRO F 56 29.24 -24.74 24.11
C PRO F 56 28.79 -24.73 25.56
N THR F 57 28.76 -25.94 26.10
CA THR F 57 28.63 -26.16 27.54
C THR F 57 29.88 -26.93 27.91
N ASP F 58 30.00 -28.17 27.48
CA ASP F 58 31.22 -28.88 27.80
C ASP F 58 32.01 -29.31 26.56
N GLU F 59 31.74 -30.51 26.02
CA GLU F 59 32.51 -31.03 24.88
C GLU F 59 31.98 -30.86 23.45
N PRO F 60 30.79 -31.38 23.11
CA PRO F 60 30.38 -31.31 21.70
C PRO F 60 30.08 -29.88 21.26
N LEU F 61 30.78 -29.40 20.23
CA LEU F 61 30.19 -28.50 19.24
C LEU F 61 30.90 -28.65 17.90
N GLU F 62 30.13 -28.83 16.84
CA GLU F 62 30.72 -28.84 15.52
C GLU F 62 29.71 -28.26 14.54
N ILE F 63 30.24 -27.58 13.54
CA ILE F 63 29.43 -27.04 12.46
C ILE F 63 29.36 -28.13 11.41
N LYS F 64 28.20 -28.77 11.28
CA LYS F 64 28.07 -29.86 10.33
C LYS F 64 27.39 -29.21 9.14
N LEU F 65 28.19 -28.86 8.15
CA LEU F 65 27.68 -28.30 6.91
C LEU F 65 28.46 -28.96 5.78
N SER F 66 27.77 -29.74 4.97
CA SER F 66 28.40 -30.29 3.78
C SER F 66 27.46 -30.16 2.61
N THR F 67 26.40 -30.97 2.65
CA THR F 67 25.41 -30.98 1.58
C THR F 67 24.63 -29.69 1.53
N GLU F 68 24.44 -29.04 2.69
CA GLU F 68 23.69 -27.80 2.74
C GLU F 68 24.40 -26.70 1.95
N LEU F 69 25.73 -26.71 1.95
CA LEU F 69 26.56 -25.84 1.13
C LEU F 69 27.03 -26.47 -0.18
N GLY F 70 26.55 -27.67 -0.51
CA GLY F 70 26.91 -28.33 -1.76
C GLY F 70 28.36 -28.75 -1.87
N VAL F 71 28.96 -29.12 -0.74
CA VAL F 71 30.38 -29.42 -0.63
C VAL F 71 30.55 -30.61 0.30
N ASP F 72 31.78 -31.13 0.37
CA ASP F 72 32.00 -32.30 1.19
C ASP F 72 32.16 -31.95 2.66
N PHE F 73 32.72 -30.79 2.97
CA PHE F 73 32.92 -30.36 4.35
C PHE F 73 32.85 -28.84 4.40
N PHE F 74 32.63 -28.32 5.62
CA PHE F 74 32.26 -26.91 5.79
C PHE F 74 33.18 -25.97 5.03
N LEU F 75 34.48 -26.11 5.24
CA LEU F 75 35.50 -25.18 4.74
C LEU F 75 36.09 -25.58 3.39
N GLN F 76 35.50 -26.56 2.69
CA GLN F 76 36.05 -26.96 1.40
C GLN F 76 36.22 -25.76 0.47
N ARG F 77 35.15 -24.99 0.27
CA ARG F 77 35.18 -23.77 -0.51
C ARG F 77 35.14 -22.48 0.30
N ARG F 78 35.26 -22.51 1.63
CA ARG F 78 35.17 -21.31 2.45
C ARG F 78 36.39 -21.14 3.35
N GLU F 79 36.57 -19.92 3.87
CA GLU F 79 37.52 -19.67 4.94
C GLU F 79 36.75 -19.21 6.19
N LEU F 80 37.43 -19.15 7.32
CA LEU F 80 36.74 -18.90 8.58
C LEU F 80 37.63 -18.09 9.50
N GLY F 81 37.14 -16.95 9.99
CA GLY F 81 37.72 -16.27 11.14
C GLY F 81 36.98 -16.58 12.43
N ILE F 82 37.70 -16.56 13.54
CA ILE F 82 37.12 -16.88 14.83
C ILE F 82 37.71 -15.98 15.91
N ILE F 83 36.84 -15.45 16.79
CA ILE F 83 37.23 -14.68 17.96
C ILE F 83 36.57 -15.24 19.20
N ASN F 84 37.35 -15.35 20.28
CA ASN F 84 36.84 -15.83 21.56
C ASN F 84 36.58 -14.61 22.42
N ILE F 85 35.31 -14.27 22.61
CA ILE F 85 34.95 -13.15 23.47
C ILE F 85 34.62 -13.61 24.88
N GLY F 86 34.55 -14.91 25.12
CA GLY F 86 34.24 -15.44 26.43
C GLY F 86 35.41 -16.04 27.17
N GLY F 87 35.13 -17.00 28.04
CA GLY F 87 36.14 -17.65 28.85
C GLY F 87 36.99 -18.62 28.05
N ALA F 88 37.97 -19.22 28.74
CA ALA F 88 38.93 -20.10 28.09
C ALA F 88 38.24 -21.34 27.53
N GLY F 89 38.70 -21.78 26.37
CA GLY F 89 38.12 -22.91 25.66
C GLY F 89 39.08 -23.43 24.60
N ALA F 90 38.53 -24.26 23.69
CA ALA F 90 39.41 -24.86 22.69
C ALA F 90 38.69 -25.13 21.37
N ILE F 91 39.47 -25.00 20.29
CA ILE F 91 39.10 -25.48 18.96
C ILE F 91 40.10 -26.55 18.56
N THR F 92 39.59 -27.65 18.02
CA THR F 92 40.42 -28.73 17.52
C THR F 92 40.45 -28.71 15.99
N ILE F 93 41.62 -28.47 15.41
CA ILE F 93 41.78 -28.37 13.96
C ILE F 93 42.41 -29.67 13.47
N ASP F 94 41.60 -30.49 12.78
CA ASP F 94 42.03 -31.79 12.28
C ASP F 94 42.57 -32.67 13.40
N GLY F 95 41.86 -32.69 14.53
CA GLY F 95 42.28 -33.44 15.68
C GLY F 95 43.22 -32.71 16.61
N ARG F 96 43.79 -31.59 16.16
CA ARG F 96 44.75 -30.85 16.96
C ARG F 96 44.00 -29.80 17.78
N LYS F 97 43.96 -30.02 19.10
CA LYS F 97 43.26 -29.16 20.03
C LYS F 97 44.16 -27.97 20.39
N ASP F 98 43.68 -26.75 20.15
CA ASP F 98 44.42 -25.54 20.51
C ASP F 98 43.52 -24.67 21.38
N ALA F 99 44.05 -24.30 22.54
CA ALA F 99 43.33 -23.57 23.58
C ALA F 99 43.27 -22.08 23.27
N MET F 100 42.17 -21.46 23.68
CA MET F 100 41.89 -20.08 23.33
C MET F 100 41.64 -19.29 24.60
N SER F 101 42.51 -18.32 24.86
CA SER F 101 42.32 -17.45 26.00
C SER F 101 41.37 -16.33 25.58
N ASN F 102 41.18 -15.36 26.46
CA ASN F 102 40.30 -14.24 26.18
C ASN F 102 40.82 -13.36 25.04
N GLN F 103 39.95 -13.13 24.07
CA GLN F 103 40.18 -12.28 22.90
C GLN F 103 41.29 -12.79 21.99
N ASP F 104 41.63 -14.08 22.05
CA ASP F 104 42.55 -14.65 21.08
C ASP F 104 41.82 -14.96 19.78
N GLY F 105 42.48 -14.68 18.66
CA GLY F 105 41.92 -14.92 17.36
C GLY F 105 42.45 -16.17 16.67
N TYR F 106 41.75 -16.58 15.62
CA TYR F 106 42.18 -17.69 14.79
C TYR F 106 41.66 -17.47 13.38
N TYR F 107 42.50 -17.80 12.41
CA TYR F 107 42.13 -17.89 11.01
C TYR F 107 42.40 -19.29 10.50
N ILE F 108 41.49 -19.80 9.68
CA ILE F 108 41.58 -21.17 9.15
C ILE F 108 41.31 -21.13 7.66
N GLY F 109 42.28 -21.61 6.87
CA GLY F 109 42.23 -21.45 5.42
C GLY F 109 41.28 -22.43 4.74
N MET F 110 41.09 -22.20 3.45
CA MET F 110 40.21 -23.06 2.66
C MET F 110 40.72 -24.50 2.66
N GLY F 111 39.81 -25.46 2.88
CA GLY F 111 40.14 -26.86 2.82
C GLY F 111 40.29 -27.57 4.16
N THR F 112 40.40 -26.85 5.27
CA THR F 112 40.58 -27.48 6.58
C THR F 112 39.28 -28.18 6.97
N GLN F 113 39.38 -29.49 7.22
CA GLN F 113 38.23 -30.37 7.17
C GLN F 113 37.42 -30.42 8.46
N LYS F 114 38.02 -30.23 9.63
CA LYS F 114 37.23 -30.30 10.86
C LYS F 114 37.68 -29.31 11.91
N VAL F 115 36.74 -28.53 12.46
CA VAL F 115 36.97 -27.69 13.63
C VAL F 115 35.85 -27.92 14.64
N VAL F 116 36.23 -28.26 15.87
CA VAL F 116 35.31 -28.54 16.97
C VAL F 116 35.61 -27.59 18.12
N PHE F 117 34.57 -27.01 18.70
CA PHE F 117 34.72 -25.99 19.74
C PHE F 117 34.43 -26.62 21.10
N THR F 118 35.36 -26.46 22.04
CA THR F 118 35.18 -26.92 23.42
C THR F 118 35.58 -25.84 24.41
N SER F 119 34.98 -25.89 25.61
CA SER F 119 35.33 -25.00 26.72
C SER F 119 35.66 -25.81 27.96
N GLU F 120 36.55 -25.29 28.81
CA GLU F 120 36.91 -25.99 30.05
C GLU F 120 35.81 -25.92 31.10
N ASP F 121 35.52 -24.73 31.59
CA ASP F 121 34.55 -24.60 32.65
C ASP F 121 33.18 -24.41 32.03
N ARG F 122 32.27 -25.35 32.31
CA ARG F 122 30.89 -25.17 31.88
C ARG F 122 30.28 -23.94 32.52
N ASP F 123 30.77 -23.55 33.70
CA ASP F 123 30.26 -22.40 34.44
C ASP F 123 30.99 -21.10 34.11
N HIS F 124 32.10 -21.16 33.36
CA HIS F 124 32.73 -19.98 32.76
C HIS F 124 33.03 -20.30 31.30
N PRO F 125 31.99 -20.47 30.48
CA PRO F 125 32.16 -21.04 29.14
C PRO F 125 32.84 -20.09 28.17
N ALA F 126 33.29 -20.66 27.05
CA ALA F 126 33.79 -19.88 25.92
C ALA F 126 32.64 -19.39 25.03
N LYS F 127 32.80 -18.17 24.53
CA LYS F 127 31.90 -17.59 23.52
C LYS F 127 32.72 -17.37 22.25
N PHE F 128 32.46 -18.18 21.21
CA PHE F 128 33.21 -18.14 19.96
C PHE F 128 32.42 -17.36 18.91
N TYR F 129 32.88 -16.17 18.53
CA TYR F 129 32.31 -15.46 17.39
C TYR F 129 33.01 -15.91 16.11
N VAL F 130 32.23 -16.38 15.15
CA VAL F 130 32.80 -17.00 13.95
C VAL F 130 32.28 -16.29 12.72
N VAL F 131 33.16 -16.09 11.74
CA VAL F 131 32.79 -15.53 10.45
C VAL F 131 33.43 -16.34 9.34
N SER F 132 32.61 -16.80 8.39
CA SER F 132 33.07 -17.55 7.24
C SER F 132 32.62 -16.87 5.97
N THR F 133 33.54 -16.71 5.02
CA THR F 133 33.22 -16.27 3.67
C THR F 133 33.73 -17.28 2.65
N PRO F 134 33.11 -17.35 1.48
CA PRO F 134 33.61 -18.25 0.43
C PRO F 134 35.06 -17.94 0.07
N ALA F 135 35.81 -19.00 -0.25
CA ALA F 135 37.24 -18.90 -0.53
C ALA F 135 37.61 -19.82 -1.69
N HIS F 136 38.39 -19.31 -2.65
CA HIS F 136 38.91 -20.14 -3.74
C HIS F 136 40.36 -20.58 -3.57
N LYS F 137 41.06 -20.13 -2.54
CA LYS F 137 42.48 -20.42 -2.39
C LYS F 137 42.78 -20.72 -0.94
N THR F 138 43.52 -21.81 -0.72
CA THR F 138 43.96 -22.14 0.62
C THR F 138 45.15 -21.26 0.96
N TYR F 139 45.10 -20.66 2.14
CA TYR F 139 46.08 -19.82 2.79
C TYR F 139 46.39 -20.38 4.16
N PRO F 140 47.58 -20.09 4.69
CA PRO F 140 48.00 -20.72 5.94
C PRO F 140 47.12 -20.33 7.12
N ASN F 141 46.78 -21.31 7.94
CA ASN F 141 46.18 -21.02 9.24
C ASN F 141 47.12 -20.12 10.04
N LYS F 142 46.55 -19.20 10.83
CA LYS F 142 47.39 -18.31 11.62
C LYS F 142 46.74 -18.03 12.96
N LYS F 143 47.57 -17.92 13.99
CA LYS F 143 47.10 -17.53 15.31
C LYS F 143 47.21 -16.03 15.51
N LEU F 144 46.19 -15.47 16.15
CA LEU F 144 46.04 -14.04 16.36
C LEU F 144 46.11 -13.85 17.86
N PRO F 145 47.32 -13.77 18.42
CA PRO F 145 47.45 -13.66 19.87
C PRO F 145 47.03 -12.29 20.34
N PHE F 146 46.30 -12.24 21.47
CA PHE F 146 45.99 -10.93 22.06
C PHE F 146 47.25 -10.27 22.61
N ALA F 147 48.19 -11.06 23.13
CA ALA F 147 49.42 -10.50 23.67
C ALA F 147 50.14 -9.64 22.64
N THR F 148 50.41 -10.18 21.46
CA THR F 148 51.11 -9.43 20.42
C THR F 148 50.16 -8.65 19.51
N ALA F 149 48.89 -8.49 19.90
CA ALA F 149 47.93 -7.74 19.11
C ALA F 149 48.18 -6.24 19.31
N LEU F 150 48.50 -5.55 18.23
CA LEU F 150 48.91 -4.16 18.36
C LEU F 150 47.72 -3.34 18.82
N ALA F 151 47.83 -2.71 19.99
CA ALA F 151 46.75 -1.84 20.41
C ALA F 151 46.99 -0.51 19.72
N LYS F 152 45.98 0.03 19.08
CA LYS F 152 46.13 1.33 18.42
C LYS F 152 45.10 2.31 18.98
N PRO F 153 45.53 3.29 19.77
CA PRO F 153 44.58 4.26 20.32
C PRO F 153 44.11 5.22 19.24
N MET F 154 42.83 5.58 19.32
CA MET F 154 42.22 6.47 18.35
C MET F 154 41.14 7.29 19.03
N GLY F 155 40.87 8.46 18.47
CA GLY F 155 39.77 9.30 18.94
C GLY F 155 40.11 10.13 20.15
N ASP F 156 39.29 11.16 20.36
CA ASP F 156 39.39 12.09 21.48
C ASP F 156 38.08 12.09 22.26
N GLN F 157 38.05 12.83 23.37
CA GLN F 157 36.82 12.92 24.15
C GLN F 157 35.82 13.92 23.59
N GLN F 158 36.31 14.97 22.91
CA GLN F 158 35.40 15.97 22.36
C GLN F 158 34.43 15.33 21.39
N HIS F 159 34.88 14.31 20.65
CA HIS F 159 34.05 13.58 19.71
C HIS F 159 33.52 12.26 20.25
N LEU F 160 33.77 11.94 21.51
CA LEU F 160 33.17 10.78 22.18
C LEU F 160 33.49 9.46 21.47
N ASN F 161 34.54 9.44 20.66
CA ASN F 161 35.01 8.26 19.96
C ASN F 161 36.29 7.65 20.56
N LYS F 162 36.75 8.14 21.70
CA LYS F 162 38.02 7.65 22.25
C LYS F 162 37.99 6.11 22.40
N ARG F 163 38.94 5.42 21.76
CA ARG F 163 38.83 3.96 21.65
C ARG F 163 40.19 3.33 21.35
N THR F 164 40.27 2.01 21.55
CA THR F 164 41.46 1.26 21.16
C THR F 164 41.12 0.35 19.98
N ILE F 165 41.96 0.44 18.95
CA ILE F 165 41.78 -0.33 17.72
C ILE F 165 42.78 -1.47 17.72
N TYR F 166 42.30 -2.69 17.42
CA TYR F 166 43.12 -3.90 17.40
C TYR F 166 43.03 -4.57 16.03
N LYS F 167 44.14 -4.68 15.31
CA LYS F 167 44.17 -5.44 14.07
C LYS F 167 44.16 -6.94 14.38
N TYR F 168 43.30 -7.70 13.68
CA TYR F 168 43.29 -9.16 13.81
C TYR F 168 43.56 -9.90 12.50
N ILE F 169 42.56 -9.97 11.62
CA ILE F 169 42.74 -10.48 10.27
C ILE F 169 42.80 -9.28 9.34
N ASP F 170 44.01 -8.96 8.87
CA ASP F 170 44.30 -7.74 8.14
C ASP F 170 45.28 -8.01 7.00
N ALA F 171 44.99 -7.42 5.84
CA ALA F 171 45.76 -7.68 4.63
C ALA F 171 47.19 -7.19 4.69
N SER F 172 47.54 -6.34 5.65
CA SER F 172 48.93 -5.95 5.80
C SER F 172 49.73 -7.02 6.53
N GLN F 173 49.10 -7.67 7.52
CA GLN F 173 49.72 -8.75 8.31
C GLN F 173 49.50 -10.16 7.78
N MET F 174 48.58 -10.38 6.83
CA MET F 174 48.14 -11.74 6.50
C MET F 174 47.62 -11.78 5.08
N ASP F 175 47.43 -13.01 4.61
CA ASP F 175 46.88 -13.31 3.29
C ASP F 175 45.55 -14.04 3.49
N THR F 176 44.48 -13.47 2.94
CA THR F 176 43.19 -14.13 2.92
C THR F 176 42.58 -13.91 1.56
N CYS F 177 41.64 -14.79 1.23
CA CYS F 177 40.87 -14.61 0.00
C CYS F 177 40.03 -13.36 0.08
N GLN F 178 39.12 -13.32 1.06
CA GLN F 178 38.13 -12.25 1.17
C GLN F 178 38.03 -11.64 2.56
N LEU F 179 37.86 -12.53 3.55
CA LEU F 179 37.56 -12.17 4.93
C LEU F 179 38.57 -11.23 5.56
N GLN F 180 38.05 -10.25 6.32
CA GLN F 180 38.81 -9.36 7.22
C GLN F 180 38.05 -9.16 8.53
N MET F 181 38.77 -9.07 9.65
CA MET F 181 38.12 -8.97 10.94
C MET F 181 38.92 -8.08 11.88
N GLY F 182 38.21 -7.33 12.74
CA GLY F 182 38.84 -6.46 13.71
C GLY F 182 38.04 -6.34 14.99
N TYR F 183 38.65 -5.69 15.98
CA TYR F 183 38.14 -5.60 17.34
C TYR F 183 38.35 -4.18 17.84
N THR F 184 37.31 -3.57 18.39
CA THR F 184 37.39 -2.18 18.84
C THR F 184 36.76 -2.04 20.22
N VAL F 185 37.53 -1.54 21.19
CA VAL F 185 37.02 -1.29 22.54
C VAL F 185 37.00 0.22 22.73
N LEU F 186 35.78 0.76 22.86
CA LEU F 186 35.61 2.15 23.21
C LEU F 186 35.99 2.36 24.66
N GLU F 187 36.78 3.40 24.92
CA GLU F 187 37.10 3.79 26.29
C GLU F 187 35.83 4.25 27.00
N PRO F 188 35.77 4.10 28.32
CA PRO F 188 34.64 4.65 29.06
C PRO F 188 34.46 6.14 28.75
N GLY F 189 33.22 6.57 28.67
CA GLY F 189 32.90 7.92 28.27
C GLY F 189 32.89 8.17 26.78
N SER F 190 33.02 7.12 25.96
CA SER F 190 32.95 7.26 24.50
C SER F 190 32.14 6.11 23.92
N SER F 191 31.08 6.42 23.18
CA SER F 191 30.27 5.42 22.51
C SER F 191 30.22 5.46 20.98
N TRP F 192 30.83 6.42 20.30
CA TRP F 192 30.61 6.56 18.86
C TRP F 192 31.60 5.70 18.09
N ASN F 193 31.09 4.93 17.12
CA ASN F 193 31.96 4.17 16.23
C ASN F 193 31.62 4.52 14.79
N THR F 194 32.67 4.60 13.95
CA THR F 194 32.60 5.04 12.54
C THR F 194 31.97 6.43 12.40
N MET F 195 32.69 7.44 12.92
CA MET F 195 32.16 8.81 13.00
C MET F 195 31.77 9.39 11.63
N PRO F 196 32.67 9.52 10.64
CA PRO F 196 32.18 9.55 9.24
C PRO F 196 31.79 8.16 8.74
N ALA F 197 30.69 8.11 7.97
CA ALA F 197 29.90 6.88 7.81
C ALA F 197 30.45 5.92 6.75
N HIS F 198 30.91 6.43 5.60
CA HIS F 198 31.65 5.64 4.60
C HIS F 198 30.90 4.42 4.03
N THR F 199 30.10 4.64 2.99
CA THR F 199 29.58 3.54 2.18
C THR F 199 30.62 3.08 1.13
N HIS F 200 30.90 1.77 1.11
CA HIS F 200 31.84 1.18 0.16
C HIS F 200 31.09 0.16 -0.68
N ALA F 201 30.87 0.48 -1.96
CA ALA F 201 30.01 -0.36 -2.79
C ALA F 201 30.55 -1.77 -3.02
N ARG F 202 31.86 -1.98 -2.93
CA ARG F 202 32.46 -3.23 -3.39
C ARG F 202 32.64 -4.28 -2.29
N ARG F 203 32.20 -4.00 -1.07
CA ARG F 203 32.29 -4.95 0.04
C ARG F 203 31.23 -4.59 1.07
N MET F 204 30.97 -5.53 1.97
CA MET F 204 30.00 -5.37 3.04
C MET F 204 30.69 -5.56 4.39
N GLU F 205 29.95 -5.29 5.46
CA GLU F 205 30.45 -5.42 6.82
C GLU F 205 29.36 -5.95 7.72
N THR F 206 29.76 -6.73 8.71
CA THR F 206 28.90 -7.16 9.79
C THR F 206 29.53 -6.73 11.10
N TYR F 207 28.76 -6.03 11.92
CA TYR F 207 29.20 -5.57 13.24
C TYR F 207 28.54 -6.46 14.29
N MET F 208 29.33 -6.94 15.24
CA MET F 208 28.82 -7.71 16.38
C MET F 208 29.19 -6.96 17.65
N TYR F 209 28.20 -6.50 18.39
CA TYR F 209 28.45 -5.66 19.56
C TYR F 209 28.41 -6.47 20.83
N PHE F 210 29.37 -6.22 21.72
CA PHE F 210 29.45 -6.98 22.95
C PHE F 210 30.25 -6.18 23.97
N ASN F 211 30.50 -6.79 25.12
CA ASN F 211 31.21 -6.17 26.24
C ASN F 211 30.60 -4.82 26.61
N PHE F 212 29.28 -4.84 26.81
CA PHE F 212 28.55 -3.67 27.26
C PHE F 212 28.95 -3.35 28.70
N ALA F 213 29.13 -2.05 28.98
CA ALA F 213 29.65 -1.63 30.28
C ALA F 213 28.82 -2.18 31.43
N ASP F 214 27.53 -1.94 31.40
CA ASP F 214 26.59 -2.42 32.43
C ASP F 214 25.42 -3.09 31.73
N PRO F 215 24.61 -3.86 32.45
CA PRO F 215 23.49 -4.55 31.77
C PRO F 215 22.49 -3.63 31.09
N GLU F 216 22.41 -2.35 31.46
CA GLU F 216 21.40 -1.47 30.89
C GLU F 216 21.82 -0.77 29.58
N THR F 217 23.10 -0.83 29.17
CA THR F 217 23.52 -0.08 28.00
C THR F 217 22.87 -0.61 26.71
N ARG F 218 22.65 0.29 25.76
CA ARG F 218 22.17 -0.03 24.44
C ARG F 218 23.03 0.68 23.40
N VAL F 219 23.11 0.08 22.21
CA VAL F 219 23.80 0.69 21.07
C VAL F 219 22.78 0.88 19.96
N PHE F 220 22.79 2.05 19.37
CA PHE F 220 21.92 2.36 18.26
C PHE F 220 22.76 2.26 17.01
N HIS F 221 22.49 1.26 16.18
CA HIS F 221 23.25 1.06 14.96
C HIS F 221 22.45 1.64 13.81
N PHE F 222 23.04 2.58 13.09
CA PHE F 222 22.38 3.21 11.94
C PHE F 222 22.74 2.48 10.67
N LEU F 223 21.74 2.33 9.78
CA LEU F 223 21.97 1.81 8.44
C LEU F 223 21.10 2.57 7.45
N GLY F 224 21.24 2.24 6.18
CA GLY F 224 20.53 2.88 5.10
C GLY F 224 21.44 3.71 4.23
N LYS F 225 20.91 4.12 3.09
CA LYS F 225 21.60 5.11 2.27
C LYS F 225 21.84 6.36 3.12
N PRO F 226 22.91 7.11 2.85
CA PRO F 226 23.24 8.24 3.72
C PRO F 226 22.12 9.25 3.90
N ASP F 227 21.24 9.42 2.88
CA ASP F 227 20.12 10.36 3.02
C ASP F 227 18.95 9.77 3.79
N GLU F 228 18.64 8.50 3.59
CA GLU F 228 17.55 7.81 4.28
C GLU F 228 18.13 6.80 5.24
N THR F 229 18.21 7.15 6.52
CA THR F 229 18.83 6.31 7.51
C THR F 229 17.79 5.79 8.49
N ARG F 230 17.93 4.53 8.85
CA ARG F 230 17.14 3.97 9.91
C ARG F 230 18.10 3.55 11.00
N HIS F 231 17.56 3.03 12.10
CA HIS F 231 18.45 2.53 13.14
C HIS F 231 17.82 1.33 13.79
N ILE F 232 18.67 0.43 14.24
CA ILE F 232 18.28 -0.76 14.99
C ILE F 232 18.89 -0.64 16.38
N THR F 233 18.08 -0.94 17.39
CA THR F 233 18.55 -0.86 18.76
C THR F 233 19.09 -2.23 19.17
N LEU F 234 20.31 -2.25 19.67
CA LEU F 234 21.06 -3.46 19.87
C LEU F 234 21.24 -3.70 21.37
N PHE F 235 20.92 -4.91 21.80
CA PHE F 235 21.33 -5.36 23.12
C PHE F 235 22.74 -5.93 23.02
N ASN F 236 23.27 -6.36 24.16
CA ASN F 236 24.60 -6.95 24.20
C ASN F 236 24.63 -8.24 23.39
N GLU F 237 25.77 -8.51 22.76
CA GLU F 237 25.97 -9.74 21.99
C GLU F 237 24.90 -9.87 20.90
N GLN F 238 24.77 -8.83 20.10
CA GLN F 238 23.92 -8.87 18.93
C GLN F 238 24.75 -8.35 17.76
N ALA F 239 24.30 -8.68 16.55
CA ALA F 239 25.06 -8.40 15.34
C ALA F 239 24.14 -7.81 14.28
N VAL F 240 24.72 -7.04 13.38
CA VAL F 240 23.93 -6.37 12.36
C VAL F 240 24.66 -6.47 11.04
N VAL F 241 23.94 -6.78 9.98
CA VAL F 241 24.54 -6.90 8.66
C VAL F 241 24.37 -5.58 7.95
N ASN F 242 25.46 -5.08 7.36
CA ASN F 242 25.42 -3.78 6.69
C ASN F 242 25.69 -3.95 5.21
N PRO F 243 24.68 -3.93 4.36
CA PRO F 243 24.92 -4.12 2.93
C PRO F 243 25.82 -3.04 2.37
N SER F 244 26.38 -3.32 1.19
CA SER F 244 27.38 -2.43 0.61
C SER F 244 26.83 -1.03 0.41
N TRP F 245 25.54 -0.89 0.21
CA TRP F 245 24.96 0.40 -0.14
C TRP F 245 24.62 1.25 1.09
N SER F 246 24.83 0.72 2.30
CA SER F 246 24.41 1.34 3.55
C SER F 246 25.59 1.87 4.37
N ILE F 247 25.33 2.96 5.09
CA ILE F 247 26.28 3.43 6.10
C ILE F 247 26.27 2.43 7.25
N HIS F 248 27.37 2.41 8.01
CA HIS F 248 27.43 1.61 9.23
C HIS F 248 27.93 2.53 10.32
N CYS F 249 27.07 2.80 11.29
CA CYS F 249 27.34 3.73 12.37
C CYS F 249 26.70 3.15 13.61
N GLY F 250 27.17 3.61 14.75
CA GLY F 250 26.54 3.26 15.99
C GLY F 250 27.00 4.16 17.10
N VAL F 251 26.12 4.35 18.08
CA VAL F 251 26.39 5.08 19.30
C VAL F 251 25.75 4.29 20.42
N GLY F 252 26.47 4.12 21.52
CA GLY F 252 25.91 3.52 22.70
C GLY F 252 25.52 4.56 23.77
N THR F 253 24.74 4.09 24.75
CA THR F 253 24.47 4.89 25.93
C THR F 253 25.65 4.85 26.92
N THR F 254 26.51 3.84 26.81
CA THR F 254 27.80 3.79 27.48
C THR F 254 28.82 3.22 26.49
N ASN F 255 30.03 2.96 26.98
CA ASN F 255 31.02 2.30 26.16
C ASN F 255 30.69 0.82 26.04
N TYR F 256 31.31 0.18 25.06
CA TYR F 256 31.02 -1.19 24.64
C TYR F 256 32.20 -1.59 23.77
N ALA F 257 32.11 -2.79 23.19
CA ALA F 257 33.10 -3.21 22.20
C ALA F 257 32.42 -3.86 21.00
N PHE F 258 33.13 -3.88 19.88
CA PHE F 258 32.59 -4.65 18.78
C PHE F 258 33.69 -5.28 17.93
N ILE F 259 33.33 -6.41 17.32
CA ILE F 259 34.09 -7.06 16.27
C ILE F 259 33.43 -6.71 14.95
N TRP F 260 34.18 -6.16 14.02
CA TRP F 260 33.67 -5.96 12.67
C TRP F 260 34.25 -7.03 11.75
N ALA F 261 33.43 -7.53 10.82
CA ALA F 261 33.90 -8.49 9.81
C ALA F 261 33.47 -7.98 8.45
N MET F 262 34.42 -7.93 7.52
CA MET F 262 34.26 -7.31 6.21
C MET F 262 34.64 -8.32 5.14
N CYS F 263 33.92 -8.30 4.03
CA CYS F 263 34.30 -9.11 2.89
C CYS F 263 33.65 -8.51 1.66
N GLY F 264 34.06 -8.96 0.51
CA GLY F 264 33.59 -8.36 -0.74
C GLY F 264 34.55 -8.69 -1.85
N GLU F 265 34.51 -7.89 -2.91
CA GLU F 265 35.37 -8.26 -4.03
C GLU F 265 36.75 -7.64 -3.96
N ASN F 266 37.02 -6.78 -2.99
CA ASN F 266 38.36 -6.25 -2.77
C ASN F 266 38.63 -6.17 -1.28
N GLN F 267 39.91 -6.07 -0.94
CA GLN F 267 40.36 -5.81 0.41
C GLN F 267 40.83 -4.36 0.64
N THR F 268 40.59 -3.46 -0.33
CA THR F 268 41.09 -2.07 -0.27
C THR F 268 40.32 -1.24 0.75
N TYR F 269 41.02 -0.72 1.76
CA TYR F 269 40.37 0.10 2.78
C TYR F 269 40.12 1.53 2.33
N ASP F 270 40.90 2.01 1.36
CA ASP F 270 40.73 3.36 0.82
C ASP F 270 39.65 3.46 -0.24
N ASP F 271 39.01 2.34 -0.63
CA ASP F 271 37.89 2.42 -1.56
C ASP F 271 36.62 2.52 -0.73
N MET F 272 36.17 3.75 -0.55
CA MET F 272 34.96 4.04 0.18
C MET F 272 34.57 5.45 -0.21
N ASP F 273 33.30 5.75 -0.05
CA ASP F 273 32.81 7.11 -0.21
C ASP F 273 32.51 7.60 1.20
N GLN F 274 33.36 8.50 1.71
CA GLN F 274 33.07 9.11 2.99
C GLN F 274 31.78 9.93 2.87
N VAL F 275 30.89 9.79 3.84
CA VAL F 275 29.70 10.63 3.88
C VAL F 275 30.01 11.79 4.83
N ALA F 276 30.09 12.99 4.25
CA ALA F 276 30.41 14.19 5.00
C ALA F 276 29.34 14.38 6.05
N MET F 277 29.63 15.20 7.06
CA MET F 277 28.74 15.10 8.21
C MET F 277 27.48 15.88 7.85
N ASN F 278 26.50 15.09 7.40
CA ASN F 278 25.13 15.38 7.05
C ASN F 278 24.44 14.03 6.99
N GLU F 279 23.12 14.01 7.16
CA GLU F 279 22.37 12.75 7.12
C GLU F 279 20.85 12.97 7.06
ZN ZN G . -10.85 -14.80 -27.34
O1 MES H . -12.03 -17.65 -30.59
C2 MES H . -10.68 -17.51 -30.14
C3 MES H . -10.22 -18.68 -29.27
N4 MES H . -10.46 -19.87 -30.08
C5 MES H . -11.69 -20.02 -30.85
C6 MES H . -12.61 -18.93 -30.35
C7 MES H . -9.60 -21.03 -29.89
C8 MES H . -8.42 -20.79 -30.83
S MES H . -7.59 -22.21 -31.04
O1S MES H . -8.57 -23.33 -31.09
O2S MES H . -6.62 -22.42 -29.94
O3S MES H . -6.85 -22.11 -32.32
ZN ZN I . -32.03 -1.10 -7.64
O1 MES J . -36.29 0.03 -8.79
C2 MES J . -35.71 1.29 -9.17
C3 MES J . -36.67 2.45 -8.96
N4 MES J . -37.17 2.36 -7.60
C5 MES J . -36.84 1.23 -6.75
C6 MES J . -37.18 0.06 -7.67
C7 MES J . -38.34 3.14 -7.26
C8 MES J . -38.01 3.84 -5.95
S MES J . -38.14 5.46 -6.30
O1S MES J . -37.03 6.22 -5.66
O2S MES J . -39.41 5.96 -5.73
O3S MES J . -38.15 5.63 -7.78
ZN ZN K . -18.33 24.00 13.76
O1 MES L . -21.74 26.48 16.03
C2 MES L . -22.83 26.05 16.86
C3 MES L . -23.27 24.65 16.44
N4 MES L . -23.66 24.74 15.04
C5 MES L . -23.41 25.95 14.28
C6 MES L . -22.03 26.52 14.64
C7 MES L . -24.65 23.79 14.53
C8 MES L . -26.02 24.45 14.71
S MES L . -27.11 24.03 13.51
O1S MES L . -28.36 24.81 13.69
O2S MES L . -27.44 22.58 13.55
O3S MES L . -26.55 24.36 12.17
ZN ZN M . 9.09 15.46 28.03
ZN ZN N . 20.35 -23.63 -11.99
ZN ZN O . 32.92 -0.29 6.21
O1 MES P . 36.90 -0.26 8.11
C2 MES P . 36.58 -1.36 8.96
C3 MES P . 35.77 -0.94 10.17
N4 MES P . 36.44 0.19 10.81
C5 MES P . 36.84 1.32 9.96
C6 MES P . 37.65 0.73 8.82
C7 MES P . 35.98 0.47 12.17
C8 MES P . 36.31 1.94 12.47
S MES P . 36.58 2.15 14.10
O1S MES P . 35.39 2.79 14.70
O2S MES P . 36.86 0.85 14.75
O3S MES P . 37.75 3.04 14.28
#